data_8JQM
#
_entry.id   8JQM
#
_cell.length_a   1.00
_cell.length_b   1.00
_cell.length_c   1.00
_cell.angle_alpha   90.00
_cell.angle_beta   90.00
_cell.angle_gamma   90.00
#
_symmetry.space_group_name_H-M   'P 1'
#
loop_
_entity.id
_entity.type
_entity.pdbx_description
1 polymer '4F10 Fab Heavy Chain'
2 polymer '4F10 Fab Light Chain'
3 polymer 'Non-structural protein 1'
#
loop_
_entity_poly.entity_id
_entity_poly.type
_entity_poly.pdbx_seq_one_letter_code
_entity_poly.pdbx_strand_id
1 'polypeptide(L)'
;EVQLLESGPGLVKPSQTLSLTCTVSGGSISSGGYYWSWIRQHPGKGLEWIGYIYYSGSTYYNPSLKSRVAMSVDTSKNQF
SLTLSSVTAADTAVYYCARAIDNFYDNSIWGQGTLVTVSS
;
H,M
2 'polypeptide(L)'
;DIQMTQSPSSLSASVGDRVTIACRASQSITNFLNWYQQKPGKAPKLLIYAVSNLQSGVPSRFSGSGSGTDFTLTISSVRP
EDFATYFCQQSYSPPYTFGQGTKVDIKR
;
L,N
3 'polypeptide(L)'
;HHHHHHGCSVDFSKKETRCGTGVFVYNDVEAWRDRYKYHPDSPRRLAAAVKQAWEDGICGISSVSRMENIMWRSVEGELN
AILEENGVQLTVVVGSVKNPMWRGPQRLPVPVNELPHGWKAWGKSYFVRAAKTNNSFVVDGDTLKECPLKHRAWNSFLVE
DHGFGVFHTSVWLKVREDYSLECDPAVIGTAVKGKEAVHSDLGYWIESEKNDTWRLKRAHLIEMKTCEWPKSHTLWTDGI
EESDLIIPKSLAGPLSHHNTREGYRTQMKGPWHSEELEIRFEECPGTKVHVEETCGTRGPSLRSTTASGRVIEEWCCREC
TMPPLSFRAKDGCWYGMEIRPRKEPESNLVRSMVTAGS
;
A,B,b,a
#
# COMPACT_ATOMS: atom_id res chain seq x y z
N GLU A 1 -24.77 -8.49 -24.51
CA GLU A 1 -25.10 -7.88 -25.79
C GLU A 1 -24.15 -8.35 -26.88
N VAL A 2 -23.61 -9.55 -26.72
CA VAL A 2 -22.66 -10.10 -27.67
C VAL A 2 -23.41 -10.74 -28.83
N GLN A 3 -22.94 -10.49 -30.04
CA GLN A 3 -23.48 -11.08 -31.26
C GLN A 3 -22.40 -11.88 -31.97
N LEU A 4 -22.78 -13.05 -32.47
CA LEU A 4 -21.89 -13.91 -33.24
C LEU A 4 -22.40 -14.00 -34.66
N LEU A 5 -21.52 -13.78 -35.62
CA LEU A 5 -21.88 -13.78 -37.03
C LEU A 5 -20.91 -14.69 -37.78
N GLU A 6 -21.42 -15.81 -38.27
CA GLU A 6 -20.62 -16.74 -39.07
C GLU A 6 -20.90 -16.55 -40.54
N SER A 7 -19.90 -16.85 -41.35
CA SER A 7 -19.98 -16.69 -42.80
C SER A 7 -19.16 -17.78 -43.47
N GLY A 8 -19.07 -17.72 -44.79
CA GLY A 8 -18.30 -18.68 -45.55
C GLY A 8 -18.89 -18.93 -46.91
N PRO A 9 -18.31 -19.88 -47.65
CA PRO A 9 -18.86 -20.21 -48.98
C PRO A 9 -20.24 -20.83 -48.88
N GLY A 10 -21.04 -20.59 -49.90
CA GLY A 10 -22.36 -21.19 -49.96
C GLY A 10 -22.37 -22.59 -50.55
N LEU A 11 -21.36 -22.91 -51.35
CA LEU A 11 -21.32 -24.20 -52.03
C LEU A 11 -19.87 -24.63 -52.20
N VAL A 12 -19.62 -25.92 -51.97
CA VAL A 12 -18.26 -26.47 -51.98
C VAL A 12 -18.23 -27.68 -52.90
N LYS A 13 -17.27 -27.69 -53.82
CA LYS A 13 -17.06 -28.86 -54.66
C LYS A 13 -16.48 -30.00 -53.83
N PRO A 14 -16.82 -31.25 -54.13
CA PRO A 14 -16.29 -32.37 -53.34
C PRO A 14 -14.78 -32.45 -53.43
N SER A 15 -14.18 -32.97 -52.37
CA SER A 15 -12.73 -33.19 -52.21
C SER A 15 -11.95 -31.90 -52.03
N GLN A 16 -12.61 -30.75 -51.87
CA GLN A 16 -11.92 -29.53 -51.50
C GLN A 16 -12.10 -29.27 -50.01
N THR A 17 -11.64 -28.11 -49.55
CA THR A 17 -11.58 -27.78 -48.13
C THR A 17 -12.67 -26.79 -47.78
N LEU A 18 -13.38 -27.05 -46.68
CA LEU A 18 -14.40 -26.15 -46.16
C LEU A 18 -13.78 -25.20 -45.14
N SER A 19 -14.02 -23.90 -45.32
CA SER A 19 -13.50 -22.87 -44.43
C SER A 19 -14.63 -21.95 -44.00
N LEU A 20 -14.73 -21.70 -42.69
CA LEU A 20 -15.75 -20.82 -42.14
C LEU A 20 -15.10 -19.85 -41.15
N THR A 21 -15.76 -18.71 -40.95
CA THR A 21 -15.28 -17.69 -40.03
C THR A 21 -16.46 -17.14 -39.24
N CYS A 22 -16.28 -17.01 -37.93
CA CYS A 22 -17.26 -16.41 -37.04
C CYS A 22 -16.68 -15.11 -36.48
N THR A 23 -17.44 -14.03 -36.61
CA THR A 23 -17.00 -12.70 -36.19
C THR A 23 -17.75 -12.29 -34.94
N VAL A 24 -17.02 -11.84 -33.92
CA VAL A 24 -17.56 -11.58 -32.60
C VAL A 24 -17.73 -10.07 -32.42
N SER A 25 -18.95 -9.66 -32.07
CA SER A 25 -19.28 -8.26 -31.84
C SER A 25 -19.83 -8.11 -30.43
N GLY A 26 -19.55 -6.95 -29.82
CA GLY A 26 -19.97 -6.70 -28.46
C GLY A 26 -19.08 -7.27 -27.39
N GLY A 27 -18.00 -7.92 -27.76
CA GLY A 27 -17.06 -8.46 -26.81
C GLY A 27 -15.71 -8.63 -27.46
N SER A 28 -14.87 -9.43 -26.81
CA SER A 28 -13.53 -9.73 -27.32
C SER A 28 -13.30 -11.23 -27.27
N ILE A 29 -12.48 -11.71 -28.19
CA ILE A 29 -12.18 -13.12 -28.30
C ILE A 29 -10.93 -13.49 -27.47
N SER A 30 -10.47 -12.58 -26.62
CA SER A 30 -9.36 -12.86 -25.72
C SER A 30 -9.74 -12.82 -24.25
N SER A 31 -11.02 -12.69 -23.92
CA SER A 31 -11.45 -12.72 -22.53
C SER A 31 -11.22 -14.12 -21.95
N GLY A 32 -10.83 -14.15 -20.67
CA GLY A 32 -10.39 -15.39 -20.06
C GLY A 32 -11.47 -16.44 -19.91
N GLY A 33 -12.64 -16.05 -19.46
CA GLY A 33 -13.61 -17.02 -19.00
C GLY A 33 -14.58 -17.57 -20.05
N TYR A 34 -14.08 -17.84 -21.25
CA TYR A 34 -14.92 -18.34 -22.33
C TYR A 34 -14.13 -19.32 -23.19
N TYR A 35 -14.87 -20.12 -23.95
CA TYR A 35 -14.29 -20.92 -25.03
C TYR A 35 -15.31 -20.99 -26.15
N TRP A 36 -14.84 -21.37 -27.33
CA TRP A 36 -15.57 -21.21 -28.58
C TRP A 36 -15.70 -22.54 -29.29
N SER A 37 -16.90 -22.83 -29.81
CA SER A 37 -17.21 -24.13 -30.37
C SER A 37 -17.94 -23.97 -31.69
N TRP A 38 -18.01 -25.08 -32.43
CA TRP A 38 -18.76 -25.18 -33.67
C TRP A 38 -19.74 -26.34 -33.56
N ILE A 39 -20.96 -26.15 -34.06
CA ILE A 39 -22.00 -27.18 -34.07
C ILE A 39 -22.64 -27.18 -35.45
N ARG A 40 -22.94 -28.36 -35.98
CA ARG A 40 -23.61 -28.48 -37.26
C ARG A 40 -24.87 -29.32 -37.11
N GLN A 41 -25.87 -28.99 -37.94
CA GLN A 41 -27.17 -29.66 -37.92
C GLN A 41 -27.48 -30.18 -39.32
N HIS A 42 -27.51 -31.50 -39.46
CA HIS A 42 -27.82 -32.10 -40.74
C HIS A 42 -29.30 -31.85 -41.09
N PRO A 43 -29.61 -31.61 -42.36
CA PRO A 43 -31.02 -31.39 -42.75
C PRO A 43 -31.87 -32.62 -42.45
N GLY A 44 -32.92 -32.41 -41.65
CA GLY A 44 -33.79 -33.49 -41.23
C GLY A 44 -33.25 -34.36 -40.12
N LYS A 45 -31.94 -34.39 -39.92
CA LYS A 45 -31.31 -35.20 -38.89
C LYS A 45 -31.08 -34.35 -37.64
N GLY A 46 -30.32 -34.89 -36.69
CA GLY A 46 -30.08 -34.20 -35.44
C GLY A 46 -28.82 -33.37 -35.42
N LEU A 47 -28.67 -32.61 -34.34
CA LEU A 47 -27.50 -31.77 -34.13
C LEU A 47 -26.25 -32.62 -33.89
N GLU A 48 -25.10 -32.05 -34.23
CA GLU A 48 -23.82 -32.73 -34.02
C GLU A 48 -22.77 -31.73 -33.56
N TRP A 49 -22.05 -32.09 -32.51
CA TRP A 49 -21.01 -31.26 -31.92
C TRP A 49 -19.65 -31.55 -32.55
N ILE A 50 -18.90 -30.50 -32.86
CA ILE A 50 -17.64 -30.61 -33.59
C ILE A 50 -16.43 -30.53 -32.65
N GLY A 51 -16.37 -29.49 -31.83
CA GLY A 51 -15.27 -29.33 -30.90
C GLY A 51 -15.22 -27.90 -30.39
N TYR A 52 -14.26 -27.66 -29.50
CA TYR A 52 -14.06 -26.35 -28.93
C TYR A 52 -12.59 -25.93 -29.02
N ILE A 53 -12.32 -24.68 -28.67
CA ILE A 53 -10.97 -24.16 -28.64
C ILE A 53 -10.90 -23.02 -27.62
N TYR A 54 -9.82 -22.97 -26.87
CA TYR A 54 -9.53 -21.88 -25.95
C TYR A 54 -8.60 -20.88 -26.62
N TYR A 55 -8.59 -19.65 -26.09
CA TYR A 55 -7.64 -18.67 -26.59
C TYR A 55 -6.21 -19.05 -26.23
N SER A 56 -6.01 -19.79 -25.14
CA SER A 56 -4.69 -20.25 -24.77
C SER A 56 -4.13 -21.24 -25.78
N GLY A 57 -4.97 -22.15 -26.27
CA GLY A 57 -4.54 -23.07 -27.30
C GLY A 57 -5.11 -24.47 -27.17
N SER A 58 -5.60 -24.81 -25.99
CA SER A 58 -6.19 -26.12 -25.75
C SER A 58 -7.41 -26.31 -26.63
N THR A 59 -7.52 -27.48 -27.27
CA THR A 59 -8.61 -27.79 -28.16
C THR A 59 -9.17 -29.18 -27.86
N TYR A 60 -10.35 -29.45 -28.39
CA TYR A 60 -10.90 -30.79 -28.46
C TYR A 60 -11.62 -30.97 -29.78
N TYR A 61 -11.44 -32.12 -30.42
CA TYR A 61 -12.09 -32.44 -31.68
C TYR A 61 -12.85 -33.75 -31.55
N ASN A 62 -14.02 -33.79 -32.17
CA ASN A 62 -14.84 -35.00 -32.17
C ASN A 62 -14.11 -36.12 -32.90
N PRO A 63 -13.98 -37.31 -32.31
CA PRO A 63 -13.38 -38.44 -33.05
C PRO A 63 -14.19 -38.85 -34.28
N SER A 64 -15.46 -38.44 -34.37
CA SER A 64 -16.25 -38.75 -35.56
C SER A 64 -15.66 -38.11 -36.80
N LEU A 65 -15.15 -36.88 -36.67
CA LEU A 65 -14.40 -36.25 -37.74
C LEU A 65 -12.96 -36.73 -37.61
N LYS A 66 -12.59 -37.71 -38.42
CA LYS A 66 -11.32 -38.41 -38.26
C LYS A 66 -10.18 -37.50 -38.70
N SER A 67 -9.61 -36.75 -37.75
CA SER A 67 -8.43 -35.91 -37.97
C SER A 67 -8.59 -35.03 -39.20
N ARG A 68 -9.77 -34.44 -39.35
CA ARG A 68 -10.09 -33.64 -40.51
C ARG A 68 -10.42 -32.19 -40.19
N VAL A 69 -10.45 -31.81 -38.92
CA VAL A 69 -10.87 -30.47 -38.53
C VAL A 69 -9.68 -29.71 -37.96
N ALA A 70 -9.80 -28.39 -37.97
CA ALA A 70 -8.78 -27.51 -37.42
C ALA A 70 -9.43 -26.18 -37.05
N MET A 71 -9.08 -25.65 -35.89
CA MET A 71 -9.65 -24.41 -35.40
C MET A 71 -8.53 -23.44 -35.06
N SER A 72 -8.79 -22.14 -35.28
CA SER A 72 -7.80 -21.13 -35.00
C SER A 72 -8.48 -19.87 -34.49
N VAL A 73 -7.71 -19.03 -33.82
CA VAL A 73 -8.19 -17.77 -33.28
C VAL A 73 -7.36 -16.64 -33.87
N ASP A 74 -8.03 -15.62 -34.39
CA ASP A 74 -7.38 -14.45 -34.98
C ASP A 74 -7.77 -13.23 -34.14
N THR A 75 -6.83 -12.72 -33.36
CA THR A 75 -7.13 -11.60 -32.47
C THR A 75 -7.25 -10.28 -33.23
N SER A 76 -6.48 -10.11 -34.31
CA SER A 76 -6.48 -8.83 -35.01
C SER A 76 -7.84 -8.51 -35.60
N LYS A 77 -8.51 -9.50 -36.20
CA LYS A 77 -9.85 -9.32 -36.74
C LYS A 77 -10.93 -9.67 -35.73
N ASN A 78 -10.57 -10.14 -34.54
CA ASN A 78 -11.52 -10.55 -33.51
C ASN A 78 -12.46 -11.64 -34.02
N GLN A 79 -11.87 -12.77 -34.38
CA GLN A 79 -12.63 -13.85 -35.00
C GLN A 79 -11.91 -15.18 -34.76
N PHE A 80 -12.67 -16.26 -34.91
CA PHE A 80 -12.12 -17.61 -34.90
C PHE A 80 -12.74 -18.39 -36.05
N SER A 81 -12.02 -19.41 -36.51
CA SER A 81 -12.32 -20.04 -37.79
C SER A 81 -12.34 -21.56 -37.67
N LEU A 82 -12.94 -22.20 -38.67
CA LEU A 82 -13.05 -23.65 -38.76
C LEU A 82 -12.57 -24.10 -40.13
N THR A 83 -11.92 -25.26 -40.18
CA THR A 83 -11.36 -25.79 -41.42
C THR A 83 -11.62 -27.28 -41.47
N LEU A 84 -12.38 -27.72 -42.47
CA LEU A 84 -12.75 -29.12 -42.64
C LEU A 84 -12.33 -29.57 -44.03
N SER A 85 -11.44 -30.54 -44.11
CA SER A 85 -10.84 -30.97 -45.37
C SER A 85 -11.47 -32.26 -45.87
N SER A 86 -11.33 -32.50 -47.17
CA SER A 86 -11.78 -33.72 -47.84
C SER A 86 -13.29 -33.92 -47.65
N VAL A 87 -14.04 -32.94 -48.16
CA VAL A 87 -15.48 -32.94 -47.95
C VAL A 87 -16.15 -34.01 -48.80
N THR A 88 -17.37 -34.36 -48.41
CA THR A 88 -18.18 -35.33 -49.13
C THR A 88 -19.62 -34.82 -49.09
N ALA A 89 -20.51 -35.47 -49.84
CA ALA A 89 -21.91 -35.08 -49.89
C ALA A 89 -22.61 -35.30 -48.55
N ALA A 90 -21.88 -35.81 -47.56
CA ALA A 90 -22.41 -36.04 -46.22
C ALA A 90 -22.15 -34.88 -45.27
N ASP A 91 -21.50 -33.81 -45.74
CA ASP A 91 -21.19 -32.65 -44.92
C ASP A 91 -22.20 -31.52 -45.08
N THR A 92 -23.25 -31.72 -45.87
CA THR A 92 -24.27 -30.70 -46.05
C THR A 92 -25.02 -30.50 -44.73
N ALA A 93 -25.02 -29.26 -44.23
CA ALA A 93 -25.63 -28.96 -42.95
C ALA A 93 -25.64 -27.45 -42.75
N VAL A 94 -26.30 -27.02 -41.68
CA VAL A 94 -26.18 -25.67 -41.15
C VAL A 94 -25.08 -25.67 -40.09
N TYR A 95 -24.26 -24.63 -40.08
CA TYR A 95 -23.12 -24.54 -39.17
C TYR A 95 -23.29 -23.35 -38.23
N TYR A 96 -23.21 -23.60 -36.92
CA TYR A 96 -23.33 -22.57 -35.90
C TYR A 96 -22.02 -22.43 -35.14
N CYS A 97 -21.65 -21.21 -34.82
CA CYS A 97 -20.58 -20.92 -33.86
C CYS A 97 -21.19 -20.50 -32.54
N ALA A 98 -20.58 -20.93 -31.44
CA ALA A 98 -21.10 -20.65 -30.11
C ALA A 98 -19.98 -20.19 -29.19
N ARG A 99 -20.38 -19.45 -28.15
CA ARG A 99 -19.48 -19.02 -27.09
C ARG A 99 -20.03 -19.53 -25.77
N ALA A 100 -19.21 -20.27 -25.03
CA ALA A 100 -19.63 -20.88 -23.78
C ALA A 100 -18.86 -20.29 -22.60
N ILE A 101 -19.51 -20.28 -21.45
CA ILE A 101 -18.90 -19.83 -20.20
C ILE A 101 -18.08 -20.98 -19.62
N ASP A 102 -16.83 -20.70 -19.27
CA ASP A 102 -15.97 -21.71 -18.68
C ASP A 102 -16.48 -22.14 -17.32
N ASN A 103 -16.57 -23.46 -17.11
CA ASN A 103 -17.00 -24.07 -15.84
C ASN A 103 -18.44 -23.74 -15.48
N PHE A 104 -19.29 -23.56 -16.48
CA PHE A 104 -20.69 -23.29 -16.22
C PHE A 104 -21.48 -24.24 -17.08
N TYR A 105 -21.16 -25.53 -16.98
CA TYR A 105 -21.82 -26.54 -17.80
C TYR A 105 -21.57 -26.24 -19.27
N ASP A 106 -22.59 -25.77 -19.97
CA ASP A 106 -22.40 -25.39 -21.36
C ASP A 106 -23.24 -24.17 -21.69
N ASN A 107 -23.46 -23.31 -20.71
CA ASN A 107 -24.20 -22.08 -20.96
C ASN A 107 -23.57 -21.39 -22.14
N SER A 108 -24.26 -21.39 -23.28
CA SER A 108 -23.67 -20.82 -24.48
C SER A 108 -24.60 -19.94 -25.28
N ILE A 109 -24.04 -19.06 -26.11
CA ILE A 109 -24.86 -18.24 -26.97
C ILE A 109 -24.50 -18.65 -28.39
N TRP A 110 -25.48 -19.03 -29.19
CA TRP A 110 -25.18 -19.53 -30.52
C TRP A 110 -25.32 -18.43 -31.57
N GLY A 111 -24.75 -18.70 -32.74
CA GLY A 111 -24.88 -17.81 -33.88
C GLY A 111 -26.06 -18.19 -34.76
N GLN A 112 -26.25 -17.40 -35.82
CA GLN A 112 -27.43 -17.54 -36.66
C GLN A 112 -27.40 -18.77 -37.58
N GLY A 113 -26.22 -19.24 -37.95
CA GLY A 113 -26.15 -20.41 -38.81
C GLY A 113 -25.92 -20.05 -40.27
N THR A 114 -25.16 -20.91 -40.95
CA THR A 114 -24.91 -20.77 -42.38
C THR A 114 -25.06 -22.13 -43.04
N LEU A 115 -25.71 -22.14 -44.20
CA LEU A 115 -25.95 -23.36 -44.95
C LEU A 115 -24.81 -23.63 -45.91
N VAL A 116 -24.31 -24.86 -45.92
CA VAL A 116 -23.23 -25.29 -46.80
C VAL A 116 -23.70 -26.50 -47.59
N THR A 117 -23.59 -26.42 -48.91
CA THR A 117 -24.00 -27.50 -49.80
C THR A 117 -22.77 -28.06 -50.51
N VAL A 118 -22.65 -29.37 -50.54
CA VAL A 118 -21.55 -30.05 -51.21
C VAL A 118 -22.12 -30.75 -52.43
N SER A 119 -21.95 -30.13 -53.60
CA SER A 119 -22.49 -30.65 -54.84
C SER A 119 -21.71 -30.04 -56.00
N SER A 120 -22.20 -30.26 -57.22
CA SER A 120 -21.59 -29.69 -58.41
C SER A 120 -22.65 -29.36 -59.46
N ASP B 1 -20.05 -40.36 -27.62
CA ASP B 1 -19.85 -41.68 -27.04
C ASP B 1 -20.96 -42.02 -26.05
N ILE B 2 -21.56 -40.99 -25.45
CA ILE B 2 -22.69 -41.15 -24.55
C ILE B 2 -23.95 -40.91 -25.36
N GLN B 3 -24.71 -41.98 -25.60
CA GLN B 3 -25.91 -41.88 -26.42
C GLN B 3 -27.08 -41.39 -25.58
N MET B 4 -27.84 -40.45 -26.14
CA MET B 4 -28.93 -39.80 -25.44
C MET B 4 -30.22 -40.14 -26.18
N THR B 5 -31.23 -40.61 -25.44
CA THR B 5 -32.48 -41.06 -26.03
C THR B 5 -33.63 -40.19 -25.54
N GLN B 6 -34.41 -39.67 -26.48
CA GLN B 6 -35.51 -38.77 -26.19
C GLN B 6 -36.82 -39.40 -26.64
N SER B 7 -37.81 -39.40 -25.75
CA SER B 7 -39.10 -40.00 -26.02
C SER B 7 -40.17 -39.25 -25.24
N PRO B 8 -41.36 -39.03 -25.82
CA PRO B 8 -41.77 -39.44 -27.17
C PRO B 8 -41.19 -38.57 -28.28
N SER B 9 -41.17 -39.09 -29.50
CA SER B 9 -40.54 -38.36 -30.61
C SER B 9 -41.34 -37.15 -31.02
N SER B 10 -42.66 -37.16 -30.83
CA SER B 10 -43.50 -36.02 -31.15
C SER B 10 -44.80 -36.14 -30.37
N LEU B 11 -45.50 -35.01 -30.25
CA LEU B 11 -46.75 -35.00 -29.50
C LEU B 11 -47.55 -33.76 -29.87
N SER B 12 -48.87 -33.88 -29.78
CA SER B 12 -49.79 -32.77 -29.95
C SER B 12 -50.48 -32.48 -28.63
N ALA B 13 -50.71 -31.20 -28.34
CA ALA B 13 -51.32 -30.81 -27.08
C ALA B 13 -52.17 -29.57 -27.29
N SER B 14 -53.15 -29.40 -26.42
CA SER B 14 -54.04 -28.26 -26.46
C SER B 14 -53.53 -27.14 -25.56
N VAL B 15 -53.97 -25.92 -25.86
CA VAL B 15 -53.48 -24.73 -25.15
C VAL B 15 -54.04 -24.73 -23.73
N GLY B 16 -53.20 -25.08 -22.77
CA GLY B 16 -53.61 -25.13 -21.38
C GLY B 16 -53.24 -26.42 -20.68
N ASP B 17 -53.05 -27.48 -21.44
CA ASP B 17 -52.74 -28.80 -20.88
C ASP B 17 -51.25 -28.89 -20.57
N ARG B 18 -50.76 -30.10 -20.27
CA ARG B 18 -49.38 -30.32 -19.89
C ARG B 18 -48.65 -31.16 -20.92
N VAL B 19 -47.40 -30.78 -21.22
CA VAL B 19 -46.52 -31.52 -22.09
C VAL B 19 -45.35 -32.02 -21.26
N THR B 20 -45.02 -33.31 -21.40
CA THR B 20 -43.92 -33.92 -20.68
C THR B 20 -43.01 -34.66 -21.66
N ILE B 21 -41.72 -34.38 -21.58
CA ILE B 21 -40.72 -35.01 -22.44
C ILE B 21 -39.65 -35.63 -21.57
N ALA B 22 -39.24 -36.85 -21.91
CA ALA B 22 -38.26 -37.60 -21.15
C ALA B 22 -36.98 -37.80 -21.97
N CYS B 23 -35.83 -37.64 -21.31
CA CYS B 23 -34.53 -37.91 -21.90
C CYS B 23 -33.84 -38.97 -21.06
N ARG B 24 -33.24 -39.96 -21.71
CA ARG B 24 -32.55 -41.06 -21.04
C ARG B 24 -31.12 -41.16 -21.55
N ALA B 25 -30.18 -41.34 -20.64
CA ALA B 25 -28.76 -41.41 -20.95
C ALA B 25 -28.25 -42.84 -20.80
N SER B 26 -27.33 -43.24 -21.68
CA SER B 26 -26.77 -44.58 -21.67
C SER B 26 -25.84 -44.84 -20.49
N GLN B 27 -25.47 -43.81 -19.73
CA GLN B 27 -24.70 -43.97 -18.51
C GLN B 27 -25.07 -42.83 -17.57
N SER B 28 -24.70 -43.00 -16.30
CA SER B 28 -25.06 -42.04 -15.27
C SER B 28 -24.35 -40.72 -15.50
N ILE B 29 -25.11 -39.68 -15.85
CA ILE B 29 -24.63 -38.30 -15.85
C ILE B 29 -25.31 -37.62 -14.66
N THR B 30 -24.52 -37.07 -13.75
CA THR B 30 -25.06 -36.67 -12.45
C THR B 30 -26.12 -35.58 -12.57
N ASN B 31 -25.71 -34.37 -12.93
CA ASN B 31 -26.66 -33.29 -13.16
C ASN B 31 -26.23 -32.42 -14.33
N PHE B 32 -25.49 -32.98 -15.27
CA PHE B 32 -24.96 -32.24 -16.41
C PHE B 32 -25.89 -32.39 -17.62
N LEU B 33 -27.11 -31.88 -17.48
CA LEU B 33 -28.10 -31.95 -18.54
C LEU B 33 -28.65 -30.57 -18.84
N ASN B 34 -28.80 -30.26 -20.13
CA ASN B 34 -29.36 -29.01 -20.59
C ASN B 34 -30.52 -29.29 -21.53
N TRP B 35 -31.42 -28.32 -21.65
CA TRP B 35 -32.58 -28.40 -22.54
C TRP B 35 -32.53 -27.23 -23.52
N TYR B 36 -32.90 -27.49 -24.76
CA TYR B 36 -32.85 -26.49 -25.82
C TYR B 36 -34.20 -26.39 -26.51
N GLN B 37 -34.44 -25.24 -27.14
CA GLN B 37 -35.65 -25.00 -27.89
C GLN B 37 -35.28 -24.41 -29.25
N GLN B 38 -35.89 -24.91 -30.32
CA GLN B 38 -35.62 -24.42 -31.66
C GLN B 38 -36.94 -24.19 -32.39
N LYS B 39 -37.23 -22.92 -32.72
CA LYS B 39 -38.30 -22.58 -33.63
C LYS B 39 -37.77 -22.61 -35.06
N PRO B 40 -38.64 -22.83 -36.05
CA PRO B 40 -38.15 -22.97 -37.43
C PRO B 40 -37.39 -21.74 -37.90
N GLY B 41 -36.27 -21.99 -38.58
CA GLY B 41 -35.45 -20.91 -39.11
C GLY B 41 -34.71 -20.08 -38.09
N LYS B 42 -34.51 -20.60 -36.88
CA LYS B 42 -33.80 -19.88 -35.84
C LYS B 42 -32.86 -20.83 -35.11
N ALA B 43 -31.79 -20.26 -34.57
CA ALA B 43 -30.81 -21.06 -33.84
C ALA B 43 -31.43 -21.64 -32.57
N PRO B 44 -30.97 -22.81 -32.14
CA PRO B 44 -31.44 -23.36 -30.86
C PRO B 44 -31.08 -22.43 -29.72
N LYS B 45 -31.98 -22.34 -28.74
CA LYS B 45 -31.81 -21.44 -27.61
C LYS B 45 -31.91 -22.24 -26.31
N LEU B 46 -31.02 -21.91 -25.37
CA LEU B 46 -30.92 -22.64 -24.12
C LEU B 46 -32.02 -22.21 -23.16
N LEU B 47 -32.89 -23.13 -22.78
CA LEU B 47 -33.95 -22.80 -21.83
C LEU B 47 -33.55 -23.13 -20.41
N ILE B 48 -33.19 -24.39 -20.17
CA ILE B 48 -32.83 -24.82 -18.83
C ILE B 48 -31.44 -25.42 -18.81
N TYR B 49 -30.63 -25.07 -17.81
CA TYR B 49 -29.32 -25.68 -17.68
C TYR B 49 -29.20 -26.40 -16.35
N ALA B 50 -28.27 -27.35 -16.26
CA ALA B 50 -28.09 -28.12 -15.03
C ALA B 50 -29.40 -28.73 -14.56
N VAL B 51 -30.10 -29.44 -15.45
CA VAL B 51 -31.34 -30.13 -15.09
C VAL B 51 -32.52 -29.22 -14.74
N SER B 52 -32.34 -28.32 -13.78
CA SER B 52 -33.44 -27.48 -13.33
C SER B 52 -33.21 -25.98 -13.55
N ASN B 53 -32.08 -25.47 -13.06
CA ASN B 53 -31.78 -24.04 -13.19
C ASN B 53 -32.31 -23.47 -14.49
N LEU B 54 -33.16 -22.46 -14.40
CA LEU B 54 -33.75 -21.87 -15.59
C LEU B 54 -33.03 -20.60 -16.02
N GLN B 55 -32.91 -20.39 -17.33
CA GLN B 55 -32.26 -19.18 -17.84
C GLN B 55 -33.14 -17.96 -17.59
N SER B 56 -32.49 -16.81 -17.45
CA SER B 56 -33.22 -15.56 -17.25
C SER B 56 -33.97 -15.17 -18.53
N GLY B 57 -35.17 -14.65 -18.35
CA GLY B 57 -36.03 -14.35 -19.49
C GLY B 57 -36.82 -15.52 -20.01
N VAL B 58 -36.94 -16.59 -19.24
CA VAL B 58 -37.67 -17.79 -19.65
C VAL B 58 -38.86 -17.95 -18.71
N PRO B 59 -40.07 -18.17 -19.23
CA PRO B 59 -41.25 -18.22 -18.37
C PRO B 59 -41.17 -19.36 -17.36
N SER B 60 -41.79 -19.14 -16.20
CA SER B 60 -41.72 -20.08 -15.09
C SER B 60 -42.51 -21.35 -15.33
N ARG B 61 -43.33 -21.41 -16.39
CA ARG B 61 -44.09 -22.62 -16.64
C ARG B 61 -43.21 -23.78 -17.12
N PHE B 62 -42.00 -23.49 -17.61
CA PHE B 62 -41.03 -24.54 -17.90
C PHE B 62 -40.37 -25.00 -16.62
N SER B 63 -40.12 -26.30 -16.53
CA SER B 63 -39.46 -26.86 -15.35
C SER B 63 -38.75 -28.15 -15.75
N GLY B 64 -37.78 -28.54 -14.94
CA GLY B 64 -37.03 -29.76 -15.18
C GLY B 64 -36.69 -30.45 -13.88
N SER B 65 -36.59 -31.77 -13.97
CA SER B 65 -36.26 -32.60 -12.81
C SER B 65 -35.63 -33.88 -13.29
N GLY B 66 -35.00 -34.59 -12.35
CA GLY B 66 -34.33 -35.85 -12.63
C GLY B 66 -32.92 -35.88 -12.08
N SER B 67 -32.32 -37.06 -12.20
CA SER B 67 -30.94 -37.30 -11.79
C SER B 67 -30.53 -38.69 -12.25
N GLY B 68 -29.23 -38.88 -12.44
CA GLY B 68 -28.72 -40.18 -12.82
C GLY B 68 -28.82 -40.45 -14.31
N THR B 69 -29.83 -41.20 -14.71
CA THR B 69 -30.02 -41.56 -16.12
C THR B 69 -31.34 -41.09 -16.71
N ASP B 70 -32.32 -40.72 -15.90
CA ASP B 70 -33.64 -40.31 -16.38
C ASP B 70 -33.89 -38.85 -16.07
N PHE B 71 -34.55 -38.16 -17.01
CA PHE B 71 -34.78 -36.72 -16.88
C PHE B 71 -36.12 -36.36 -17.52
N THR B 72 -36.64 -35.19 -17.15
CA THR B 72 -37.97 -34.79 -17.56
C THR B 72 -38.03 -33.27 -17.75
N LEU B 73 -38.75 -32.84 -18.78
CA LEU B 73 -39.11 -31.44 -18.98
C LEU B 73 -40.62 -31.35 -19.11
N THR B 74 -41.25 -30.51 -18.29
CA THR B 74 -42.70 -30.37 -18.29
C THR B 74 -43.10 -28.92 -18.54
N ILE B 75 -44.12 -28.74 -19.37
CA ILE B 75 -44.75 -27.44 -19.60
C ILE B 75 -46.10 -27.49 -18.91
N SER B 76 -46.22 -26.79 -17.78
CA SER B 76 -47.39 -26.93 -16.92
C SER B 76 -48.66 -26.40 -17.58
N SER B 77 -48.54 -25.42 -18.47
CA SER B 77 -49.72 -24.88 -19.16
C SER B 77 -49.27 -24.43 -20.54
N VAL B 78 -49.59 -25.23 -21.57
CA VAL B 78 -49.12 -24.94 -22.91
C VAL B 78 -49.72 -23.64 -23.42
N ARG B 79 -48.87 -22.83 -24.03
CA ARG B 79 -49.20 -21.57 -24.68
C ARG B 79 -49.02 -21.69 -26.19
N PRO B 80 -49.63 -20.79 -26.97
CA PRO B 80 -49.44 -20.86 -28.43
C PRO B 80 -48.00 -20.76 -28.88
N GLU B 81 -47.18 -19.94 -28.21
CA GLU B 81 -45.81 -19.71 -28.64
C GLU B 81 -44.88 -20.87 -28.32
N ASP B 82 -45.40 -21.99 -27.82
CA ASP B 82 -44.59 -23.14 -27.43
C ASP B 82 -44.48 -24.17 -28.55
N PHE B 83 -44.79 -23.80 -29.79
CA PHE B 83 -44.62 -24.68 -30.93
C PHE B 83 -43.17 -24.59 -31.40
N ALA B 84 -42.40 -25.64 -31.15
CA ALA B 84 -40.98 -25.66 -31.49
C ALA B 84 -40.47 -27.09 -31.31
N THR B 85 -39.17 -27.26 -31.49
CA THR B 85 -38.48 -28.53 -31.26
C THR B 85 -37.60 -28.42 -30.02
N TYR B 86 -37.63 -29.45 -29.19
CA TYR B 86 -36.94 -29.45 -27.91
C TYR B 86 -35.88 -30.55 -27.91
N PHE B 87 -34.66 -30.20 -27.49
CA PHE B 87 -33.55 -31.12 -27.43
C PHE B 87 -33.02 -31.20 -26.00
N CYS B 88 -32.41 -32.33 -25.67
CA CYS B 88 -31.71 -32.53 -24.41
C CYS B 88 -30.22 -32.72 -24.70
N GLN B 89 -29.38 -31.99 -23.98
CA GLN B 89 -27.93 -32.06 -24.12
C GLN B 89 -27.27 -32.51 -22.83
N GLN B 90 -26.30 -33.40 -22.95
CA GLN B 90 -25.42 -33.74 -21.84
C GLN B 90 -24.07 -33.06 -22.04
N SER B 91 -23.47 -32.62 -20.96
CA SER B 91 -22.13 -32.06 -20.96
C SER B 91 -21.29 -32.70 -19.86
N TYR B 92 -21.52 -33.98 -19.62
CA TYR B 92 -20.78 -34.72 -18.60
C TYR B 92 -19.37 -35.02 -19.06
N SER B 93 -19.20 -35.38 -20.33
CA SER B 93 -17.92 -35.75 -20.89
C SER B 93 -17.94 -35.43 -22.38
N PRO B 94 -16.88 -34.82 -22.91
CA PRO B 94 -16.83 -34.57 -24.35
C PRO B 94 -16.63 -35.86 -25.11
N PRO B 95 -17.16 -35.96 -26.34
CA PRO B 95 -17.92 -34.91 -27.04
C PRO B 95 -19.34 -34.76 -26.51
N TYR B 96 -19.84 -33.54 -26.50
CA TYR B 96 -21.22 -33.29 -26.07
C TYR B 96 -22.18 -33.84 -27.11
N THR B 97 -23.30 -34.39 -26.64
CA THR B 97 -24.25 -35.06 -27.52
C THR B 97 -25.66 -34.55 -27.26
N PHE B 98 -26.48 -34.61 -28.30
CA PHE B 98 -27.86 -34.16 -28.26
C PHE B 98 -28.79 -35.33 -28.50
N GLY B 99 -30.03 -35.20 -28.03
CA GLY B 99 -31.07 -36.13 -28.41
C GLY B 99 -31.59 -35.83 -29.80
N GLN B 100 -32.43 -36.73 -30.31
CA GLN B 100 -32.96 -36.58 -31.66
C GLN B 100 -34.03 -35.51 -31.75
N GLY B 101 -34.55 -35.02 -30.63
CA GLY B 101 -35.50 -33.93 -30.65
C GLY B 101 -36.93 -34.39 -30.53
N THR B 102 -37.78 -33.52 -29.98
CA THR B 102 -39.21 -33.79 -29.81
C THR B 102 -39.98 -32.58 -30.30
N LYS B 103 -40.80 -32.78 -31.33
CA LYS B 103 -41.62 -31.70 -31.88
C LYS B 103 -42.94 -31.66 -31.12
N VAL B 104 -43.26 -30.49 -30.56
CA VAL B 104 -44.49 -30.28 -29.81
C VAL B 104 -45.43 -29.47 -30.69
N ASP B 105 -46.53 -30.09 -31.10
CA ASP B 105 -47.53 -29.44 -31.96
C ASP B 105 -48.66 -28.89 -31.10
N ILE B 106 -49.03 -27.65 -31.35
CA ILE B 106 -50.17 -27.04 -30.66
C ILE B 106 -51.45 -27.52 -31.35
N LYS B 107 -52.32 -28.15 -30.58
CA LYS B 107 -53.54 -28.76 -31.10
C LYS B 107 -54.74 -27.91 -30.74
N ARG B 108 -55.48 -27.45 -31.74
CA ARG B 108 -56.65 -26.63 -31.52
C ARG B 108 -57.88 -27.49 -31.28
N HIS C 5 21.29 0.84 8.02
CA HIS C 5 19.81 0.70 8.05
C HIS C 5 19.35 0.32 9.45
N HIS C 6 18.70 1.24 10.17
CA HIS C 6 18.23 0.98 11.55
C HIS C 6 16.79 0.48 11.49
N GLY C 7 16.49 -0.65 12.15
CA GLY C 7 15.13 -1.23 12.06
C GLY C 7 14.68 -1.97 13.29
N CYS C 8 13.38 -1.97 13.57
CA CYS C 8 12.80 -2.71 14.68
C CYS C 8 11.74 -3.64 14.12
N SER C 9 11.68 -4.86 14.67
CA SER C 9 10.71 -5.84 14.22
C SER C 9 10.06 -6.50 15.44
N VAL C 10 8.84 -7.00 15.24
CA VAL C 10 8.07 -7.61 16.31
C VAL C 10 7.46 -8.90 15.78
N ASP C 11 7.42 -9.91 16.64
CA ASP C 11 6.76 -11.19 16.35
C ASP C 11 5.57 -11.32 17.28
N PHE C 12 4.37 -11.09 16.75
CA PHE C 12 3.19 -11.04 17.60
C PHE C 12 2.76 -12.42 18.06
N SER C 13 3.42 -13.47 17.57
CA SER C 13 3.04 -14.84 17.94
C SER C 13 3.11 -15.03 19.45
N LYS C 14 4.31 -14.99 20.03
CA LYS C 14 4.35 -14.93 21.49
C LYS C 14 4.60 -13.52 21.99
N LYS C 15 5.85 -13.08 21.95
CA LYS C 15 6.31 -11.69 22.11
C LYS C 15 7.79 -11.62 21.73
N GLU C 16 8.16 -10.90 20.66
CA GLU C 16 9.59 -10.76 20.33
C GLU C 16 9.80 -9.41 19.65
N THR C 17 10.20 -8.41 20.45
CA THR C 17 10.54 -7.09 19.92
C THR C 17 12.06 -6.94 19.93
N ARG C 18 12.61 -6.52 18.81
CA ARG C 18 14.05 -6.47 18.60
C ARG C 18 14.39 -5.26 17.72
N CYS C 19 15.50 -4.59 18.03
CA CYS C 19 15.97 -3.44 17.26
C CYS C 19 17.47 -3.54 16.99
N GLY C 20 17.91 -2.89 15.93
CA GLY C 20 19.32 -2.87 15.58
C GLY C 20 19.51 -2.49 14.13
N THR C 21 20.71 -2.78 13.63
CA THR C 21 21.08 -2.55 12.24
C THR C 21 21.25 -3.88 11.52
N GLY C 22 21.31 -3.82 10.20
CA GLY C 22 21.57 -5.00 9.40
C GLY C 22 20.88 -4.91 8.06
N VAL C 23 20.70 -6.07 7.45
CA VAL C 23 20.15 -6.21 6.11
C VAL C 23 18.71 -6.71 6.23
N PHE C 24 17.77 -5.98 5.65
CA PHE C 24 16.35 -6.30 5.73
C PHE C 24 15.81 -6.60 4.35
N VAL C 25 15.15 -7.75 4.21
CA VAL C 25 14.53 -8.16 2.95
C VAL C 25 13.03 -8.13 3.14
N TYR C 26 12.35 -7.25 2.40
CA TYR C 26 10.92 -7.06 2.50
C TYR C 26 10.19 -7.74 1.35
N ASN C 27 8.90 -7.99 1.57
CA ASN C 27 8.03 -8.57 0.55
C ASN C 27 7.54 -7.46 -0.36
N ASP C 28 8.25 -7.24 -1.47
CA ASP C 28 8.00 -6.13 -2.37
C ASP C 28 7.19 -6.54 -3.59
N VAL C 29 6.48 -7.67 -3.54
CA VAL C 29 5.78 -8.17 -4.71
C VAL C 29 4.66 -7.19 -5.10
N GLU C 30 4.49 -7.01 -6.41
CA GLU C 30 3.54 -6.07 -7.01
C GLU C 30 3.93 -4.62 -6.77
N ALA C 31 5.21 -4.31 -6.89
CA ALA C 31 5.68 -2.92 -6.80
C ALA C 31 5.72 -2.26 -8.17
N TRP C 32 4.61 -2.37 -8.90
CA TRP C 32 4.47 -1.70 -10.19
C TRP C 32 3.17 -0.92 -10.20
N ARG C 33 2.19 -1.38 -9.43
CA ARG C 33 0.93 -0.69 -9.26
C ARG C 33 0.98 0.39 -8.18
N ASP C 34 2.18 0.81 -7.79
CA ASP C 34 2.35 1.92 -6.85
C ASP C 34 2.86 3.15 -7.59
N ARG C 35 2.83 4.30 -6.91
CA ARG C 35 3.18 5.58 -7.49
C ARG C 35 4.68 5.79 -7.36
N TYR C 36 5.37 5.86 -8.50
CA TYR C 36 6.81 6.13 -8.54
C TYR C 36 7.11 7.04 -9.73
N LYS C 37 8.25 7.72 -9.66
CA LYS C 37 8.75 8.53 -10.75
C LYS C 37 9.91 7.79 -11.42
N TYR C 38 9.85 7.66 -12.74
CA TYR C 38 10.82 6.88 -13.50
C TYR C 38 11.70 7.82 -14.32
N HIS C 39 13.01 7.59 -14.26
CA HIS C 39 14.01 8.41 -14.93
C HIS C 39 14.95 7.54 -15.74
N PRO C 40 14.60 7.24 -16.99
CA PRO C 40 15.61 6.68 -17.91
C PRO C 40 16.71 7.70 -18.15
N ASP C 41 17.74 7.34 -18.94
CA ASP C 41 18.97 8.14 -19.00
C ASP C 41 18.71 9.64 -19.04
N SER C 42 18.06 10.10 -20.08
CA SER C 42 17.76 11.50 -20.31
C SER C 42 16.84 11.56 -21.51
N PRO C 43 15.91 12.51 -21.57
CA PRO C 43 14.97 12.54 -22.71
C PRO C 43 15.67 12.58 -24.06
N ARG C 44 16.72 13.39 -24.17
CA ARG C 44 17.45 13.49 -25.44
C ARG C 44 18.24 12.22 -25.72
N ARG C 45 18.91 11.67 -24.70
CA ARG C 45 19.70 10.46 -24.88
C ARG C 45 18.81 9.26 -25.23
N LEU C 46 17.68 9.12 -24.53
CA LEU C 46 16.77 8.01 -24.84
C LEU C 46 16.12 8.18 -26.21
N ALA C 47 15.77 9.41 -26.58
CA ALA C 47 15.24 9.64 -27.93
C ALA C 47 16.28 9.29 -28.99
N ALA C 48 17.53 9.66 -28.76
CA ALA C 48 18.60 9.30 -29.70
C ALA C 48 18.76 7.80 -29.80
N ALA C 49 18.69 7.09 -28.67
CA ALA C 49 18.81 5.64 -28.68
C ALA C 49 17.66 5.01 -29.47
N VAL C 50 16.44 5.49 -29.28
CA VAL C 50 15.29 4.94 -30.00
C VAL C 50 15.42 5.22 -31.50
N LYS C 51 15.86 6.42 -31.86
CA LYS C 51 16.04 6.75 -33.28
C LYS C 51 17.09 5.86 -33.93
N GLN C 52 18.23 5.66 -33.25
CA GLN C 52 19.27 4.79 -33.79
C GLN C 52 18.79 3.35 -33.92
N ALA C 53 18.08 2.85 -32.91
CA ALA C 53 17.54 1.50 -32.98
C ALA C 53 16.56 1.35 -34.14
N TRP C 54 15.70 2.35 -34.35
CA TRP C 54 14.75 2.28 -35.45
C TRP C 54 15.47 2.26 -36.79
N GLU C 55 16.49 3.11 -36.94
CA GLU C 55 17.23 3.12 -38.20
C GLU C 55 18.08 1.88 -38.40
N ASP C 56 18.37 1.13 -37.33
CA ASP C 56 19.20 -0.07 -37.43
C ASP C 56 18.39 -1.36 -37.57
N GLY C 57 17.07 -1.28 -37.66
CA GLY C 57 16.25 -2.45 -37.91
C GLY C 57 15.51 -3.04 -36.73
N ILE C 58 15.54 -2.39 -35.57
CA ILE C 58 14.80 -2.85 -34.40
C ILE C 58 13.41 -2.23 -34.44
N CYS C 59 12.38 -3.09 -34.41
CA CYS C 59 11.02 -2.59 -34.58
C CYS C 59 10.41 -2.15 -33.25
N GLY C 60 10.62 -2.93 -32.20
CA GLY C 60 9.95 -2.66 -30.95
C GLY C 60 10.68 -3.24 -29.76
N ILE C 61 9.93 -3.39 -28.66
CA ILE C 61 10.48 -3.79 -27.37
C ILE C 61 9.61 -4.88 -26.77
N SER C 62 10.24 -5.94 -26.29
N SER C 62 10.25 -5.94 -26.28
CA SER C 62 9.59 -6.93 -25.43
CA SER C 62 9.63 -6.95 -25.43
C SER C 62 10.15 -6.75 -24.03
C SER C 62 10.16 -6.75 -24.02
N SER C 63 9.28 -6.38 -23.09
CA SER C 63 9.73 -6.01 -21.74
C SER C 63 10.09 -7.23 -20.90
N VAL C 64 11.07 -7.04 -20.02
N VAL C 64 11.07 -7.04 -20.02
CA VAL C 64 11.46 -8.11 -19.10
CA VAL C 64 11.46 -8.11 -19.10
C VAL C 64 10.39 -8.32 -18.03
C VAL C 64 10.39 -8.32 -18.03
N SER C 65 9.86 -7.24 -17.49
CA SER C 65 8.94 -7.32 -16.35
C SER C 65 7.82 -6.29 -16.49
N ARG C 66 6.98 -6.23 -15.47
CA ARG C 66 5.91 -5.24 -15.40
C ARG C 66 6.45 -3.83 -15.15
N MET C 67 7.55 -3.73 -14.41
CA MET C 67 8.08 -2.43 -14.02
C MET C 67 8.58 -1.66 -15.23
N GLU C 68 9.24 -2.34 -16.17
CA GLU C 68 9.66 -1.68 -17.41
C GLU C 68 8.45 -1.22 -18.22
N ASN C 69 7.40 -2.03 -18.25
CA ASN C 69 6.18 -1.64 -18.95
C ASN C 69 5.60 -0.36 -18.36
N ILE C 70 5.54 -0.28 -17.02
CA ILE C 70 5.02 0.92 -16.38
C ILE C 70 5.92 2.12 -16.64
N MET C 71 7.23 1.90 -16.67
N MET C 71 7.23 1.90 -16.67
CA MET C 71 8.16 2.99 -16.99
CA MET C 71 8.17 2.98 -16.99
C MET C 71 7.93 3.54 -18.39
C MET C 71 7.93 3.54 -18.39
N TRP C 72 7.71 2.66 -19.36
CA TRP C 72 7.41 3.12 -20.72
C TRP C 72 6.09 3.87 -20.76
N ARG C 73 5.08 3.37 -20.05
CA ARG C 73 3.81 4.11 -19.94
C ARG C 73 4.04 5.50 -19.41
N SER C 74 4.91 5.65 -18.40
CA SER C 74 5.16 6.95 -17.81
C SER C 74 5.87 7.88 -18.78
N VAL C 75 6.87 7.39 -19.51
CA VAL C 75 7.70 8.28 -20.31
C VAL C 75 7.22 8.44 -21.75
N GLU C 76 6.12 7.77 -22.13
CA GLU C 76 5.68 7.78 -23.53
C GLU C 76 5.39 9.19 -24.03
N GLY C 77 4.65 9.98 -23.26
CA GLY C 77 4.23 11.29 -23.74
C GLY C 77 5.40 12.23 -24.00
N GLU C 78 6.34 12.30 -23.06
CA GLU C 78 7.50 13.15 -23.25
C GLU C 78 8.40 12.62 -24.36
N LEU C 79 8.54 11.29 -24.46
CA LEU C 79 9.37 10.73 -25.51
C LEU C 79 8.80 11.06 -26.89
N ASN C 80 7.48 11.13 -27.00
CA ASN C 80 6.88 11.52 -28.28
C ASN C 80 6.93 13.02 -28.50
N ALA C 81 6.83 13.82 -27.44
CA ALA C 81 6.93 15.28 -27.59
C ALA C 81 8.32 15.68 -28.06
N ILE C 82 9.36 15.21 -27.40
CA ILE C 82 10.71 15.24 -27.96
C ILE C 82 10.67 14.22 -29.09
N LEU C 83 11.65 14.25 -29.99
CA LEU C 83 11.77 13.37 -31.14
C LEU C 83 10.80 13.77 -32.25
N GLU C 84 9.89 14.71 -32.02
CA GLU C 84 9.31 15.49 -33.10
C GLU C 84 9.84 16.92 -33.11
N GLU C 85 10.30 17.42 -31.98
CA GLU C 85 11.10 18.64 -31.95
C GLU C 85 12.41 18.47 -32.69
N ASN C 86 12.85 17.23 -32.92
CA ASN C 86 14.02 16.93 -33.71
C ASN C 86 13.67 16.44 -35.11
N GLY C 87 12.38 16.49 -35.48
CA GLY C 87 11.95 16.15 -36.83
C GLY C 87 11.85 14.67 -37.13
N VAL C 88 12.05 13.80 -36.16
CA VAL C 88 12.05 12.36 -36.41
C VAL C 88 10.60 11.89 -36.54
N GLN C 89 10.31 11.20 -37.65
CA GLN C 89 8.96 10.73 -37.93
C GLN C 89 8.79 9.35 -37.30
N LEU C 90 8.51 9.35 -35.99
CA LEU C 90 8.41 8.12 -35.23
C LEU C 90 7.48 8.34 -34.05
N THR C 91 6.78 7.28 -33.66
CA THR C 91 5.85 7.33 -32.55
C THR C 91 5.97 6.05 -31.73
N VAL C 92 6.02 6.19 -30.41
CA VAL C 92 6.12 5.06 -29.50
C VAL C 92 4.71 4.73 -29.00
N VAL C 93 4.33 3.46 -29.10
CA VAL C 93 3.02 2.97 -28.66
C VAL C 93 3.25 1.83 -27.68
N VAL C 94 2.60 1.91 -26.52
CA VAL C 94 2.79 0.94 -25.44
C VAL C 94 1.53 0.11 -25.29
N GLY C 95 1.70 -1.20 -25.24
CA GLY C 95 0.59 -2.12 -25.03
C GLY C 95 0.64 -2.79 -23.67
N SER C 96 -0.10 -3.89 -23.53
CA SER C 96 -0.13 -4.63 -22.29
C SER C 96 0.59 -5.97 -22.43
N VAL C 97 1.20 -6.41 -21.34
CA VAL C 97 2.05 -7.59 -21.36
C VAL C 97 1.20 -8.86 -21.39
N LYS C 98 1.81 -9.93 -21.88
CA LYS C 98 1.20 -11.26 -21.95
C LYS C 98 2.17 -12.28 -21.39
N ASN C 99 1.64 -13.31 -20.75
CA ASN C 99 2.56 -14.25 -20.13
C ASN C 99 2.73 -15.50 -20.98
N PRO C 100 3.93 -16.10 -21.03
CA PRO C 100 5.17 -15.56 -20.44
C PRO C 100 5.83 -14.51 -21.32
N MET C 101 6.73 -13.72 -20.74
CA MET C 101 7.38 -12.62 -21.43
C MET C 101 8.60 -13.16 -22.16
N TRP C 102 8.42 -13.47 -23.45
CA TRP C 102 9.44 -14.18 -24.20
C TRP C 102 10.70 -13.33 -24.42
N ARG C 103 11.82 -14.01 -24.51
CA ARG C 103 13.12 -13.37 -24.65
C ARG C 103 13.29 -12.79 -26.06
N GLY C 104 14.00 -11.66 -26.14
CA GLY C 104 14.27 -11.02 -27.40
C GLY C 104 15.75 -11.00 -27.71
N PRO C 105 16.10 -11.13 -29.00
CA PRO C 105 17.52 -11.25 -29.37
C PRO C 105 18.29 -9.95 -29.52
N GLN C 106 17.65 -8.79 -29.54
CA GLN C 106 18.33 -7.53 -29.74
C GLN C 106 18.45 -6.74 -28.45
N ARG C 107 19.23 -5.65 -28.52
CA ARG C 107 19.38 -4.72 -27.41
C ARG C 107 19.32 -3.30 -27.96
N LEU C 108 19.11 -2.35 -27.05
CA LEU C 108 19.14 -0.93 -27.42
C LEU C 108 20.58 -0.43 -27.42
N PRO C 109 21.01 0.28 -28.46
CA PRO C 109 22.39 0.79 -28.48
C PRO C 109 22.56 2.01 -27.59
N VAL C 110 23.79 2.22 -27.16
CA VAL C 110 24.17 3.40 -26.38
C VAL C 110 24.61 4.48 -27.36
N PRO C 111 23.93 5.62 -27.42
CA PRO C 111 24.31 6.66 -28.38
C PRO C 111 25.41 7.57 -27.85
N VAL C 112 26.23 8.10 -28.75
CA VAL C 112 27.35 8.92 -28.32
C VAL C 112 27.11 10.42 -28.52
N ASN C 113 26.03 10.77 -29.20
CA ASN C 113 25.77 12.18 -29.49
C ASN C 113 24.61 12.75 -28.70
N GLU C 114 23.56 11.97 -28.50
CA GLU C 114 22.35 12.47 -27.82
C GLU C 114 21.64 13.50 -28.68
N LEU C 115 20.37 13.27 -28.96
CA LEU C 115 19.60 14.21 -29.78
C LEU C 115 19.73 15.62 -29.26
N PRO C 116 19.79 16.61 -30.16
CA PRO C 116 19.83 18.01 -29.73
C PRO C 116 18.44 18.50 -29.37
N HIS C 117 18.22 19.81 -29.42
CA HIS C 117 16.90 20.35 -29.14
C HIS C 117 16.31 19.77 -27.87
N GLY C 118 15.06 19.32 -27.94
CA GLY C 118 14.40 18.75 -26.77
C GLY C 118 14.62 19.51 -25.49
N TRP C 119 14.70 18.78 -24.38
CA TRP C 119 14.93 19.40 -23.08
C TRP C 119 15.53 18.40 -22.12
N LYS C 120 15.92 18.86 -20.93
CA LYS C 120 16.48 17.97 -19.93
C LYS C 120 15.38 17.49 -18.98
N ALA C 121 15.78 16.75 -17.95
CA ALA C 121 14.94 16.60 -16.76
C ALA C 121 13.56 16.02 -17.03
N TRP C 122 13.46 14.71 -17.25
CA TRP C 122 12.16 14.03 -17.31
C TRP C 122 11.20 14.65 -16.30
N GLY C 123 10.00 14.99 -16.79
CA GLY C 123 8.98 15.56 -15.92
C GLY C 123 8.67 17.00 -16.18
N LYS C 124 8.73 17.42 -17.45
CA LYS C 124 8.33 18.78 -17.81
C LYS C 124 6.84 18.97 -17.60
N SER C 125 6.48 20.10 -16.98
CA SER C 125 5.09 20.32 -16.59
C SER C 125 4.19 20.55 -17.80
N TYR C 126 4.60 21.44 -18.69
CA TYR C 126 3.75 21.86 -19.81
C TYR C 126 4.52 21.70 -21.11
N PHE C 127 3.91 20.99 -22.07
CA PHE C 127 4.46 20.86 -23.40
C PHE C 127 3.32 20.52 -24.35
N VAL C 128 3.55 20.74 -25.64
CA VAL C 128 2.57 20.42 -26.66
C VAL C 128 2.68 18.94 -27.00
N ARG C 129 1.56 18.23 -26.98
CA ARG C 129 1.56 16.82 -27.31
C ARG C 129 1.76 16.63 -28.81
N ALA C 130 2.39 15.51 -29.17
CA ALA C 130 2.82 15.24 -30.53
C ALA C 130 1.71 14.54 -31.30
N ALA C 131 1.58 14.90 -32.58
CA ALA C 131 0.61 14.25 -33.45
C ALA C 131 1.10 12.87 -33.88
N LYS C 132 0.17 11.99 -34.21
CA LYS C 132 0.52 10.63 -34.59
C LYS C 132 1.18 10.60 -35.96
N THR C 133 2.05 9.61 -36.16
CA THR C 133 2.79 9.43 -37.40
C THR C 133 2.44 8.07 -38.02
N ASN C 134 3.17 7.73 -39.08
CA ASN C 134 2.98 6.43 -39.73
C ASN C 134 3.88 5.34 -39.16
N ASN C 135 5.03 5.71 -38.60
CA ASN C 135 5.97 4.74 -38.06
C ASN C 135 5.72 4.57 -36.57
N SER C 136 5.60 3.31 -36.14
CA SER C 136 5.28 2.98 -34.75
C SER C 136 6.40 2.14 -34.16
N PHE C 137 6.83 2.50 -32.96
CA PHE C 137 7.80 1.74 -32.18
C PHE C 137 7.03 1.13 -31.00
N VAL C 138 6.66 -0.14 -31.14
CA VAL C 138 5.67 -0.76 -30.26
C VAL C 138 6.35 -1.41 -29.07
N VAL C 139 5.68 -1.38 -27.92
CA VAL C 139 6.17 -2.00 -26.70
C VAL C 139 5.12 -2.96 -26.14
N ASP C 140 5.24 -4.25 -26.49
CA ASP C 140 4.48 -5.34 -25.87
C ASP C 140 2.96 -5.15 -25.98
N GLY C 141 2.46 -5.21 -27.21
CA GLY C 141 1.04 -5.35 -27.41
C GLY C 141 0.70 -6.62 -28.14
N ASP C 142 -0.53 -6.75 -28.63
CA ASP C 142 -0.89 -7.81 -29.57
C ASP C 142 -0.46 -7.38 -30.97
N THR C 143 0.87 -7.33 -31.14
CA THR C 143 1.47 -6.71 -32.33
C THR C 143 2.52 -7.59 -32.99
N LEU C 144 2.45 -8.92 -32.82
CA LEU C 144 3.47 -9.78 -33.39
C LEU C 144 3.31 -9.98 -34.89
N LYS C 145 2.22 -9.47 -35.48
CA LYS C 145 2.07 -9.54 -36.93
C LYS C 145 2.80 -8.40 -37.62
N GLU C 146 2.74 -7.19 -37.06
CA GLU C 146 3.39 -6.06 -37.71
C GLU C 146 4.90 -6.04 -37.50
N CYS C 147 5.41 -6.75 -36.49
CA CYS C 147 6.83 -7.12 -36.49
C CYS C 147 7.04 -8.27 -35.52
N PRO C 148 7.87 -9.24 -35.88
CA PRO C 148 8.00 -10.47 -35.08
C PRO C 148 8.92 -10.27 -33.88
N LEU C 149 9.02 -11.32 -33.07
CA LEU C 149 9.88 -11.29 -31.90
C LEU C 149 11.35 -11.22 -32.26
N LYS C 150 11.73 -11.68 -33.45
CA LYS C 150 13.13 -11.70 -33.85
C LYS C 150 13.71 -10.31 -34.08
N HIS C 151 12.88 -9.28 -34.14
CA HIS C 151 13.34 -7.91 -34.38
C HIS C 151 13.03 -6.99 -33.21
N ARG C 152 13.04 -7.53 -31.99
CA ARG C 152 12.71 -6.77 -30.80
C ARG C 152 13.88 -6.75 -29.83
N ALA C 153 14.03 -5.64 -29.11
CA ALA C 153 15.04 -5.52 -28.08
C ALA C 153 14.48 -5.97 -26.73
N TRP C 154 15.37 -6.43 -25.86
CA TRP C 154 14.96 -7.08 -24.62
C TRP C 154 16.07 -6.93 -23.58
N ASN C 155 15.69 -6.58 -22.36
CA ASN C 155 16.61 -6.47 -21.22
C ASN C 155 17.74 -5.47 -21.50
N SER C 156 17.34 -4.23 -21.79
CA SER C 156 18.29 -3.19 -22.18
C SER C 156 18.65 -2.23 -21.07
N PHE C 157 17.89 -2.19 -19.97
CA PHE C 157 18.06 -1.18 -18.95
C PHE C 157 18.72 -1.77 -17.70
N LEU C 158 19.20 -0.87 -16.85
CA LEU C 158 19.79 -1.22 -15.57
C LEU C 158 19.35 -0.19 -14.53
N VAL C 159 18.91 -0.66 -13.37
CA VAL C 159 18.48 0.23 -12.29
C VAL C 159 19.71 0.71 -11.53
N GLU C 160 19.80 2.02 -11.33
CA GLU C 160 20.95 2.63 -10.66
C GLU C 160 20.64 3.15 -9.27
N ASP C 161 19.42 3.63 -9.02
CA ASP C 161 19.05 4.20 -7.75
C ASP C 161 17.53 4.13 -7.62
N HIS C 162 17.04 3.64 -6.49
CA HIS C 162 15.61 3.44 -6.33
C HIS C 162 15.23 3.52 -4.85
N GLY C 163 13.95 3.75 -4.62
CA GLY C 163 13.40 3.78 -3.28
C GLY C 163 12.15 2.92 -3.15
N PHE C 164 12.14 1.76 -3.81
CA PHE C 164 10.99 0.88 -3.78
C PHE C 164 10.60 0.53 -2.34
N GLY C 165 9.31 0.61 -2.06
CA GLY C 165 8.78 0.45 -0.71
C GLY C 165 8.39 1.75 -0.06
N VAL C 166 8.89 2.87 -0.56
CA VAL C 166 8.49 4.21 -0.12
C VAL C 166 7.85 4.90 -1.31
N PHE C 167 6.62 5.36 -1.14
CA PHE C 167 5.89 5.98 -2.25
C PHE C 167 6.52 7.29 -2.68
N HIS C 168 6.32 7.63 -3.95
CA HIS C 168 6.71 8.91 -4.53
C HIS C 168 8.22 9.11 -4.55
N THR C 169 8.99 8.02 -4.53
CA THR C 169 10.42 8.08 -4.75
C THR C 169 10.73 7.91 -6.24
N SER C 170 11.92 8.36 -6.63
CA SER C 170 12.35 8.31 -8.01
C SER C 170 13.19 7.07 -8.26
N VAL C 171 13.07 6.50 -9.46
CA VAL C 171 13.85 5.35 -9.88
C VAL C 171 14.69 5.80 -11.08
N TRP C 172 15.99 5.54 -11.01
CA TRP C 172 16.94 6.00 -12.02
C TRP C 172 17.49 4.80 -12.78
N LEU C 173 17.30 4.79 -14.10
CA LEU C 173 17.74 3.69 -14.94
C LEU C 173 18.78 4.18 -15.94
N LYS C 174 19.30 3.24 -16.73
CA LYS C 174 20.39 3.52 -17.65
C LYS C 174 20.41 2.45 -18.73
N VAL C 175 20.66 2.88 -19.97
CA VAL C 175 20.84 1.92 -21.05
C VAL C 175 22.22 1.28 -20.92
N ARG C 176 22.25 -0.04 -20.93
CA ARG C 176 23.47 -0.78 -20.67
C ARG C 176 24.30 -0.96 -21.94
N GLU C 177 25.61 -1.06 -21.76
CA GLU C 177 26.53 -1.21 -22.87
C GLU C 177 26.73 -2.66 -23.29
N ASP C 178 26.53 -3.61 -22.39
CA ASP C 178 26.89 -4.99 -22.62
C ASP C 178 25.69 -5.80 -23.11
N TYR C 179 25.89 -7.10 -23.23
CA TYR C 179 24.86 -8.05 -23.64
C TYR C 179 24.77 -9.14 -22.56
N SER C 180 23.58 -9.31 -21.98
CA SER C 180 23.45 -10.24 -20.88
C SER C 180 22.06 -10.85 -20.88
N LEU C 181 21.95 -12.00 -20.21
CA LEU C 181 20.68 -12.67 -19.97
C LEU C 181 20.22 -12.57 -18.52
N GLU C 182 20.97 -11.88 -17.67
CA GLU C 182 20.69 -11.86 -16.25
C GLU C 182 19.57 -10.89 -15.90
N CYS C 183 18.78 -11.24 -14.91
CA CYS C 183 17.82 -10.30 -14.34
C CYS C 183 18.57 -9.22 -13.54
N ASP C 184 17.94 -8.07 -13.40
CA ASP C 184 18.57 -6.93 -12.74
C ASP C 184 18.74 -7.22 -11.25
N PRO C 185 19.97 -7.23 -10.73
CA PRO C 185 20.18 -7.59 -9.32
C PRO C 185 19.95 -6.47 -8.34
N ALA C 186 19.64 -5.25 -8.80
CA ALA C 186 19.44 -4.13 -7.89
C ALA C 186 18.16 -4.27 -7.07
N VAL C 187 17.22 -5.11 -7.51
CA VAL C 187 15.93 -5.24 -6.82
C VAL C 187 15.71 -6.67 -6.36
N ILE C 188 16.80 -7.40 -6.09
CA ILE C 188 16.73 -8.79 -5.66
C ILE C 188 17.15 -8.87 -4.20
N GLY C 189 16.41 -9.67 -3.42
CA GLY C 189 16.75 -9.91 -2.04
C GLY C 189 16.63 -11.36 -1.65
N THR C 190 17.69 -11.90 -1.05
CA THR C 190 17.74 -13.29 -0.61
C THR C 190 18.18 -13.33 0.84
N ALA C 191 17.55 -14.19 1.64
CA ALA C 191 17.86 -14.26 3.06
C ALA C 191 17.54 -15.64 3.60
N VAL C 192 18.39 -16.14 4.49
CA VAL C 192 18.15 -17.38 5.21
C VAL C 192 18.42 -17.14 6.68
N LYS C 193 17.56 -17.70 7.54
CA LYS C 193 17.67 -17.52 8.97
C LYS C 193 17.18 -18.79 9.64
N GLY C 194 18.10 -19.59 10.16
CA GLY C 194 17.72 -20.83 10.80
C GLY C 194 17.26 -21.90 9.84
N LYS C 195 15.96 -22.16 9.79
CA LYS C 195 15.40 -23.24 8.98
C LYS C 195 14.50 -22.74 7.85
N GLU C 196 14.50 -21.44 7.55
CA GLU C 196 13.67 -20.87 6.50
C GLU C 196 14.49 -19.93 5.63
N ALA C 197 14.14 -19.87 4.35
CA ALA C 197 14.87 -19.04 3.39
C ALA C 197 13.90 -18.40 2.41
N VAL C 198 14.35 -17.31 1.79
CA VAL C 198 13.56 -16.58 0.80
C VAL C 198 14.45 -16.24 -0.39
N HIS C 199 13.91 -16.41 -1.60
CA HIS C 199 14.46 -15.82 -2.81
C HIS C 199 13.37 -14.90 -3.38
N SER C 200 13.65 -13.61 -3.43
CA SER C 200 12.60 -12.65 -3.79
C SER C 200 13.12 -11.60 -4.76
N ASP C 201 12.19 -11.04 -5.52
CA ASP C 201 12.41 -9.84 -6.33
C ASP C 201 11.08 -9.11 -6.42
N LEU C 202 10.95 -8.21 -7.40
CA LEU C 202 9.73 -7.43 -7.53
C LEU C 202 8.54 -8.24 -8.01
N GLY C 203 8.74 -9.46 -8.49
CA GLY C 203 7.63 -10.27 -8.97
C GLY C 203 7.61 -11.68 -8.45
N TYR C 204 8.66 -12.08 -7.74
CA TYR C 204 8.82 -13.45 -7.25
C TYR C 204 8.96 -13.44 -5.73
N TRP C 205 8.23 -14.33 -5.07
CA TRP C 205 8.43 -14.61 -3.65
C TRP C 205 8.45 -16.13 -3.50
N ILE C 206 9.63 -16.68 -3.25
CA ILE C 206 9.87 -18.12 -3.23
C ILE C 206 10.38 -18.52 -1.85
N GLU C 207 9.71 -19.50 -1.24
CA GLU C 207 10.04 -19.93 0.11
C GLU C 207 10.54 -21.37 0.10
N SER C 208 11.51 -21.64 0.97
CA SER C 208 12.00 -22.99 1.20
C SER C 208 12.17 -23.19 2.70
N GLU C 209 12.05 -24.44 3.14
CA GLU C 209 12.11 -24.76 4.56
C GLU C 209 13.03 -25.95 4.78
N LYS C 210 13.59 -26.02 5.98
CA LYS C 210 14.48 -27.11 6.37
C LYS C 210 13.62 -28.24 6.92
N ASN C 211 13.36 -29.23 6.08
CA ASN C 211 12.83 -30.52 6.51
C ASN C 211 14.02 -31.43 6.77
N ASP C 212 13.82 -32.75 6.80
CA ASP C 212 14.95 -33.68 6.79
C ASP C 212 15.99 -33.28 5.74
N THR C 213 15.54 -32.71 4.62
CA THR C 213 16.41 -32.07 3.64
C THR C 213 15.84 -30.70 3.28
N TRP C 214 16.66 -29.87 2.66
CA TRP C 214 16.18 -28.58 2.18
C TRP C 214 15.33 -28.78 0.94
N ARG C 215 14.16 -28.15 0.92
CA ARG C 215 13.21 -28.35 -0.17
C ARG C 215 12.38 -27.10 -0.38
N LEU C 216 11.78 -27.00 -1.57
CA LEU C 216 10.86 -25.91 -1.87
C LEU C 216 9.59 -26.05 -1.04
N LYS C 217 9.10 -24.91 -0.53
CA LYS C 217 7.90 -24.88 0.29
C LYS C 217 6.70 -24.30 -0.46
N ARG C 218 6.82 -23.08 -0.98
CA ARG C 218 5.76 -22.49 -1.78
C ARG C 218 6.34 -21.29 -2.54
N ALA C 219 5.65 -20.90 -3.60
CA ALA C 219 6.11 -19.81 -4.44
C ALA C 219 4.91 -18.99 -4.92
N HIS C 220 5.09 -17.67 -4.92
CA HIS C 220 4.08 -16.74 -5.40
C HIS C 220 4.65 -15.94 -6.56
N LEU C 221 4.09 -16.13 -7.75
CA LEU C 221 4.56 -15.45 -8.95
C LEU C 221 3.45 -14.57 -9.49
N ILE C 222 3.77 -13.31 -9.78
CA ILE C 222 2.85 -12.40 -10.45
C ILE C 222 3.24 -12.13 -11.89
N GLU C 223 4.39 -12.61 -12.34
CA GLU C 223 4.83 -12.49 -13.72
C GLU C 223 5.68 -13.70 -14.05
N MET C 224 5.85 -13.95 -15.35
CA MET C 224 6.64 -15.09 -15.81
C MET C 224 7.79 -14.53 -16.65
N LYS C 225 8.91 -14.23 -15.99
CA LYS C 225 10.09 -13.70 -16.64
C LYS C 225 10.91 -14.81 -17.29
N THR C 226 11.72 -14.43 -18.27
CA THR C 226 12.58 -15.36 -18.97
C THR C 226 14.06 -14.97 -18.88
N CYS C 227 14.41 -14.10 -17.94
CA CYS C 227 15.81 -13.79 -17.69
C CYS C 227 16.42 -14.88 -16.81
N GLU C 228 17.66 -14.70 -16.40
CA GLU C 228 18.37 -15.68 -15.58
C GLU C 228 18.65 -15.12 -14.20
N TRP C 229 18.40 -15.92 -13.18
CA TRP C 229 18.67 -15.52 -11.81
C TRP C 229 20.17 -15.48 -11.57
N PRO C 230 20.74 -14.36 -11.14
CA PRO C 230 22.18 -14.30 -10.91
C PRO C 230 22.62 -15.18 -9.75
N LYS C 231 23.83 -15.70 -9.85
CA LYS C 231 24.37 -16.60 -8.85
C LYS C 231 24.91 -15.88 -7.62
N SER C 232 25.28 -14.61 -7.75
CA SER C 232 25.69 -13.83 -6.58
C SER C 232 24.58 -13.66 -5.58
N HIS C 233 23.33 -13.77 -6.02
CA HIS C 233 22.16 -13.61 -5.16
C HIS C 233 21.44 -14.93 -4.92
N THR C 234 22.18 -16.04 -4.91
CA THR C 234 21.62 -17.38 -4.81
C THR C 234 22.34 -18.17 -3.73
N LEU C 235 21.59 -18.99 -3.01
CA LEU C 235 22.12 -19.82 -1.93
C LEU C 235 22.38 -21.24 -2.45
N TRP C 236 23.57 -21.76 -2.16
CA TRP C 236 23.92 -23.17 -2.40
C TRP C 236 23.76 -23.54 -3.89
N THR C 237 24.62 -22.92 -4.70
CA THR C 237 24.54 -23.03 -6.15
C THR C 237 25.43 -24.14 -6.72
N ASP C 238 26.09 -24.93 -5.88
CA ASP C 238 27.04 -25.92 -6.35
C ASP C 238 26.47 -27.33 -6.24
N GLY C 239 26.92 -28.19 -7.15
CA GLY C 239 26.44 -29.57 -7.17
C GLY C 239 24.96 -29.69 -7.46
N ILE C 240 24.42 -28.80 -8.27
CA ILE C 240 23.00 -28.78 -8.59
C ILE C 240 22.84 -28.93 -10.10
N GLU C 241 21.94 -29.82 -10.49
CA GLU C 241 21.68 -30.13 -11.89
C GLU C 241 20.39 -29.46 -12.34
N GLU C 242 20.40 -28.97 -13.58
CA GLU C 242 19.28 -28.20 -14.10
C GLU C 242 18.03 -29.05 -14.32
N SER C 243 18.17 -30.37 -14.41
CA SER C 243 17.03 -31.23 -14.66
C SER C 243 16.16 -31.45 -13.44
N ASP C 244 16.65 -31.11 -12.24
CA ASP C 244 15.92 -31.39 -11.02
C ASP C 244 15.48 -30.14 -10.27
N LEU C 245 15.53 -28.96 -10.89
CA LEU C 245 14.88 -27.80 -10.33
C LEU C 245 13.36 -27.96 -10.45
N ILE C 246 12.63 -27.07 -9.78
CA ILE C 246 11.17 -27.08 -9.90
C ILE C 246 10.75 -25.99 -10.88
N ILE C 247 11.07 -24.75 -10.56
CA ILE C 247 10.87 -23.64 -11.49
C ILE C 247 11.99 -23.68 -12.51
N PRO C 248 11.68 -23.78 -13.80
CA PRO C 248 12.73 -23.96 -14.80
C PRO C 248 13.70 -22.79 -14.83
N LYS C 249 14.95 -23.09 -15.18
CA LYS C 249 15.98 -22.06 -15.24
C LYS C 249 15.64 -20.99 -16.26
N SER C 250 15.04 -21.38 -17.38
CA SER C 250 14.65 -20.44 -18.42
C SER C 250 13.47 -19.55 -18.02
N LEU C 251 12.81 -19.84 -16.91
CA LEU C 251 11.78 -18.97 -16.35
C LEU C 251 12.29 -18.24 -15.11
N ALA C 252 13.57 -17.85 -15.13
CA ALA C 252 14.20 -17.12 -14.03
C ALA C 252 14.13 -17.86 -12.71
N GLY C 253 14.19 -19.19 -12.76
CA GLY C 253 14.28 -19.99 -11.56
C GLY C 253 15.69 -20.02 -11.01
N PRO C 254 15.83 -19.87 -9.70
CA PRO C 254 17.17 -19.92 -9.09
C PRO C 254 17.82 -21.28 -9.24
N LEU C 255 19.14 -21.27 -9.40
CA LEU C 255 19.94 -22.49 -9.53
C LEU C 255 20.45 -22.88 -8.16
N SER C 256 19.53 -23.43 -7.35
CA SER C 256 19.80 -23.68 -5.95
C SER C 256 19.22 -25.01 -5.53
N HIS C 257 19.83 -25.61 -4.51
CA HIS C 257 19.23 -26.76 -3.84
C HIS C 257 17.96 -26.41 -3.11
N HIS C 258 17.69 -25.12 -2.88
CA HIS C 258 16.43 -24.67 -2.30
C HIS C 258 15.29 -24.68 -3.29
N ASN C 259 15.58 -24.92 -4.57
CA ASN C 259 14.59 -24.95 -5.65
C ASN C 259 14.30 -26.39 -6.09
N THR C 260 14.23 -27.32 -5.13
CA THR C 260 14.11 -28.74 -5.42
C THR C 260 13.03 -29.35 -4.53
N ARG C 261 12.61 -30.56 -4.89
CA ARG C 261 11.66 -31.33 -4.10
C ARG C 261 11.73 -32.79 -4.55
N GLU C 262 11.72 -33.71 -3.58
CA GLU C 262 11.96 -35.11 -3.88
C GLU C 262 10.84 -35.71 -4.73
N GLY C 263 11.23 -36.39 -5.81
CA GLY C 263 10.29 -37.04 -6.67
C GLY C 263 9.78 -36.21 -7.83
N TYR C 264 10.19 -34.95 -7.94
CA TYR C 264 9.72 -34.06 -8.99
C TYR C 264 10.90 -33.56 -9.81
N ARG C 265 10.66 -33.39 -11.11
CA ARG C 265 11.64 -32.84 -12.04
C ARG C 265 11.20 -31.45 -12.47
N THR C 266 11.92 -30.86 -13.41
CA THR C 266 11.63 -29.50 -13.84
C THR C 266 10.30 -29.44 -14.58
N GLN C 267 9.50 -28.43 -14.23
CA GLN C 267 8.14 -28.30 -14.75
C GLN C 267 8.15 -27.45 -16.02
N MET C 268 8.62 -28.06 -17.10
CA MET C 268 8.77 -27.35 -18.35
C MET C 268 7.42 -27.00 -18.97
N LYS C 269 6.39 -27.80 -18.70
CA LYS C 269 5.11 -27.63 -19.38
C LYS C 269 3.97 -27.34 -18.40
N GLY C 270 4.20 -26.42 -17.47
CA GLY C 270 3.15 -25.97 -16.59
C GLY C 270 2.28 -24.91 -17.23
N PRO C 271 1.32 -24.42 -16.46
CA PRO C 271 0.38 -23.39 -16.97
C PRO C 271 1.00 -21.99 -16.92
N TRP C 272 2.05 -21.79 -17.69
CA TRP C 272 2.81 -20.54 -17.65
C TRP C 272 2.12 -19.41 -18.42
N HIS C 273 0.93 -19.64 -18.97
CA HIS C 273 0.16 -18.60 -19.63
C HIS C 273 -0.68 -17.77 -18.67
N SER C 274 -0.74 -18.15 -17.40
CA SER C 274 -1.60 -17.47 -16.43
C SER C 274 -1.04 -16.10 -16.07
N GLU C 275 -1.94 -15.22 -15.66
CA GLU C 275 -1.53 -13.88 -15.22
C GLU C 275 -0.81 -13.94 -13.88
N GLU C 276 -1.28 -14.78 -12.97
CA GLU C 276 -0.80 -14.84 -11.61
C GLU C 276 -0.90 -16.28 -11.12
N LEU C 277 0.15 -16.75 -10.45
CA LEU C 277 0.23 -18.13 -10.02
C LEU C 277 0.66 -18.22 -8.56
N GLU C 278 0.24 -19.31 -7.93
CA GLU C 278 0.76 -19.75 -6.64
C GLU C 278 1.11 -21.21 -6.75
N ILE C 279 2.26 -21.59 -6.20
CA ILE C 279 2.74 -22.97 -6.23
C ILE C 279 2.64 -23.53 -4.83
N ARG C 280 1.85 -24.60 -4.68
CA ARG C 280 1.62 -25.21 -3.38
C ARG C 280 1.74 -26.71 -3.50
N PHE C 281 2.07 -27.35 -2.37
CA PHE C 281 2.13 -28.80 -2.28
C PHE C 281 0.94 -29.23 -1.42
N GLU C 282 -0.20 -29.42 -2.06
CA GLU C 282 -1.46 -29.69 -1.37
C GLU C 282 -2.49 -30.16 -2.39
N GLU C 283 -3.33 -31.09 -1.98
CA GLU C 283 -4.38 -31.61 -2.85
C GLU C 283 -5.44 -30.55 -3.11
N CYS C 284 -5.89 -30.47 -4.35
CA CYS C 284 -7.00 -29.60 -4.70
C CYS C 284 -8.34 -30.18 -4.24
N PRO C 285 -9.36 -29.33 -4.10
CA PRO C 285 -10.65 -29.81 -3.59
C PRO C 285 -11.24 -30.91 -4.46
N GLY C 286 -11.79 -31.93 -3.79
CA GLY C 286 -12.46 -33.01 -4.47
C GLY C 286 -11.56 -33.98 -5.19
N THR C 287 -10.26 -33.94 -4.97
CA THR C 287 -9.32 -34.83 -5.64
C THR C 287 -8.46 -35.55 -4.62
N LYS C 288 -8.01 -36.75 -4.99
CA LYS C 288 -7.08 -37.52 -4.19
C LYS C 288 -6.06 -38.15 -5.12
N VAL C 289 -4.82 -38.26 -4.66
CA VAL C 289 -3.71 -38.73 -5.46
C VAL C 289 -3.12 -39.97 -4.80
N HIS C 290 -2.89 -41.01 -5.60
CA HIS C 290 -2.37 -42.29 -5.12
C HIS C 290 -1.09 -42.62 -5.87
N VAL C 291 -0.09 -43.11 -5.14
CA VAL C 291 1.20 -43.49 -5.72
C VAL C 291 1.11 -44.95 -6.15
N GLU C 292 1.39 -45.20 -7.43
CA GLU C 292 1.37 -46.55 -7.97
C GLU C 292 2.12 -46.59 -9.28
N GLU C 293 2.72 -47.75 -9.58
CA GLU C 293 3.57 -47.88 -10.75
C GLU C 293 2.79 -47.94 -12.06
N THR C 294 1.58 -48.51 -12.05
CA THR C 294 0.83 -48.68 -13.28
C THR C 294 0.34 -47.36 -13.89
N CYS C 295 0.65 -46.23 -13.29
CA CYS C 295 0.18 -44.95 -13.78
C CYS C 295 1.02 -44.50 -14.98
N GLY C 296 0.52 -43.49 -15.68
CA GLY C 296 1.15 -43.02 -16.89
C GLY C 296 2.41 -42.21 -16.63
N THR C 297 3.03 -41.78 -17.73
CA THR C 297 4.28 -41.03 -17.69
C THR C 297 4.00 -39.55 -17.51
N ARG C 298 5.05 -38.73 -17.58
CA ARG C 298 4.89 -37.29 -17.51
C ARG C 298 4.30 -36.75 -18.81
N GLY C 299 3.69 -35.57 -18.71
CA GLY C 299 3.12 -34.89 -19.84
C GLY C 299 2.78 -33.47 -19.49
N PRO C 300 2.00 -32.79 -20.33
CA PRO C 300 1.58 -31.43 -20.01
C PRO C 300 0.73 -31.38 -18.76
N SER C 301 0.81 -30.26 -18.05
CA SER C 301 0.01 -30.05 -16.86
C SER C 301 -1.47 -30.05 -17.20
N LEU C 302 -2.28 -30.62 -16.32
CA LEU C 302 -3.70 -30.81 -16.55
C LEU C 302 -4.53 -30.09 -15.50
N ARG C 303 -5.64 -29.52 -15.93
CA ARG C 303 -6.57 -28.87 -15.01
C ARG C 303 -7.43 -29.89 -14.29
N SER C 304 -7.75 -29.61 -13.03
CA SER C 304 -8.53 -30.55 -12.23
C SER C 304 -10.01 -30.54 -12.57
N THR C 305 -10.49 -29.54 -13.29
CA THR C 305 -11.87 -29.50 -13.74
C THR C 305 -11.91 -29.52 -15.27
N THR C 306 -12.95 -30.15 -15.82
CA THR C 306 -13.11 -30.19 -17.26
C THR C 306 -13.65 -28.84 -17.76
N ALA C 307 -13.88 -28.76 -19.07
CA ALA C 307 -14.38 -27.51 -19.64
C ALA C 307 -15.76 -27.16 -19.09
N SER C 308 -16.60 -28.17 -18.84
CA SER C 308 -17.92 -27.94 -18.28
C SER C 308 -17.92 -27.75 -16.77
N GLY C 309 -16.77 -27.92 -16.12
CA GLY C 309 -16.66 -27.68 -14.70
C GLY C 309 -16.71 -28.90 -13.81
N ARG C 310 -16.67 -30.11 -14.37
CA ARG C 310 -16.71 -31.31 -13.55
C ARG C 310 -15.34 -31.60 -12.95
N VAL C 311 -15.33 -31.93 -11.66
CA VAL C 311 -14.09 -32.21 -10.95
C VAL C 311 -13.71 -33.68 -11.16
N ILE C 312 -12.49 -33.90 -11.66
CA ILE C 312 -11.97 -35.26 -11.75
C ILE C 312 -11.59 -35.75 -10.36
N GLU C 313 -11.94 -37.00 -10.06
CA GLU C 313 -11.92 -37.49 -8.70
C GLU C 313 -10.56 -38.08 -8.28
N GLU C 314 -9.99 -38.95 -9.10
CA GLU C 314 -8.85 -39.76 -8.68
C GLU C 314 -7.68 -39.60 -9.64
N TRP C 315 -6.49 -39.46 -9.08
CA TRP C 315 -5.27 -39.20 -9.83
C TRP C 315 -4.16 -40.14 -9.36
N CYS C 316 -3.12 -40.26 -10.17
CA CYS C 316 -2.02 -41.16 -9.89
C CYS C 316 -0.69 -40.52 -10.26
N CYS C 317 0.37 -40.93 -9.57
CA CYS C 317 1.74 -40.63 -9.97
C CYS C 317 2.56 -41.91 -9.84
N ARG C 318 3.66 -41.97 -10.57
CA ARG C 318 4.51 -43.15 -10.54
C ARG C 318 5.42 -43.17 -9.32
N GLU C 319 6.19 -42.10 -9.10
CA GLU C 319 7.21 -42.09 -8.07
C GLU C 319 7.23 -40.78 -7.28
N CYS C 320 6.13 -40.04 -7.27
CA CYS C 320 6.08 -38.76 -6.59
C CYS C 320 5.90 -38.95 -5.10
N THR C 321 6.03 -37.85 -4.34
CA THR C 321 5.84 -37.86 -2.91
C THR C 321 4.69 -36.94 -2.52
N MET C 322 3.96 -37.32 -1.48
CA MET C 322 2.88 -36.51 -0.95
C MET C 322 3.41 -35.38 -0.06
N PRO C 323 2.72 -34.24 -0.02
CA PRO C 323 1.54 -33.88 -0.82
C PRO C 323 1.90 -33.54 -2.27
N PRO C 324 0.93 -33.61 -3.18
CA PRO C 324 1.23 -33.39 -4.59
C PRO C 324 1.48 -31.93 -4.92
N LEU C 325 2.27 -31.71 -5.97
CA LEU C 325 2.55 -30.37 -6.47
C LEU C 325 1.36 -29.87 -7.29
N SER C 326 0.90 -28.65 -7.01
CA SER C 326 -0.25 -28.08 -7.69
C SER C 326 -0.03 -26.60 -7.96
N PHE C 327 -0.74 -26.10 -8.97
CA PHE C 327 -0.74 -24.69 -9.32
C PHE C 327 -2.13 -24.11 -9.09
N ARG C 328 -2.17 -22.92 -8.51
CA ARG C 328 -3.43 -22.23 -8.26
C ARG C 328 -3.50 -20.98 -9.13
N ALA C 329 -4.53 -20.90 -9.97
CA ALA C 329 -4.73 -19.79 -10.89
C ALA C 329 -6.16 -19.30 -10.76
N LYS C 330 -6.51 -18.31 -11.59
CA LYS C 330 -7.85 -17.75 -11.53
C LYS C 330 -8.90 -18.70 -12.08
N ASP C 331 -8.51 -19.56 -13.02
CA ASP C 331 -9.44 -20.50 -13.64
C ASP C 331 -9.50 -21.85 -12.94
N GLY C 332 -8.70 -22.07 -11.90
CA GLY C 332 -8.79 -23.29 -11.12
C GLY C 332 -7.43 -23.92 -10.92
N CYS C 333 -7.46 -25.17 -10.47
CA CYS C 333 -6.24 -25.93 -10.16
C CYS C 333 -5.59 -26.54 -11.39
N TRP C 334 -4.29 -26.73 -11.30
CA TRP C 334 -3.51 -27.50 -12.23
C TRP C 334 -2.57 -28.41 -11.45
N TYR C 335 -2.34 -29.61 -11.97
CA TYR C 335 -1.39 -30.53 -11.37
C TYR C 335 -0.05 -30.51 -12.08
N GLY C 336 0.96 -31.02 -11.39
CA GLY C 336 2.29 -31.11 -11.96
C GLY C 336 2.35 -32.15 -13.07
N MET C 337 3.46 -32.12 -13.80
CA MET C 337 3.63 -33.01 -14.95
C MET C 337 3.63 -34.47 -14.55
N GLU C 338 3.93 -34.78 -13.29
CA GLU C 338 4.02 -36.16 -12.83
C GLU C 338 2.67 -36.78 -12.46
N ILE C 339 1.63 -35.98 -12.30
CA ILE C 339 0.36 -36.43 -11.76
C ILE C 339 -0.64 -36.55 -12.92
N ARG C 340 -1.15 -37.77 -13.13
CA ARG C 340 -2.03 -38.07 -14.24
C ARG C 340 -3.35 -38.65 -13.74
N PRO C 341 -4.43 -38.53 -14.49
CA PRO C 341 -5.71 -39.09 -14.03
C PRO C 341 -5.73 -40.60 -14.11
N ARG C 342 -6.35 -41.23 -13.10
CA ARG C 342 -6.31 -42.68 -12.98
C ARG C 342 -7.23 -43.35 -13.99
N LYS C 343 -8.44 -42.82 -14.18
CA LYS C 343 -9.45 -43.46 -15.01
C LYS C 343 -9.89 -42.62 -16.19
N GLU C 344 -10.04 -41.32 -16.01
CA GLU C 344 -10.46 -40.46 -17.10
C GLU C 344 -9.37 -40.40 -18.17
N PRO C 345 -9.70 -40.56 -19.44
CA PRO C 345 -8.69 -40.37 -20.49
C PRO C 345 -8.19 -38.93 -20.49
N GLU C 346 -6.91 -38.76 -20.83
CA GLU C 346 -6.29 -37.44 -20.80
C GLU C 346 -6.76 -36.52 -21.91
N SER C 347 -7.40 -37.06 -22.95
CA SER C 347 -7.90 -36.24 -24.05
C SER C 347 -9.13 -35.44 -23.68
N ASN C 348 -9.80 -35.78 -22.58
CA ASN C 348 -11.02 -35.09 -22.16
C ASN C 348 -10.76 -33.91 -21.24
N LEU C 349 -9.49 -33.57 -20.98
CA LEU C 349 -9.15 -32.55 -20.00
C LEU C 349 -8.46 -31.37 -20.66
N VAL C 350 -8.46 -30.25 -19.95
CA VAL C 350 -7.78 -29.04 -20.39
C VAL C 350 -6.32 -29.13 -19.99
N ARG C 351 -5.42 -28.85 -20.94
CA ARG C 351 -3.99 -29.00 -20.72
C ARG C 351 -3.27 -27.70 -21.07
N SER C 352 -1.99 -27.66 -20.73
CA SER C 352 -1.14 -26.51 -21.00
C SER C 352 -0.46 -26.66 -22.35
N MET C 353 -0.42 -25.56 -23.10
CA MET C 353 0.16 -25.53 -24.44
C MET C 353 1.45 -24.72 -24.51
N VAL C 354 2.08 -24.46 -23.37
CA VAL C 354 3.25 -23.61 -23.28
C VAL C 354 4.42 -24.45 -22.78
N THR C 355 5.56 -24.34 -23.44
CA THR C 355 6.80 -24.99 -23.01
C THR C 355 7.82 -23.92 -22.68
N ALA C 356 8.48 -24.05 -21.55
CA ALA C 356 9.53 -23.12 -21.15
C ALA C 356 10.78 -23.32 -22.00
N HIS D 5 -6.76 -3.78 20.80
CA HIS D 5 -5.63 -4.07 19.94
C HIS D 5 -4.31 -3.98 20.71
N HIS D 6 -3.34 -4.78 20.28
CA HIS D 6 -2.00 -4.79 20.84
C HIS D 6 -1.06 -4.26 19.76
N GLY D 7 -0.16 -3.35 20.14
CA GLY D 7 0.71 -2.73 19.15
C GLY D 7 2.05 -2.31 19.73
N CYS D 8 2.97 -2.03 18.81
CA CYS D 8 4.29 -1.49 19.13
C CYS D 8 4.58 -0.34 18.18
N SER D 9 5.24 0.69 18.69
CA SER D 9 5.54 1.87 17.90
C SER D 9 6.99 2.27 18.12
N VAL D 10 7.52 3.03 17.16
CA VAL D 10 8.91 3.46 17.18
C VAL D 10 9.00 4.83 16.54
N ASP D 11 9.91 5.66 17.07
CA ASP D 11 10.25 6.94 16.46
C ASP D 11 11.76 6.96 16.25
N PHE D 12 12.18 6.93 14.98
CA PHE D 12 13.60 6.80 14.67
C PHE D 12 14.39 8.07 14.92
N SER D 13 13.73 9.24 14.92
CA SER D 13 14.45 10.48 15.14
C SER D 13 14.98 10.57 16.57
N LYS D 14 14.30 9.94 17.53
CA LYS D 14 14.76 9.90 18.91
C LYS D 14 15.18 8.51 19.36
N LYS D 15 14.98 7.49 18.53
CA LYS D 15 15.35 6.11 18.84
C LYS D 15 14.70 5.61 20.13
N GLU D 16 13.37 5.54 20.10
CA GLU D 16 12.61 5.02 21.22
C GLU D 16 11.53 4.08 20.70
N THR D 17 11.14 3.14 21.56
CA THR D 17 10.13 2.15 21.24
C THR D 17 9.14 2.07 22.40
N ARG D 18 7.98 1.46 22.14
CA ARG D 18 6.90 1.46 23.12
C ARG D 18 5.88 0.41 22.69
N CYS D 19 5.48 -0.46 23.61
CA CYS D 19 4.53 -1.52 23.31
C CYS D 19 3.45 -1.58 24.40
N GLY D 20 2.26 -2.00 24.00
CA GLY D 20 1.16 -2.10 24.92
C GLY D 20 -0.17 -2.15 24.18
N THR D 21 -1.25 -1.98 24.94
CA THR D 21 -2.59 -1.95 24.38
C THR D 21 -3.13 -0.52 24.42
N GLY D 22 -4.12 -0.26 23.57
CA GLY D 22 -4.72 1.05 23.54
C GLY D 22 -5.54 1.24 22.27
N VAL D 23 -5.70 2.51 21.89
CA VAL D 23 -6.48 2.91 20.73
C VAL D 23 -5.52 3.58 19.74
N PHE D 24 -5.45 3.05 18.53
CA PHE D 24 -4.49 3.49 17.52
C PHE D 24 -5.23 4.10 16.34
N VAL D 25 -4.84 5.32 15.97
CA VAL D 25 -5.43 6.05 14.85
C VAL D 25 -4.38 6.15 13.76
N TYR D 26 -4.68 5.60 12.59
CA TYR D 26 -3.74 5.52 11.48
C TYR D 26 -4.10 6.49 10.38
N ASN D 27 -3.11 6.82 9.55
CA ASN D 27 -3.32 7.65 8.37
C ASN D 27 -3.82 6.74 7.26
N ASP D 28 -5.15 6.66 7.10
CA ASP D 28 -5.77 5.78 6.13
C ASP D 28 -6.43 6.55 4.99
N VAL D 29 -5.85 7.69 4.62
CA VAL D 29 -6.36 8.46 3.50
C VAL D 29 -6.20 7.63 2.22
N GLU D 30 -7.06 7.90 1.24
CA GLU D 30 -7.11 7.18 -0.05
C GLU D 30 -7.14 5.67 0.14
N ALA D 31 -7.86 5.20 1.16
CA ALA D 31 -8.06 3.78 1.36
C ALA D 31 -9.30 3.31 0.60
N TRP D 32 -9.38 3.67 -0.67
CA TRP D 32 -10.43 3.19 -1.57
C TRP D 32 -9.88 2.58 -2.84
N ARG D 33 -8.69 2.99 -3.29
CA ARG D 33 -8.03 2.39 -4.44
C ARG D 33 -7.25 1.12 -4.07
N ASP D 34 -7.54 0.53 -2.92
CA ASP D 34 -6.97 -0.75 -2.53
C ASP D 34 -7.99 -1.87 -2.76
N ARG D 35 -7.54 -3.11 -2.55
CA ARG D 35 -8.37 -4.27 -2.84
C ARG D 35 -9.17 -4.67 -1.59
N TYR D 36 -10.49 -4.51 -1.68
CA TYR D 36 -11.40 -4.89 -0.61
C TYR D 36 -12.63 -5.56 -1.21
N LYS D 37 -13.27 -6.41 -0.42
CA LYS D 37 -14.54 -7.02 -0.77
C LYS D 37 -15.68 -6.24 -0.13
N TYR D 38 -16.71 -5.96 -0.91
CA TYR D 38 -17.84 -5.19 -0.41
C TYR D 38 -19.14 -5.97 -0.43
N HIS D 39 -19.89 -5.92 0.66
CA HIS D 39 -21.15 -6.66 0.74
C HIS D 39 -22.28 -5.75 1.15
N PRO D 40 -22.87 -5.03 0.18
CA PRO D 40 -24.00 -4.15 0.47
C PRO D 40 -25.25 -4.96 0.73
N ASP D 41 -25.60 -5.17 1.99
CA ASP D 41 -26.77 -5.99 2.33
C ASP D 41 -26.74 -7.31 1.58
N SER D 42 -27.88 -7.76 1.10
CA SER D 42 -27.96 -9.00 0.34
C SER D 42 -28.30 -8.74 -1.11
N PRO D 43 -27.83 -9.59 -2.02
CA PRO D 43 -28.12 -9.42 -3.44
C PRO D 43 -29.61 -9.22 -3.72
N ARG D 44 -30.47 -9.91 -2.98
CA ARG D 44 -31.92 -9.80 -3.21
C ARG D 44 -32.53 -8.61 -2.50
N ARG D 45 -32.11 -8.34 -1.27
CA ARG D 45 -32.60 -7.19 -0.54
C ARG D 45 -32.21 -5.88 -1.21
N LEU D 46 -30.97 -5.78 -1.69
CA LEU D 46 -30.54 -4.55 -2.38
C LEU D 46 -31.26 -4.40 -3.71
N ALA D 47 -31.50 -5.51 -4.41
CA ALA D 47 -32.29 -5.43 -5.64
C ALA D 47 -33.71 -4.96 -5.36
N ALA D 48 -34.32 -5.46 -4.29
CA ALA D 48 -35.65 -5.00 -3.91
C ALA D 48 -35.66 -3.52 -3.56
N ALA D 49 -34.64 -3.06 -2.83
CA ALA D 49 -34.57 -1.64 -2.48
C ALA D 49 -34.45 -0.77 -3.73
N VAL D 50 -33.60 -1.17 -4.67
CA VAL D 50 -33.44 -0.40 -5.91
C VAL D 50 -34.73 -0.40 -6.72
N LYS D 51 -35.39 -1.55 -6.81
CA LYS D 51 -36.64 -1.63 -7.57
C LYS D 51 -37.71 -0.74 -6.97
N GLN D 52 -37.87 -0.79 -5.64
CA GLN D 52 -38.87 0.04 -4.97
C GLN D 52 -38.55 1.53 -5.13
N ALA D 53 -37.26 1.88 -5.01
CA ALA D 53 -36.88 3.28 -5.21
C ALA D 53 -37.21 3.75 -6.62
N TRP D 54 -36.96 2.91 -7.63
CA TRP D 54 -37.31 3.27 -8.99
C TRP D 54 -38.81 3.45 -9.14
N GLU D 55 -39.60 2.55 -8.54
CA GLU D 55 -41.05 2.71 -8.59
C GLU D 55 -41.52 3.96 -7.86
N ASP D 56 -40.73 4.47 -6.92
CA ASP D 56 -41.09 5.66 -6.15
C ASP D 56 -40.56 6.95 -6.75
N GLY D 57 -39.90 6.90 -7.91
CA GLY D 57 -39.46 8.09 -8.59
C GLY D 57 -38.04 8.55 -8.31
N ILE D 58 -37.26 7.79 -7.55
CA ILE D 58 -35.86 8.12 -7.31
C ILE D 58 -35.05 7.65 -8.52
N CYS D 59 -34.47 8.60 -9.25
CA CYS D 59 -33.82 8.27 -10.52
C CYS D 59 -32.50 7.54 -10.29
N GLY D 60 -31.71 8.01 -9.33
CA GLY D 60 -30.37 7.47 -9.17
C GLY D 60 -29.79 7.82 -7.83
N ILE D 61 -28.46 7.75 -7.76
CA ILE D 61 -27.71 7.88 -6.52
C ILE D 61 -26.61 8.92 -6.70
N SER D 62 -26.50 9.84 -5.76
N SER D 62 -26.50 9.83 -5.74
CA SER D 62 -25.35 10.72 -5.64
CA SER D 62 -25.37 10.73 -5.61
C SER D 62 -24.49 10.23 -4.48
C SER D 62 -24.49 10.23 -4.47
N SER D 63 -23.22 9.95 -4.77
CA SER D 63 -22.36 9.30 -3.79
C SER D 63 -21.92 10.24 -2.67
N VAL D 64 -21.63 9.63 -1.51
N VAL D 64 -21.63 9.63 -1.51
CA VAL D 64 -21.14 10.41 -0.37
CA VAL D 64 -21.14 10.41 -0.37
C VAL D 64 -19.62 10.53 -0.43
C VAL D 64 -19.62 10.53 -0.43
N SER D 65 -18.93 9.47 -0.84
CA SER D 65 -17.48 9.46 -0.90
C SER D 65 -17.02 8.61 -2.07
N ARG D 66 -15.70 8.50 -2.22
CA ARG D 66 -15.13 7.60 -3.22
C ARG D 66 -15.38 6.14 -2.88
N MET D 67 -15.50 5.83 -1.59
CA MET D 67 -15.72 4.44 -1.17
C MET D 67 -17.07 3.91 -1.66
N GLU D 68 -18.12 4.74 -1.58
CA GLU D 68 -19.42 4.28 -2.06
C GLU D 68 -19.42 4.08 -3.57
N ASN D 69 -18.73 4.96 -4.30
CA ASN D 69 -18.62 4.78 -5.75
C ASN D 69 -17.88 3.49 -6.09
N ILE D 70 -16.81 3.19 -5.36
CA ILE D 70 -16.08 1.94 -5.58
C ILE D 70 -16.96 0.74 -5.27
N MET D 71 -17.76 0.81 -4.21
N MET D 71 -17.76 0.81 -4.21
CA MET D 71 -18.66 -0.28 -3.87
CA MET D 71 -18.66 -0.28 -3.87
C MET D 71 -19.71 -0.50 -4.97
C MET D 71 -19.71 -0.50 -4.97
N TRP D 72 -20.28 0.58 -5.50
CA TRP D 72 -21.24 0.45 -6.58
C TRP D 72 -20.60 -0.17 -7.82
N ARG D 73 -19.37 0.25 -8.15
CA ARG D 73 -18.65 -0.36 -9.25
C ARG D 73 -18.44 -1.85 -9.01
N SER D 74 -18.14 -2.22 -7.77
CA SER D 74 -17.89 -3.62 -7.46
C SER D 74 -19.16 -4.46 -7.63
N VAL D 75 -20.30 -3.96 -7.16
CA VAL D 75 -21.50 -4.80 -7.13
C VAL D 75 -22.42 -4.61 -8.34
N GLU D 76 -22.06 -3.75 -9.29
CA GLU D 76 -22.94 -3.44 -10.41
C GLU D 76 -23.30 -4.69 -11.23
N GLY D 77 -22.30 -5.51 -11.55
CA GLY D 77 -22.55 -6.63 -12.45
C GLY D 77 -23.50 -7.66 -11.86
N GLU D 78 -23.27 -8.04 -10.60
CA GLU D 78 -24.18 -8.96 -9.92
C GLU D 78 -25.55 -8.34 -9.74
N LEU D 79 -25.61 -7.05 -9.41
CA LEU D 79 -26.89 -6.39 -9.23
C LEU D 79 -27.68 -6.34 -10.52
N ASN D 80 -27.00 -6.36 -11.66
CA ASN D 80 -27.71 -6.41 -12.94
C ASN D 80 -28.07 -7.85 -13.35
N ALA D 81 -27.23 -8.83 -13.00
CA ALA D 81 -27.58 -10.22 -13.28
C ALA D 81 -28.81 -10.64 -12.50
N ILE D 82 -28.80 -10.42 -11.19
CA ILE D 82 -30.05 -10.37 -10.45
C ILE D 82 -30.80 -9.12 -10.88
N LEU D 83 -32.11 -9.09 -10.66
CA LEU D 83 -33.03 -8.05 -11.11
C LEU D 83 -33.33 -8.21 -12.59
N GLU D 84 -32.64 -9.10 -13.29
CA GLU D 84 -33.07 -9.62 -14.59
C GLU D 84 -33.73 -10.98 -14.47
N GLU D 85 -33.30 -11.77 -13.50
CA GLU D 85 -34.01 -13.01 -13.16
C GLU D 85 -35.42 -12.74 -12.67
N ASN D 86 -35.67 -11.56 -12.12
CA ASN D 86 -36.98 -11.21 -11.59
C ASN D 86 -37.83 -10.44 -12.59
N GLY D 87 -37.34 -10.25 -13.82
CA GLY D 87 -38.10 -9.57 -14.84
C GLY D 87 -38.12 -8.08 -14.75
N VAL D 88 -37.36 -7.49 -13.83
CA VAL D 88 -37.30 -6.05 -13.68
C VAL D 88 -36.50 -5.47 -14.84
N GLN D 89 -37.07 -4.47 -15.52
CA GLN D 89 -36.44 -3.86 -16.68
C GLN D 89 -35.69 -2.61 -16.23
N LEU D 90 -34.54 -2.84 -15.61
CA LEU D 90 -33.76 -1.77 -15.00
C LEU D 90 -32.28 -2.12 -15.07
N THR D 91 -31.45 -1.12 -15.36
CA THR D 91 -30.01 -1.30 -15.46
C THR D 91 -29.32 -0.24 -14.63
N VAL D 92 -28.36 -0.65 -13.83
CA VAL D 92 -27.55 0.27 -13.03
C VAL D 92 -26.35 0.71 -13.86
N VAL D 93 -26.14 2.02 -13.95
CA VAL D 93 -25.03 2.60 -14.70
C VAL D 93 -24.21 3.44 -13.73
N VAL D 94 -22.92 3.16 -13.64
CA VAL D 94 -22.03 3.81 -12.69
C VAL D 94 -20.97 4.59 -13.45
N GLY D 95 -20.83 5.87 -13.10
CA GLY D 95 -19.81 6.72 -13.71
C GLY D 95 -18.81 7.22 -12.69
N SER D 96 -18.17 8.35 -12.98
CA SER D 96 -17.13 8.90 -12.11
C SER D 96 -17.67 10.03 -11.26
N VAL D 97 -16.90 10.39 -10.24
CA VAL D 97 -17.31 11.41 -9.28
C VAL D 97 -16.70 12.75 -9.67
N LYS D 98 -17.40 13.82 -9.28
CA LYS D 98 -16.93 15.18 -9.47
C LYS D 98 -17.05 15.93 -8.15
N ASN D 99 -16.11 16.84 -7.91
CA ASN D 99 -16.12 17.56 -6.65
C ASN D 99 -16.77 18.94 -6.80
N PRO D 100 -17.45 19.43 -5.77
CA PRO D 100 -17.75 18.69 -4.54
C PRO D 100 -18.95 17.76 -4.72
N MET D 101 -19.08 16.77 -3.84
CA MET D 101 -20.16 15.79 -3.94
C MET D 101 -21.40 16.36 -3.28
N TRP D 102 -22.28 16.95 -4.07
CA TRP D 102 -23.42 17.68 -3.55
C TRP D 102 -24.43 16.76 -2.87
N ARG D 103 -25.14 17.33 -1.89
CA ARG D 103 -26.11 16.59 -1.10
C ARG D 103 -27.37 16.30 -1.91
N GLY D 104 -27.94 15.11 -1.71
CA GLY D 104 -29.19 14.73 -2.31
C GLY D 104 -30.31 14.64 -1.29
N PRO D 105 -31.54 14.94 -1.71
CA PRO D 105 -32.66 15.01 -0.75
C PRO D 105 -33.39 13.71 -0.46
N GLN D 106 -33.13 12.63 -1.19
CA GLN D 106 -33.87 11.38 -1.02
C GLN D 106 -33.02 10.36 -0.25
N ARG D 107 -33.66 9.23 0.06
CA ARG D 107 -32.98 8.08 0.66
C ARG D 107 -33.53 6.81 0.05
N LEU D 108 -32.72 5.76 0.08
CA LEU D 108 -33.19 4.45 -0.37
C LEU D 108 -34.14 3.84 0.65
N PRO D 109 -35.26 3.28 0.22
CA PRO D 109 -36.16 2.60 1.16
C PRO D 109 -35.60 1.26 1.59
N VAL D 110 -35.97 0.85 2.79
CA VAL D 110 -35.65 -0.48 3.32
C VAL D 110 -36.74 -1.43 2.84
N PRO D 111 -36.42 -2.44 2.03
CA PRO D 111 -37.44 -3.36 1.54
C PRO D 111 -37.93 -4.30 2.63
N VAL D 112 -39.17 -4.78 2.49
CA VAL D 112 -39.75 -5.61 3.54
C VAL D 112 -39.96 -7.07 3.11
N ASN D 113 -39.88 -7.33 1.81
CA ASN D 113 -40.16 -8.69 1.33
C ASN D 113 -38.98 -9.31 0.60
N GLU D 114 -38.10 -8.49 0.03
CA GLU D 114 -36.94 -9.00 -0.70
C GLU D 114 -37.32 -9.67 -2.01
N LEU D 115 -36.57 -9.38 -3.07
CA LEU D 115 -36.86 -9.97 -4.38
C LEU D 115 -36.78 -11.48 -4.34
N PRO D 116 -37.66 -12.15 -5.08
CA PRO D 116 -37.60 -13.61 -5.16
C PRO D 116 -36.45 -14.05 -6.07
N HIS D 117 -36.43 -15.32 -6.45
CA HIS D 117 -35.37 -15.82 -7.32
C HIS D 117 -34.01 -15.37 -6.83
N GLY D 118 -33.19 -14.86 -7.74
CA GLY D 118 -31.87 -14.38 -7.35
C GLY D 118 -31.03 -15.39 -6.59
N TRP D 119 -30.05 -14.91 -5.84
CA TRP D 119 -29.21 -15.80 -5.05
C TRP D 119 -28.66 -15.07 -3.83
N LYS D 120 -27.92 -15.78 -2.99
CA LYS D 120 -27.37 -15.19 -1.78
C LYS D 120 -25.89 -14.88 -1.98
N ALA D 121 -25.25 -14.35 -0.93
CA ALA D 121 -23.80 -14.37 -0.85
C ALA D 121 -23.09 -13.64 -1.98
N TRP D 122 -23.07 -12.30 -1.96
CA TRP D 122 -22.30 -11.51 -2.93
C TRP D 122 -20.98 -12.20 -3.27
N GLY D 123 -20.68 -12.25 -4.55
CA GLY D 123 -19.50 -12.93 -5.03
C GLY D 123 -19.74 -14.27 -5.68
N LYS D 124 -20.83 -14.45 -6.41
CA LYS D 124 -21.04 -15.68 -7.16
C LYS D 124 -19.95 -15.84 -8.21
N SER D 125 -19.46 -17.07 -8.33
CA SER D 125 -18.31 -17.32 -9.22
C SER D 125 -18.71 -17.16 -10.68
N TYR D 126 -19.80 -17.78 -11.09
CA TYR D 126 -20.21 -17.82 -12.49
C TYR D 126 -21.68 -17.46 -12.61
N PHE D 127 -21.97 -16.52 -13.50
CA PHE D 127 -23.34 -16.21 -13.87
C PHE D 127 -23.33 -15.60 -15.25
N VAL D 128 -24.50 -15.57 -15.87
CA VAL D 128 -24.66 -14.99 -17.20
C VAL D 128 -24.86 -13.50 -17.04
N ARG D 129 -24.07 -12.72 -17.77
CA ARG D 129 -24.21 -11.27 -17.73
C ARG D 129 -25.56 -10.86 -18.29
N ALA D 130 -26.08 -9.75 -17.77
CA ALA D 130 -27.40 -9.27 -18.16
C ALA D 130 -27.31 -8.40 -19.40
N ALA D 131 -28.43 -8.30 -20.11
CA ALA D 131 -28.53 -7.42 -21.27
C ALA D 131 -28.95 -6.02 -20.83
N LYS D 132 -28.43 -5.02 -21.55
CA LYS D 132 -28.77 -3.63 -21.25
C LYS D 132 -30.23 -3.35 -21.61
N THR D 133 -30.90 -2.59 -20.75
CA THR D 133 -32.31 -2.26 -20.91
C THR D 133 -32.46 -0.79 -21.29
N ASN D 134 -33.71 -0.32 -21.34
CA ASN D 134 -33.99 1.06 -21.71
C ASN D 134 -34.04 2.01 -20.52
N ASN D 135 -34.33 1.50 -19.32
CA ASN D 135 -34.41 2.31 -18.11
C ASN D 135 -33.12 2.17 -17.33
N SER D 136 -32.46 3.29 -17.05
CA SER D 136 -31.16 3.32 -16.40
C SER D 136 -31.26 3.96 -15.03
N PHE D 137 -30.73 3.28 -14.02
CA PHE D 137 -30.61 3.81 -12.67
C PHE D 137 -29.17 4.29 -12.50
N VAL D 138 -28.96 5.60 -12.58
CA VAL D 138 -27.62 6.16 -12.72
C VAL D 138 -27.02 6.47 -11.35
N VAL D 139 -25.90 5.82 -11.05
CA VAL D 139 -25.00 6.27 -9.99
C VAL D 139 -24.16 7.37 -10.63
N ASP D 140 -23.45 8.16 -9.82
CA ASP D 140 -22.92 9.45 -10.26
C ASP D 140 -22.17 9.42 -11.60
N GLY D 141 -22.12 10.58 -12.23
CA GLY D 141 -21.53 10.75 -13.54
C GLY D 141 -21.91 12.10 -14.12
N ASP D 142 -21.76 12.22 -15.43
CA ASP D 142 -22.19 13.41 -16.16
C ASP D 142 -23.60 13.15 -16.66
N THR D 143 -24.56 13.10 -15.71
CA THR D 143 -25.94 12.73 -16.04
C THR D 143 -26.96 13.59 -15.32
N LEU D 144 -26.64 14.86 -15.06
CA LEU D 144 -27.59 15.72 -14.37
C LEU D 144 -28.74 16.17 -15.27
N LYS D 145 -28.58 16.10 -16.59
CA LYS D 145 -29.68 16.46 -17.48
C LYS D 145 -30.74 15.37 -17.52
N GLU D 146 -30.33 14.10 -17.55
CA GLU D 146 -31.30 13.03 -17.65
C GLU D 146 -32.04 12.81 -16.33
N CYS D 147 -31.40 13.08 -15.20
CA CYS D 147 -32.19 13.22 -13.98
C CYS D 147 -31.47 14.16 -13.01
N PRO D 148 -32.14 15.19 -12.52
CA PRO D 148 -31.48 16.20 -11.70
C PRO D 148 -31.18 15.69 -10.30
N LEU D 149 -30.44 16.52 -9.55
CA LEU D 149 -30.04 16.18 -8.20
C LEU D 149 -31.24 16.04 -7.27
N LYS D 150 -32.36 16.69 -7.59
CA LYS D 150 -33.54 16.71 -6.73
C LYS D 150 -34.23 15.36 -6.64
N HIS D 151 -33.92 14.43 -7.54
CA HIS D 151 -34.53 13.11 -7.56
C HIS D 151 -33.52 12.00 -7.25
N ARG D 152 -32.45 12.33 -6.53
CA ARG D 152 -31.38 11.40 -6.24
C ARG D 152 -31.32 11.10 -4.76
N ALA D 153 -31.01 9.85 -4.43
CA ALA D 153 -30.81 9.43 -3.05
C ALA D 153 -29.36 9.63 -2.66
N TRP D 154 -29.13 9.85 -1.36
CA TRP D 154 -27.82 10.24 -0.87
C TRP D 154 -27.67 9.78 0.58
N ASN D 155 -26.52 9.19 0.90
CA ASN D 155 -26.16 8.79 2.26
C ASN D 155 -27.16 7.77 2.82
N SER D 156 -27.26 6.63 2.14
CA SER D 156 -28.22 5.60 2.50
C SER D 156 -27.62 4.39 3.19
N PHE D 157 -26.30 4.33 3.36
CA PHE D 157 -25.65 3.13 3.86
C PHE D 157 -24.95 3.40 5.19
N LEU D 158 -24.83 2.34 5.99
CA LEU D 158 -24.09 2.36 7.24
C LEU D 158 -23.16 1.16 7.27
N VAL D 159 -21.92 1.39 7.72
CA VAL D 159 -20.94 0.32 7.80
C VAL D 159 -21.11 -0.40 9.13
N GLU D 160 -21.23 -1.73 9.07
CA GLU D 160 -21.31 -2.57 10.27
C GLU D 160 -19.95 -3.09 10.70
N ASP D 161 -19.17 -3.63 9.77
CA ASP D 161 -17.87 -4.19 10.10
C ASP D 161 -16.94 -3.99 8.92
N HIS D 162 -15.67 -3.75 9.21
CA HIS D 162 -14.69 -3.52 8.15
C HIS D 162 -13.31 -3.93 8.65
N GLY D 163 -12.39 -4.07 7.70
CA GLY D 163 -11.02 -4.36 8.01
C GLY D 163 -10.06 -3.43 7.28
N PHE D 164 -10.44 -2.16 7.16
CA PHE D 164 -9.66 -1.20 6.38
C PHE D 164 -8.22 -1.13 6.90
N GLY D 165 -7.27 -1.13 5.97
CA GLY D 165 -5.86 -1.21 6.26
C GLY D 165 -5.30 -2.61 6.11
N VAL D 166 -6.16 -3.61 6.03
CA VAL D 166 -5.77 -4.99 5.75
C VAL D 166 -6.42 -5.39 4.43
N PHE D 167 -5.61 -5.70 3.44
CA PHE D 167 -6.13 -5.93 2.11
C PHE D 167 -6.83 -7.28 2.01
N HIS D 168 -7.74 -7.37 1.03
CA HIS D 168 -8.53 -8.58 0.78
C HIS D 168 -9.35 -8.98 2.00
N THR D 169 -9.86 -7.99 2.72
CA THR D 169 -10.83 -8.19 3.78
C THR D 169 -12.19 -7.66 3.34
N SER D 170 -13.22 -8.03 4.09
CA SER D 170 -14.60 -7.74 3.72
C SER D 170 -15.11 -6.49 4.42
N VAL D 171 -15.95 -5.74 3.72
CA VAL D 171 -16.68 -4.60 4.27
C VAL D 171 -18.16 -4.94 4.23
N TRP D 172 -18.85 -4.81 5.35
CA TRP D 172 -20.26 -5.12 5.47
C TRP D 172 -21.06 -3.84 5.64
N LEU D 173 -22.05 -3.63 4.79
CA LEU D 173 -22.88 -2.43 4.81
C LEU D 173 -24.35 -2.83 4.90
N LYS D 174 -25.18 -1.85 5.23
CA LYS D 174 -26.62 -2.07 5.36
C LYS D 174 -27.36 -0.79 4.96
N VAL D 175 -28.60 -0.95 4.52
CA VAL D 175 -29.43 0.19 4.17
C VAL D 175 -30.10 0.70 5.44
N ARG D 176 -29.80 1.94 5.82
CA ARG D 176 -30.26 2.49 7.09
C ARG D 176 -31.75 2.79 7.05
N GLU D 177 -32.39 2.63 8.22
CA GLU D 177 -33.82 2.88 8.31
C GLU D 177 -34.12 4.36 8.57
N ASP D 178 -33.20 5.08 9.19
CA ASP D 178 -33.44 6.44 9.65
C ASP D 178 -33.13 7.46 8.55
N TYR D 179 -33.09 8.73 8.93
CA TYR D 179 -32.76 9.84 8.05
C TYR D 179 -31.77 10.73 8.78
N SER D 180 -30.63 11.01 8.15
CA SER D 180 -29.61 11.82 8.81
C SER D 180 -28.69 12.46 7.79
N LEU D 181 -28.06 13.55 8.22
CA LEU D 181 -27.04 14.25 7.46
C LEU D 181 -25.63 13.97 7.95
N GLU D 182 -25.47 13.00 8.85
CA GLU D 182 -24.21 12.76 9.53
C GLU D 182 -23.35 11.77 8.75
N CYS D 183 -22.04 11.99 8.77
CA CYS D 183 -21.11 11.04 8.17
C CYS D 183 -21.05 9.76 9.00
N ASP D 184 -20.55 8.70 8.38
CA ASP D 184 -20.47 7.40 9.03
C ASP D 184 -19.37 7.39 10.08
N PRO D 185 -19.69 7.14 11.36
CA PRO D 185 -18.65 7.19 12.40
C PRO D 185 -17.81 5.94 12.50
N ALA D 186 -18.13 4.88 11.76
CA ALA D 186 -17.39 3.62 11.88
C ALA D 186 -15.97 3.72 11.35
N VAL D 187 -15.67 4.74 10.53
CA VAL D 187 -14.35 4.88 9.93
C VAL D 187 -13.65 6.16 10.35
N ILE D 188 -14.14 6.83 11.40
CA ILE D 188 -13.60 8.10 11.85
C ILE D 188 -12.67 7.84 13.03
N GLY D 189 -11.47 8.42 12.97
CA GLY D 189 -10.54 8.36 14.09
C GLY D 189 -10.02 9.72 14.50
N THR D 190 -10.18 10.06 15.77
CA THR D 190 -9.72 11.34 16.32
C THR D 190 -8.84 11.06 17.53
N ALA D 191 -7.72 11.77 17.63
CA ALA D 191 -6.82 11.60 18.76
C ALA D 191 -6.16 12.94 19.09
N VAL D 192 -5.78 13.09 20.36
CA VAL D 192 -4.99 14.21 20.82
C VAL D 192 -3.97 13.67 21.82
N LYS D 193 -2.74 14.17 21.75
CA LYS D 193 -1.66 13.69 22.60
C LYS D 193 -0.71 14.86 22.83
N GLY D 194 -0.77 15.44 24.02
CA GLY D 194 0.09 16.57 24.31
C GLY D 194 -0.33 17.83 23.60
N LYS D 195 0.44 18.24 22.58
CA LYS D 195 0.21 19.49 21.88
C LYS D 195 -0.16 19.28 20.41
N GLU D 196 -0.54 18.06 20.02
CA GLU D 196 -0.91 17.74 18.65
C GLU D 196 -2.19 16.93 18.62
N ALA D 197 -3.01 17.17 17.61
CA ALA D 197 -4.31 16.51 17.48
C ALA D 197 -4.57 16.18 16.01
N VAL D 198 -5.44 15.18 15.79
CA VAL D 198 -5.83 14.75 14.45
C VAL D 198 -7.34 14.55 14.41
N HIS D 199 -7.96 14.96 13.31
CA HIS D 199 -9.32 14.60 12.95
C HIS D 199 -9.25 13.93 11.58
N SER D 200 -9.57 12.64 11.53
CA SER D 200 -9.33 11.88 10.30
C SER D 200 -10.51 10.97 9.97
N ASP D 201 -10.63 10.65 8.68
CA ASP D 201 -11.48 9.59 8.19
C ASP D 201 -10.85 9.06 6.90
N LEU D 202 -11.62 8.35 6.08
CA LEU D 202 -11.07 7.74 4.89
C LEU D 202 -10.62 8.76 3.84
N GLY D 203 -11.02 10.03 3.96
CA GLY D 203 -10.63 11.02 2.98
C GLY D 203 -10.07 12.31 3.52
N TYR D 204 -10.07 12.48 4.84
CA TYR D 204 -9.60 13.69 5.49
C TYR D 204 -8.45 13.38 6.43
N TRP D 205 -7.50 14.30 6.54
CA TRP D 205 -6.45 14.24 7.56
C TRP D 205 -6.17 15.68 8.00
N ILE D 206 -6.79 16.07 9.11
CA ILE D 206 -6.79 17.46 9.58
C ILE D 206 -5.98 17.52 10.87
N GLU D 207 -4.95 18.37 10.87
CA GLU D 207 -4.02 18.45 12.00
C GLU D 207 -4.10 19.82 12.66
N SER D 208 -3.99 19.84 13.98
CA SER D 208 -3.95 21.06 14.77
C SER D 208 -2.81 20.98 15.76
N GLU D 209 -2.37 22.14 16.25
CA GLU D 209 -1.24 22.20 17.17
C GLU D 209 -1.53 23.22 18.26
N LYS D 210 -0.79 23.10 19.36
CA LYS D 210 -0.92 24.00 20.50
C LYS D 210 0.15 25.08 20.39
N ASN D 211 -0.22 26.22 19.86
CA ASN D 211 0.56 27.45 19.95
C ASN D 211 0.07 28.20 21.19
N ASP D 212 0.32 29.51 21.25
CA ASP D 212 -0.29 30.37 22.26
C ASP D 212 -1.76 29.99 22.49
N THR D 213 -2.47 29.59 21.44
CA THR D 213 -3.75 28.92 21.52
C THR D 213 -3.74 27.70 20.60
N TRP D 214 -4.85 26.96 20.58
CA TRP D 214 -5.00 25.84 19.66
C TRP D 214 -5.46 26.35 18.31
N ARG D 215 -4.86 25.84 17.24
CA ARG D 215 -5.13 26.35 15.90
C ARG D 215 -4.94 25.25 14.87
N LEU D 216 -5.52 25.47 13.70
CA LEU D 216 -5.32 24.58 12.56
C LEU D 216 -3.89 24.68 12.04
N LYS D 217 -3.32 23.54 11.69
CA LYS D 217 -1.93 23.47 11.23
C LYS D 217 -1.83 23.13 9.75
N ARG D 218 -2.39 22.01 9.32
CA ARG D 218 -2.49 21.68 7.90
C ARG D 218 -3.58 20.65 7.71
N ALA D 219 -4.15 20.63 6.50
CA ALA D 219 -5.22 19.71 6.17
C ALA D 219 -4.94 19.10 4.81
N HIS D 220 -5.31 17.83 4.64
CA HIS D 220 -5.12 17.11 3.38
C HIS D 220 -6.44 16.45 3.02
N LEU D 221 -7.09 16.97 1.98
CA LEU D 221 -8.40 16.48 1.55
C LEU D 221 -8.27 15.92 0.14
N ILE D 222 -8.62 14.64 -0.01
CA ILE D 222 -8.69 14.02 -1.33
C ILE D 222 -10.11 13.98 -1.87
N GLU D 223 -11.06 14.56 -1.16
CA GLU D 223 -12.45 14.62 -1.58
C GLU D 223 -13.12 15.74 -0.79
N MET D 224 -14.20 16.27 -1.33
CA MET D 224 -15.01 17.26 -0.64
C MET D 224 -16.42 16.73 -0.45
N LYS D 225 -16.70 16.25 0.76
CA LYS D 225 -17.99 15.71 1.14
C LYS D 225 -18.92 16.82 1.63
N THR D 226 -20.20 16.48 1.77
CA THR D 226 -21.18 17.43 2.26
C THR D 226 -21.94 16.91 3.47
N CYS D 227 -21.52 15.78 4.04
CA CYS D 227 -22.10 15.30 5.28
C CYS D 227 -21.55 16.12 6.44
N GLU D 228 -22.04 15.84 7.65
CA GLU D 228 -21.67 16.60 8.84
C GLU D 228 -20.83 15.74 9.77
N TRP D 229 -19.73 16.29 10.25
CA TRP D 229 -18.86 15.58 11.17
C TRP D 229 -19.58 15.36 12.49
N PRO D 230 -19.72 14.13 12.97
CA PRO D 230 -20.47 13.90 14.21
C PRO D 230 -19.77 14.49 15.43
N LYS D 231 -20.56 15.02 16.35
CA LYS D 231 -20.01 15.66 17.53
C LYS D 231 -19.43 14.67 18.53
N SER D 232 -19.84 13.40 18.47
CA SER D 232 -19.25 12.38 19.33
C SER D 232 -17.79 12.10 19.00
N HIS D 233 -17.33 12.48 17.81
CA HIS D 233 -15.95 12.26 17.38
C HIS D 233 -15.19 13.58 17.23
N THR D 234 -15.62 14.62 17.94
CA THR D 234 -15.05 15.95 17.83
C THR D 234 -14.53 16.43 19.18
N LEU D 235 -13.35 17.04 19.17
CA LEU D 235 -12.74 17.57 20.38
C LEU D 235 -13.15 19.03 20.57
N TRP D 236 -13.56 19.37 21.79
CA TRP D 236 -13.80 20.76 22.20
C TRP D 236 -14.87 21.43 21.33
N THR D 237 -16.08 20.93 21.46
CA THR D 237 -17.20 21.37 20.64
C THR D 237 -18.00 22.53 21.24
N ASP D 238 -17.72 22.93 22.48
CA ASP D 238 -18.53 23.93 23.16
C ASP D 238 -18.00 25.33 22.95
N GLY D 239 -18.91 26.31 22.95
CA GLY D 239 -18.54 27.70 22.87
C GLY D 239 -17.82 28.06 21.59
N ILE D 240 -18.33 27.62 20.45
CA ILE D 240 -17.69 27.83 19.16
C ILE D 240 -18.70 28.45 18.21
N GLU D 241 -18.18 29.22 17.26
CA GLU D 241 -18.98 29.86 16.22
C GLU D 241 -18.86 29.09 14.93
N GLU D 242 -19.98 28.91 14.24
CA GLU D 242 -19.95 28.25 12.94
C GLU D 242 -19.39 29.15 11.85
N SER D 243 -19.19 30.44 12.12
CA SER D 243 -18.61 31.37 11.17
C SER D 243 -17.14 31.65 11.44
N ASP D 244 -16.54 31.02 12.45
CA ASP D 244 -15.12 31.16 12.73
C ASP D 244 -14.32 29.92 12.35
N LEU D 245 -14.97 28.91 11.77
CA LEU D 245 -14.26 27.73 11.29
C LEU D 245 -13.41 28.08 10.08
N ILE D 246 -12.64 27.10 9.60
CA ILE D 246 -11.87 27.27 8.38
C ILE D 246 -12.51 26.44 7.29
N ILE D 247 -12.56 25.12 7.50
CA ILE D 247 -13.29 24.22 6.62
C ILE D 247 -14.77 24.36 6.95
N PRO D 248 -15.62 24.73 6.00
CA PRO D 248 -17.02 25.00 6.33
C PRO D 248 -17.74 23.79 6.88
N LYS D 249 -18.72 24.06 7.75
CA LYS D 249 -19.50 22.99 8.36
C LYS D 249 -20.22 22.14 7.32
N SER D 250 -20.60 22.73 6.20
CA SER D 250 -21.28 22.03 5.12
C SER D 250 -20.32 21.28 4.22
N LEU D 251 -19.02 21.33 4.49
CA LEU D 251 -18.03 20.51 3.81
C LEU D 251 -17.40 19.49 4.74
N ALA D 252 -18.17 19.04 5.74
CA ALA D 252 -17.75 18.03 6.71
C ALA D 252 -16.57 18.48 7.56
N GLY D 253 -16.49 19.77 7.86
CA GLY D 253 -15.51 20.27 8.79
C GLY D 253 -15.98 20.12 10.23
N PRO D 254 -15.09 19.63 11.10
CA PRO D 254 -15.46 19.47 12.51
C PRO D 254 -15.78 20.79 13.18
N LEU D 255 -16.77 20.76 14.07
CA LEU D 255 -17.19 21.96 14.81
C LEU D 255 -16.36 22.03 16.09
N SER D 256 -15.10 22.42 15.92
CA SER D 256 -14.11 22.31 16.97
C SER D 256 -13.28 23.58 17.03
N HIS D 257 -12.71 23.85 18.20
CA HIS D 257 -11.71 24.90 18.31
C HIS D 257 -10.41 24.53 17.63
N HIS D 258 -10.23 23.27 17.25
CA HIS D 258 -9.08 22.83 16.48
C HIS D 258 -9.22 23.11 15.00
N ASN D 259 -10.34 23.69 14.59
CA ASN D 259 -10.62 24.08 13.20
C ASN D 259 -10.75 25.59 13.09
N THR D 260 -9.85 26.32 13.76
CA THR D 260 -9.89 27.78 13.77
C THR D 260 -8.49 28.31 13.58
N ARG D 261 -8.42 29.56 13.12
CA ARG D 261 -7.15 30.28 12.98
C ARG D 261 -7.44 31.76 13.13
N GLU D 262 -6.59 32.45 13.90
CA GLU D 262 -6.85 33.84 14.26
C GLU D 262 -6.80 34.75 13.04
N GLY D 263 -7.85 35.53 12.84
CA GLY D 263 -7.93 36.45 11.74
C GLY D 263 -8.55 35.92 10.47
N TYR D 264 -8.95 34.65 10.46
CA TYR D 264 -9.57 34.03 9.29
C TYR D 264 -10.97 33.56 9.65
N ARG D 265 -11.90 33.70 8.72
CA ARG D 265 -13.26 33.21 8.85
C ARG D 265 -13.48 32.06 7.88
N THR D 266 -14.70 31.54 7.87
CA THR D 266 -14.99 30.32 7.13
C THR D 266 -14.82 30.53 5.63
N GLN D 267 -14.15 29.59 4.98
CA GLN D 267 -13.80 29.70 3.56
C GLN D 267 -14.94 29.15 2.71
N MET D 268 -16.01 29.95 2.65
CA MET D 268 -17.21 29.54 1.92
C MET D 268 -16.95 29.45 0.42
N LYS D 269 -16.02 30.25 -0.10
CA LYS D 269 -15.79 30.35 -1.53
C LYS D 269 -14.37 29.96 -1.92
N GLY D 270 -13.87 28.85 -1.38
CA GLY D 270 -12.57 28.34 -1.76
C GLY D 270 -12.63 27.55 -3.04
N PRO D 271 -11.48 27.02 -3.45
CA PRO D 271 -11.39 26.24 -4.70
C PRO D 271 -11.82 24.78 -4.50
N TRP D 272 -13.09 24.58 -4.17
CA TRP D 272 -13.60 23.27 -3.83
C TRP D 272 -13.94 22.43 -5.05
N HIS D 273 -13.51 22.83 -6.24
CA HIS D 273 -13.72 22.05 -7.45
C HIS D 273 -12.54 21.14 -7.78
N SER D 274 -11.49 21.17 -6.97
CA SER D 274 -10.28 20.41 -7.27
C SER D 274 -10.50 18.92 -7.02
N GLU D 275 -9.59 18.11 -7.55
CA GLU D 275 -9.64 16.68 -7.26
C GLU D 275 -9.15 16.39 -5.85
N GLU D 276 -8.07 17.05 -5.42
CA GLU D 276 -7.59 16.95 -4.05
C GLU D 276 -6.84 18.23 -3.70
N LEU D 277 -6.80 18.53 -2.41
CA LEU D 277 -6.30 19.82 -1.92
C LEU D 277 -5.37 19.59 -0.74
N GLU D 278 -4.53 20.59 -0.50
CA GLU D 278 -3.72 20.67 0.71
C GLU D 278 -3.83 22.09 1.26
N ILE D 279 -4.32 22.21 2.49
CA ILE D 279 -4.47 23.51 3.15
C ILE D 279 -3.21 23.76 3.95
N ARG D 280 -2.52 24.85 3.63
CA ARG D 280 -1.24 25.18 4.24
C ARG D 280 -1.23 26.65 4.63
N PHE D 281 -0.44 26.97 5.64
CA PHE D 281 -0.23 28.36 6.07
C PHE D 281 1.21 28.72 5.71
N GLU D 282 1.40 29.17 4.48
CA GLU D 282 2.71 29.45 3.92
C GLU D 282 2.53 30.18 2.60
N GLU D 283 3.44 31.11 2.32
CA GLU D 283 3.38 31.85 1.08
C GLU D 283 3.74 30.97 -0.11
N CYS D 284 3.08 31.21 -1.24
CA CYS D 284 3.43 30.55 -2.49
C CYS D 284 4.67 31.17 -3.12
N PRO D 285 5.35 30.42 -3.99
CA PRO D 285 6.59 30.92 -4.60
C PRO D 285 6.38 32.22 -5.35
N GLY D 286 7.33 33.14 -5.19
CA GLY D 286 7.31 34.38 -5.93
C GLY D 286 6.30 35.40 -5.48
N THR D 287 5.63 35.18 -4.35
CA THR D 287 4.60 36.07 -3.85
C THR D 287 4.94 36.54 -2.45
N LYS D 288 4.42 37.70 -2.08
CA LYS D 288 4.60 38.27 -0.76
C LYS D 288 3.31 38.97 -0.33
N VAL D 289 2.91 38.76 0.92
CA VAL D 289 1.66 39.29 1.46
C VAL D 289 1.99 40.34 2.51
N HIS D 290 1.24 41.43 2.50
CA HIS D 290 1.41 42.52 3.45
C HIS D 290 0.07 42.85 4.10
N VAL D 291 0.12 43.26 5.36
CA VAL D 291 -1.09 43.60 6.11
C VAL D 291 -1.29 45.11 6.06
N GLU D 292 -2.32 45.56 5.34
CA GLU D 292 -2.60 46.98 5.21
C GLU D 292 -4.10 47.20 5.22
N GLU D 293 -4.51 48.29 5.87
CA GLU D 293 -5.93 48.60 6.02
C GLU D 293 -6.56 49.17 4.77
N THR D 294 -5.76 49.58 3.79
CA THR D 294 -6.27 50.14 2.54
C THR D 294 -6.53 49.07 1.48
N CYS D 295 -6.42 47.80 1.83
CA CYS D 295 -6.62 46.73 0.88
C CYS D 295 -8.11 46.41 0.74
N GLY D 296 -8.43 45.53 -0.21
CA GLY D 296 -9.81 45.19 -0.48
C GLY D 296 -10.40 44.23 0.55
N THR D 297 -11.68 43.95 0.38
CA THR D 297 -12.42 43.10 1.30
C THR D 297 -12.49 41.67 0.77
N ARG D 298 -13.16 40.80 1.53
CA ARG D 298 -13.19 39.38 1.19
C ARG D 298 -13.96 39.14 -0.11
N GLY D 299 -13.62 38.03 -0.76
CA GLY D 299 -14.24 37.63 -1.99
C GLY D 299 -13.87 36.21 -2.36
N PRO D 300 -14.16 35.79 -3.58
CA PRO D 300 -13.78 34.45 -4.01
C PRO D 300 -12.27 34.27 -4.03
N SER D 301 -11.85 33.03 -3.78
CA SER D 301 -10.43 32.71 -3.80
C SER D 301 -9.85 32.91 -5.20
N LEU D 302 -8.60 33.35 -5.26
CA LEU D 302 -7.94 33.68 -6.52
C LEU D 302 -6.68 32.84 -6.70
N ARG D 303 -6.40 32.48 -7.94
CA ARG D 303 -5.20 31.72 -8.27
C ARG D 303 -4.00 32.65 -8.34
N SER D 304 -2.83 32.15 -7.92
CA SER D 304 -1.64 32.97 -7.85
C SER D 304 -0.99 33.21 -9.21
N THR D 305 -1.32 32.42 -10.23
CA THR D 305 -0.86 32.66 -11.59
C THR D 305 -2.06 32.97 -12.47
N THR D 306 -1.83 33.79 -13.49
CA THR D 306 -2.87 34.14 -14.45
C THR D 306 -3.10 32.98 -15.41
N ALA D 307 -4.02 33.17 -16.35
CA ALA D 307 -4.33 32.12 -17.31
C ALA D 307 -3.14 31.82 -18.21
N SER D 308 -2.27 32.79 -18.43
CA SER D 308 -1.08 32.60 -19.26
C SER D 308 0.14 32.19 -18.47
N GLY D 309 0.03 32.06 -17.15
CA GLY D 309 1.13 31.57 -16.33
C GLY D 309 1.94 32.61 -15.61
N ARG D 310 1.55 33.88 -15.66
CA ARG D 310 2.30 34.93 -14.98
C ARG D 310 2.02 34.92 -13.48
N VAL D 311 3.07 34.96 -12.69
CA VAL D 311 2.94 34.99 -11.24
C VAL D 311 2.72 36.42 -10.79
N ILE D 312 1.67 36.64 -10.00
CA ILE D 312 1.43 37.93 -9.39
C ILE D 312 2.26 38.02 -8.11
N GLU D 313 2.94 39.15 -7.92
CA GLU D 313 3.99 39.25 -6.91
C GLU D 313 3.51 39.83 -5.58
N GLU D 314 2.64 40.84 -5.59
CA GLU D 314 2.29 41.56 -4.37
C GLU D 314 0.81 41.35 -4.03
N TRP D 315 0.56 40.95 -2.80
CA TRP D 315 -0.79 40.74 -2.29
C TRP D 315 -0.94 41.46 -0.96
N CYS D 316 -2.19 41.79 -0.61
CA CYS D 316 -2.50 42.51 0.62
C CYS D 316 -3.64 41.82 1.34
N CYS D 317 -3.94 42.33 2.54
CA CYS D 317 -5.10 41.92 3.32
C CYS D 317 -5.20 42.82 4.54
N ARG D 318 -6.37 42.81 5.18
CA ARG D 318 -6.69 43.82 6.19
C ARG D 318 -6.21 43.41 7.57
N GLU D 319 -6.60 42.23 8.06
CA GLU D 319 -6.38 41.87 9.46
C GLU D 319 -5.86 40.44 9.59
N CYS D 320 -4.93 40.05 8.73
CA CYS D 320 -4.46 38.68 8.68
C CYS D 320 -3.54 38.38 9.86
N THR D 321 -3.07 37.14 9.91
CA THR D 321 -1.91 36.75 10.67
C THR D 321 -0.98 35.98 9.75
N MET D 322 0.28 36.16 9.93
CA MET D 322 1.15 35.47 8.99
C MET D 322 1.65 34.16 9.59
N PRO D 323 1.94 33.15 8.75
CA PRO D 323 1.86 33.09 7.29
C PRO D 323 0.43 33.03 6.76
N PRO D 324 0.22 33.39 5.50
CA PRO D 324 -1.13 33.43 4.94
C PRO D 324 -1.66 32.05 4.60
N LEU D 325 -3.00 31.97 4.57
CA LEU D 325 -3.69 30.74 4.20
C LEU D 325 -3.63 30.52 2.69
N SER D 326 -3.30 29.30 2.28
CA SER D 326 -3.20 28.99 0.86
C SER D 326 -3.63 27.55 0.61
N PHE D 327 -4.15 27.31 -0.59
CA PHE D 327 -4.58 25.99 -1.02
C PHE D 327 -3.67 25.49 -2.13
N ARG D 328 -3.12 24.29 -1.98
CA ARG D 328 -2.27 23.69 -2.99
C ARG D 328 -3.07 22.66 -3.77
N ALA D 329 -3.21 22.89 -5.08
CA ALA D 329 -3.93 22.00 -5.96
C ALA D 329 -3.01 21.61 -7.12
N LYS D 330 -3.57 20.90 -8.09
CA LYS D 330 -2.76 20.43 -9.22
C LYS D 330 -2.39 21.58 -10.15
N ASP D 331 -3.28 22.55 -10.33
CA ASP D 331 -3.02 23.65 -11.24
C ASP D 331 -2.26 24.81 -10.58
N GLY D 332 -1.97 24.73 -9.29
CA GLY D 332 -1.15 25.73 -8.65
C GLY D 332 -1.78 26.21 -7.36
N CYS D 333 -1.32 27.37 -6.91
CA CYS D 333 -1.80 27.96 -5.67
C CYS D 333 -3.09 28.72 -5.82
N TRP D 334 -3.85 28.75 -4.73
CA TRP D 334 -4.94 29.67 -4.52
C TRP D 334 -4.76 30.29 -3.14
N TYR D 335 -5.20 31.53 -2.99
CA TYR D 335 -5.10 32.21 -1.70
C TYR D 335 -6.45 32.19 -0.99
N GLY D 336 -6.40 32.50 0.30
CA GLY D 336 -7.62 32.61 1.08
C GLY D 336 -8.49 33.76 0.65
N MET D 337 -9.74 33.75 1.13
CA MET D 337 -10.67 34.80 0.76
C MET D 337 -10.26 36.17 1.29
N GLU D 338 -9.41 36.23 2.31
CA GLU D 338 -9.01 37.49 2.89
C GLU D 338 -7.86 38.16 2.14
N ILE D 339 -7.18 37.45 1.25
CA ILE D 339 -5.96 37.94 0.62
C ILE D 339 -6.28 38.35 -0.81
N ARG D 340 -6.03 39.62 -1.13
CA ARG D 340 -6.31 40.19 -2.43
C ARG D 340 -5.04 40.81 -3.02
N PRO D 341 -4.94 40.90 -4.34
CA PRO D 341 -3.76 41.53 -4.95
C PRO D 341 -3.74 43.04 -4.71
N ARG D 342 -2.53 43.59 -4.71
CA ARG D 342 -2.36 45.01 -4.42
C ARG D 342 -2.62 45.87 -5.65
N LYS D 343 -1.85 45.65 -6.71
CA LYS D 343 -1.92 46.47 -7.92
C LYS D 343 -2.76 45.84 -9.02
N GLU D 344 -2.69 44.53 -9.19
CA GLU D 344 -3.41 43.86 -10.25
C GLU D 344 -4.91 43.94 -10.01
N PRO D 345 -5.72 44.31 -11.00
CA PRO D 345 -7.17 44.26 -10.83
C PRO D 345 -7.65 42.83 -10.63
N GLU D 346 -8.74 42.68 -9.87
CA GLU D 346 -9.25 41.36 -9.56
C GLU D 346 -9.94 40.70 -10.74
N SER D 347 -10.29 41.46 -11.78
CA SER D 347 -10.94 40.90 -12.95
C SER D 347 -9.99 40.16 -13.88
N ASN D 348 -8.68 40.33 -13.69
CA ASN D 348 -7.68 39.76 -14.58
C ASN D 348 -7.18 38.40 -14.13
N LEU D 349 -7.78 37.81 -13.10
CA LEU D 349 -7.26 36.61 -12.48
C LEU D 349 -8.29 35.48 -12.54
N VAL D 350 -7.80 34.26 -12.36
CA VAL D 350 -8.66 33.08 -12.28
C VAL D 350 -9.23 32.98 -10.88
N ARG D 351 -10.55 32.87 -10.79
CA ARG D 351 -11.25 32.88 -9.52
C ARG D 351 -12.03 31.59 -9.34
N SER D 352 -12.65 31.45 -8.17
CA SER D 352 -13.42 30.27 -7.82
C SER D 352 -14.91 30.57 -7.99
N MET D 353 -15.64 29.59 -8.54
CA MET D 353 -17.05 29.75 -8.83
C MET D 353 -17.94 28.86 -7.97
N VAL D 354 -17.39 28.22 -6.95
CA VAL D 354 -18.10 27.24 -6.14
C VAL D 354 -18.34 27.83 -4.76
N THR D 355 -19.59 27.74 -4.29
CA THR D 355 -19.96 28.17 -2.96
C THR D 355 -20.51 26.98 -2.18
N ALA D 356 -20.04 26.81 -0.95
CA ALA D 356 -20.50 25.73 -0.10
C ALA D 356 -21.84 26.09 0.55
N HIS E 5 4.84 8.96 14.09
CA HIS E 5 5.36 7.70 14.60
C HIS E 5 4.89 6.55 13.71
N HIS E 6 5.77 5.60 13.48
CA HIS E 6 5.46 4.40 12.73
C HIS E 6 5.29 3.24 13.70
N GLY E 7 4.50 2.25 13.33
CA GLY E 7 4.29 1.11 14.20
C GLY E 7 3.37 0.10 13.57
N CYS E 8 3.22 -1.02 14.25
CA CYS E 8 2.38 -2.12 13.82
C CYS E 8 1.48 -2.57 14.96
N SER E 9 0.31 -3.09 14.62
CA SER E 9 -0.66 -3.52 15.62
C SER E 9 -1.39 -4.75 15.13
N VAL E 10 -1.96 -5.49 16.07
CA VAL E 10 -2.68 -6.72 15.79
C VAL E 10 -4.03 -6.67 16.50
N ASP E 11 -5.00 -7.38 15.93
CA ASP E 11 -6.29 -7.64 16.58
C ASP E 11 -6.38 -9.16 16.76
N PHE E 12 -6.17 -9.61 18.00
CA PHE E 12 -6.13 -11.04 18.26
C PHE E 12 -7.49 -11.70 18.11
N SER E 13 -8.57 -10.92 18.10
CA SER E 13 -9.90 -11.49 17.90
C SER E 13 -10.03 -12.11 16.52
N LYS E 14 -9.54 -11.41 15.49
CA LYS E 14 -9.70 -11.83 14.10
C LYS E 14 -8.37 -12.05 13.40
N LYS E 15 -7.26 -11.93 14.14
CA LYS E 15 -5.93 -12.30 13.66
C LYS E 15 -5.54 -11.52 12.41
N GLU E 16 -5.55 -10.19 12.54
CA GLU E 16 -5.21 -9.29 11.44
C GLU E 16 -4.15 -8.32 11.91
N THR E 17 -3.11 -8.13 11.10
CA THR E 17 -1.94 -7.32 11.45
C THR E 17 -1.71 -6.29 10.36
N ARG E 18 -1.28 -5.10 10.76
CA ARG E 18 -1.00 -4.03 9.82
C ARG E 18 -0.08 -3.01 10.45
N CYS E 19 0.57 -2.21 9.60
CA CYS E 19 1.52 -1.19 10.02
C CYS E 19 1.17 0.13 9.35
N GLY E 20 1.86 1.18 9.76
CA GLY E 20 1.64 2.51 9.19
C GLY E 20 2.03 3.59 10.16
N THR E 21 1.59 4.81 9.86
CA THR E 21 1.84 5.99 10.66
C THR E 21 0.56 6.49 11.30
N GLY E 22 0.70 7.23 12.39
CA GLY E 22 -0.47 7.82 13.03
C GLY E 22 -0.17 8.21 14.46
N VAL E 23 -1.24 8.25 15.26
CA VAL E 23 -1.18 8.65 16.65
C VAL E 23 -1.71 7.49 17.49
N PHE E 24 -0.91 7.06 18.47
CA PHE E 24 -1.22 5.88 19.27
C PHE E 24 -1.24 6.26 20.75
N VAL E 25 -2.32 5.90 21.42
CA VAL E 25 -2.52 6.18 22.85
C VAL E 25 -2.45 4.86 23.60
N TYR E 26 -1.49 4.73 24.51
CA TYR E 26 -1.23 3.49 25.22
C TYR E 26 -1.79 3.53 26.63
N ASN E 27 -2.04 2.33 27.17
CA ASN E 27 -2.49 2.19 28.55
C ASN E 27 -1.28 2.20 29.47
N ASP E 28 -1.10 3.28 30.21
CA ASP E 28 0.04 3.47 31.09
C ASP E 28 -0.30 3.43 32.56
N VAL E 29 -1.59 3.43 32.91
CA VAL E 29 -1.99 3.53 34.31
C VAL E 29 -1.61 2.26 35.07
N GLU E 30 -1.91 1.11 34.51
CA GLU E 30 -1.65 -0.15 35.19
C GLU E 30 -0.47 -0.90 34.58
N TYR E 38 11.34 12.38 40.07
CA TYR E 38 11.69 12.91 38.76
C TYR E 38 12.71 14.03 38.86
N HIS E 39 12.67 14.93 37.89
CA HIS E 39 13.77 15.88 37.67
C HIS E 39 13.22 17.30 37.61
N PRO E 40 13.28 18.05 38.72
CA PRO E 40 12.59 19.35 38.79
C PRO E 40 13.26 20.46 37.98
N ASP E 41 12.78 21.68 38.20
CA ASP E 41 13.19 22.83 37.39
C ASP E 41 14.70 23.02 37.41
N SER E 42 15.26 23.35 38.57
CA SER E 42 16.67 23.71 38.64
C SER E 42 17.19 23.47 40.05
N PRO E 43 18.44 23.01 40.19
CA PRO E 43 18.93 22.64 41.53
C PRO E 43 18.94 23.78 42.53
N ARG E 44 19.21 25.01 42.10
CA ARG E 44 19.27 26.13 43.02
C ARG E 44 18.11 27.10 42.88
N ARG E 45 17.48 27.16 41.70
CA ARG E 45 16.32 28.02 41.52
C ARG E 45 15.09 27.51 42.25
N LEU E 46 14.90 26.19 42.28
CA LEU E 46 13.83 25.61 43.06
C LEU E 46 14.02 25.91 44.55
N ALA E 47 15.26 25.82 45.03
CA ALA E 47 15.54 26.13 46.43
C ALA E 47 15.24 27.59 46.74
N ALA E 48 15.57 28.50 45.82
CA ALA E 48 15.23 29.91 46.01
C ALA E 48 13.72 30.11 46.04
N ALA E 49 12.99 29.42 45.17
CA ALA E 49 11.54 29.52 45.17
C ALA E 49 10.95 29.01 46.49
N VAL E 50 11.48 27.90 47.00
CA VAL E 50 11.00 27.33 48.26
C VAL E 50 11.28 28.30 49.41
N LYS E 51 12.48 28.90 49.42
CA LYS E 51 12.81 29.86 50.46
C LYS E 51 11.89 31.08 50.42
N GLN E 52 11.65 31.61 49.21
CA GLN E 52 10.75 32.75 49.08
C GLN E 52 9.33 32.41 49.52
N ALA E 53 8.86 31.20 49.18
CA ALA E 53 7.54 30.78 49.60
C ALA E 53 7.46 30.58 51.11
N TRP E 54 8.55 30.13 51.73
CA TRP E 54 8.54 29.97 53.18
C TRP E 54 8.57 31.32 53.89
N GLU E 55 9.21 32.32 53.28
CA GLU E 55 9.32 33.62 53.93
C GLU E 55 7.95 34.27 54.13
N ASP E 56 7.09 34.23 53.11
CA ASP E 56 5.81 34.94 53.17
C ASP E 56 4.67 34.07 53.70
N GLY E 57 4.99 32.94 54.32
CA GLY E 57 4.00 32.18 55.07
C GLY E 57 3.32 31.04 54.35
N ILE E 58 4.02 30.32 53.47
CA ILE E 58 3.48 29.10 52.88
C ILE E 58 4.08 27.91 53.61
N CYS E 59 3.23 27.14 54.28
CA CYS E 59 3.69 26.03 55.10
C CYS E 59 4.34 24.93 54.27
N GLY E 60 3.68 24.49 53.22
CA GLY E 60 4.16 23.33 52.49
C GLY E 60 3.36 23.08 51.23
N ILE E 61 3.45 21.83 50.76
CA ILE E 61 2.99 21.46 49.43
C ILE E 61 1.96 20.34 49.55
N SER E 62 0.85 20.50 48.85
N SER E 62 0.84 20.49 48.86
CA SER E 62 -0.13 19.43 48.65
CA SER E 62 -0.12 19.40 48.67
C SER E 62 -0.02 18.97 47.19
C SER E 62 -0.04 18.96 47.22
N SER E 63 0.27 17.69 47.01
CA SER E 63 0.54 17.19 45.65
C SER E 63 -0.74 17.05 44.83
N VAL E 64 -0.64 17.39 43.54
N VAL E 64 -0.63 17.38 43.54
CA VAL E 64 -1.75 17.17 42.63
CA VAL E 64 -1.75 17.17 42.63
C VAL E 64 -1.94 15.68 42.37
C VAL E 64 -1.94 15.68 42.37
N SER E 65 -0.85 14.97 42.11
CA SER E 65 -0.91 13.57 41.74
C SER E 65 0.20 12.81 42.44
N ARG E 66 0.26 11.50 42.16
CA ARG E 66 1.32 10.64 42.66
C ARG E 66 2.68 11.00 42.07
N MET E 67 2.69 11.51 40.83
CA MET E 67 3.94 11.88 40.17
C MET E 67 4.69 12.95 40.94
N GLU E 68 3.99 13.99 41.41
CA GLU E 68 4.67 15.05 42.15
C GLU E 68 5.21 14.55 43.47
N ASN E 69 4.49 13.65 44.14
CA ASN E 69 5.00 13.08 45.39
C ASN E 69 6.27 12.29 45.15
N ILE E 70 6.30 11.47 44.10
CA ILE E 70 7.51 10.71 43.82
C ILE E 70 8.66 11.64 43.43
N MET E 71 8.36 12.71 42.70
N MET E 71 8.36 12.71 42.70
CA MET E 71 9.39 13.69 42.37
CA MET E 71 9.39 13.69 42.37
C MET E 71 9.97 14.32 43.61
C MET E 71 9.97 14.32 43.61
N TRP E 72 9.11 14.70 44.57
CA TRP E 72 9.60 15.31 45.81
C TRP E 72 10.44 14.32 46.61
N ARG E 73 10.03 13.04 46.65
CA ARG E 73 10.86 12.04 47.30
C ARG E 73 12.23 11.92 46.63
N SER E 74 12.26 12.02 45.30
CA SER E 74 13.49 11.75 44.56
C SER E 74 14.54 12.86 44.75
N VAL E 75 14.14 14.07 45.13
CA VAL E 75 15.09 15.18 45.22
C VAL E 75 15.05 15.83 46.59
N GLU E 76 14.57 15.12 47.60
CA GLU E 76 14.52 15.69 48.94
C GLU E 76 15.91 15.91 49.52
N GLY E 77 16.75 14.87 49.47
CA GLY E 77 18.07 14.97 50.07
C GLY E 77 18.97 15.97 49.36
N GLU E 78 18.95 15.97 48.03
CA GLU E 78 19.77 16.91 47.28
C GLU E 78 19.32 18.35 47.53
N LEU E 79 18.01 18.58 47.60
CA LEU E 79 17.50 19.92 47.91
C LEU E 79 17.92 20.35 49.30
N ASN E 80 17.87 19.43 50.27
CA ASN E 80 18.35 19.73 51.62
C ASN E 80 19.84 20.09 51.61
N ALA E 81 20.63 19.35 50.84
CA ALA E 81 22.07 19.64 50.77
C ALA E 81 22.33 21.01 50.15
N ILE E 82 21.59 21.37 49.11
CA ILE E 82 21.76 22.68 48.50
C ILE E 82 21.35 23.78 49.48
N LEU E 83 20.26 23.57 50.22
CA LEU E 83 19.87 24.56 51.22
C LEU E 83 20.88 24.63 52.36
N GLU E 84 21.59 23.54 52.63
CA GLU E 84 22.61 23.55 53.67
C GLU E 84 23.85 24.31 53.23
N GLU E 85 24.27 24.12 51.97
CA GLU E 85 25.49 24.77 51.47
C GLU E 85 25.40 26.29 51.55
N ASN E 86 24.19 26.85 51.44
CA ASN E 86 24.00 28.29 51.44
C ASN E 86 23.59 28.83 52.80
N GLY E 87 23.64 28.00 53.84
CA GLY E 87 23.37 28.46 55.19
C GLY E 87 21.94 28.91 55.46
N VAL E 88 20.95 28.15 55.00
CA VAL E 88 19.55 28.44 55.24
C VAL E 88 18.99 27.37 56.17
N GLN E 89 18.42 27.79 57.29
CA GLN E 89 17.90 26.86 58.30
C GLN E 89 16.49 26.45 57.91
N LEU E 90 16.41 25.50 56.97
CA LEU E 90 15.14 25.00 56.48
C LEU E 90 15.35 23.60 55.91
N THR E 91 14.38 22.72 56.12
CA THR E 91 14.43 21.36 55.59
C THR E 91 13.08 21.00 54.98
N VAL E 92 13.14 20.06 54.04
CA VAL E 92 11.96 19.55 53.36
C VAL E 92 11.66 18.15 53.87
N VAL E 93 10.42 17.93 54.32
CA VAL E 93 9.97 16.64 54.83
C VAL E 93 8.87 16.14 53.91
N VAL E 94 9.08 14.94 53.34
CA VAL E 94 8.15 14.36 52.36
C VAL E 94 7.54 13.11 52.97
N GLY E 95 6.21 13.07 53.05
CA GLY E 95 5.49 11.93 53.53
C GLY E 95 4.82 11.15 52.41
N SER E 96 3.73 10.48 52.74
CA SER E 96 2.92 9.76 51.78
C SER E 96 1.58 10.46 51.60
N VAL E 97 0.87 10.07 50.54
CA VAL E 97 -0.36 10.74 50.15
C VAL E 97 -1.54 9.89 50.59
N LYS E 98 -2.68 10.54 50.75
CA LYS E 98 -3.94 9.86 51.02
C LYS E 98 -5.02 10.47 50.12
N ASN E 99 -5.99 9.68 49.79
CA ASN E 99 -7.01 10.06 48.81
C ASN E 99 -8.28 10.52 49.50
N PRO E 100 -9.00 11.50 48.92
CA PRO E 100 -8.64 12.27 47.72
C PRO E 100 -7.61 13.35 48.02
N MET E 101 -6.93 13.84 46.99
CA MET E 101 -5.90 14.87 47.15
C MET E 101 -6.56 16.23 47.04
N TRP E 102 -6.84 16.85 48.18
CA TRP E 102 -7.50 18.13 48.20
C TRP E 102 -6.57 19.23 47.71
N ARG E 103 -7.16 20.34 47.27
CA ARG E 103 -6.41 21.43 46.64
C ARG E 103 -6.19 22.56 47.63
N GLY E 104 -5.02 23.19 47.52
CA GLY E 104 -4.67 24.33 48.35
C GLY E 104 -4.71 25.64 47.58
N PRO E 105 -4.87 26.75 48.29
CA PRO E 105 -5.07 28.04 47.61
C PRO E 105 -3.78 28.75 47.21
N GLN E 106 -2.66 28.43 47.85
CA GLN E 106 -1.41 29.13 47.56
C GLN E 106 -0.75 28.55 46.31
N ARG E 107 0.21 29.30 45.78
CA ARG E 107 1.04 28.85 44.67
C ARG E 107 2.49 29.25 44.95
N LEU E 108 3.41 28.40 44.48
CA LEU E 108 4.82 28.73 44.62
C LEU E 108 5.17 29.92 43.74
N PRO E 109 5.99 30.86 44.23
CA PRO E 109 6.38 32.01 43.42
C PRO E 109 7.59 31.71 42.55
N VAL E 110 7.68 32.45 41.45
CA VAL E 110 8.85 32.40 40.56
C VAL E 110 9.90 33.34 41.13
N PRO E 111 11.03 32.84 41.61
CA PRO E 111 12.02 33.73 42.22
C PRO E 111 12.73 34.58 41.18
N VAL E 112 12.85 35.88 41.48
CA VAL E 112 13.53 36.77 40.55
C VAL E 112 15.02 36.45 40.49
N ASN E 113 15.60 35.99 41.59
CA ASN E 113 17.03 35.70 41.66
C ASN E 113 17.24 34.27 42.16
N GLU E 114 18.44 33.75 41.95
CA GLU E 114 18.79 32.39 42.29
C GLU E 114 19.79 32.37 43.43
N LEU E 115 19.70 31.34 44.28
CA LEU E 115 20.62 31.17 45.39
C LEU E 115 22.02 30.91 44.83
N PRO E 116 23.09 31.43 45.47
CA PRO E 116 24.46 31.24 45.01
C PRO E 116 24.95 29.80 45.15
N TYR E 126 27.79 16.97 48.18
CA TYR E 126 26.36 16.90 47.97
C TYR E 126 25.72 15.77 48.76
N PHE E 127 26.46 14.67 48.91
CA PHE E 127 25.92 13.51 49.61
C PHE E 127 25.81 13.73 51.11
N VAL E 128 26.36 14.82 51.63
CA VAL E 128 26.30 15.11 53.06
C VAL E 128 24.91 15.66 53.37
N ARG E 129 24.21 15.01 54.29
CA ARG E 129 22.84 15.37 54.62
C ARG E 129 22.79 16.23 55.88
N ALA E 130 22.05 17.34 55.81
CA ALA E 130 21.95 18.25 56.94
C ALA E 130 21.22 17.60 58.10
N ALA E 131 21.61 17.98 59.31
CA ALA E 131 20.96 17.47 60.50
C ALA E 131 19.55 18.04 60.64
N LYS E 132 18.83 17.55 61.65
CA LYS E 132 17.47 17.99 61.88
C LYS E 132 17.42 19.47 62.22
N THR E 133 16.85 20.26 61.32
CA THR E 133 16.64 21.68 61.53
C THR E 133 15.30 21.91 62.23
N ASN E 134 15.23 22.98 63.01
CA ASN E 134 14.02 23.29 63.77
C ASN E 134 12.84 23.62 62.87
N ASN E 135 13.08 24.07 61.65
CA ASN E 135 12.01 24.48 60.74
C ASN E 135 11.78 23.40 59.68
N SER E 136 10.53 23.00 59.52
CA SER E 136 10.16 21.91 58.63
C SER E 136 9.20 22.42 57.56
N PHE E 137 9.55 22.15 56.30
CA PHE E 137 8.70 22.47 55.15
C PHE E 137 8.11 21.15 54.67
N VAL E 138 6.85 20.91 54.99
CA VAL E 138 6.25 19.58 54.83
C VAL E 138 5.53 19.50 53.48
N VAL E 139 5.92 18.52 52.67
CA VAL E 139 5.21 18.14 51.46
C VAL E 139 4.10 17.19 51.89
N ASP E 140 3.17 16.88 50.98
CA ASP E 140 1.98 16.08 51.25
C ASP E 140 2.28 14.91 52.19
N GLY E 141 1.57 14.88 53.32
CA GLY E 141 1.81 13.87 54.32
C GLY E 141 0.79 13.98 55.44
N ASP E 142 1.10 13.31 56.55
CA ASP E 142 0.24 13.34 57.74
C ASP E 142 0.74 14.42 58.70
N THR E 143 0.55 15.67 58.30
CA THR E 143 0.99 16.83 59.07
C THR E 143 -0.07 17.92 59.10
N LEU E 144 -1.35 17.54 59.08
CA LEU E 144 -2.41 18.54 59.00
C LEU E 144 -2.53 19.34 60.29
N LYS E 145 -2.31 18.70 61.44
CA LYS E 145 -2.40 19.44 62.70
C LYS E 145 -1.30 20.49 62.83
N GLU E 146 -0.12 20.22 62.25
CA GLU E 146 0.97 21.17 62.31
C GLU E 146 0.61 22.48 61.62
N CYS E 147 -0.05 22.38 60.45
CA CYS E 147 -0.46 23.55 59.70
C CYS E 147 -1.60 23.20 58.77
N PRO E 148 -2.59 24.07 58.59
CA PRO E 148 -3.81 23.69 57.87
C PRO E 148 -3.65 23.65 56.36
N LEU E 149 -4.76 23.40 55.66
CA LEU E 149 -4.76 23.33 54.21
C LEU E 149 -4.72 24.72 53.56
N LYS E 150 -5.24 25.74 54.24
CA LYS E 150 -5.31 27.07 53.66
C LYS E 150 -3.96 27.76 53.57
N HIS E 151 -2.88 27.11 53.97
CA HIS E 151 -1.54 27.68 53.91
C HIS E 151 -0.58 26.77 53.16
N ARG E 152 -1.09 26.05 52.15
CA ARG E 152 -0.30 25.12 51.37
C ARG E 152 -0.38 25.49 49.89
N ALA E 153 0.65 25.09 49.14
CA ALA E 153 0.72 25.32 47.71
C ALA E 153 0.24 24.09 46.96
N TRP E 154 -0.49 24.30 45.87
CA TRP E 154 -1.07 23.21 45.09
C TRP E 154 -0.99 23.56 43.61
N ASN E 155 -0.57 22.58 42.80
CA ASN E 155 -0.57 22.69 41.34
C ASN E 155 0.27 23.88 40.86
N SER E 156 1.58 23.76 41.11
CA SER E 156 2.51 24.83 40.83
C SER E 156 3.54 24.48 39.75
N PHE E 157 3.51 23.27 39.20
CA PHE E 157 4.50 22.82 38.24
C PHE E 157 3.86 22.58 36.87
N LEU E 158 4.70 22.67 35.83
CA LEU E 158 4.32 22.33 34.47
C LEU E 158 5.39 21.46 33.85
N VAL E 159 5.01 20.73 32.81
CA VAL E 159 5.95 19.91 32.05
C VAL E 159 6.48 20.73 30.88
N GLU E 160 7.80 20.90 30.83
CA GLU E 160 8.42 21.56 29.68
C GLU E 160 8.36 20.66 28.45
N ASP E 161 8.92 19.45 28.56
CA ASP E 161 8.94 18.48 27.46
C ASP E 161 8.73 17.09 28.04
N HIS E 162 7.54 16.54 27.80
CA HIS E 162 7.24 15.17 28.23
C HIS E 162 7.91 14.19 27.28
N GLY E 163 8.92 13.49 27.78
CA GLY E 163 9.71 12.59 26.97
C GLY E 163 11.17 12.68 27.40
N PHE E 164 11.88 11.57 27.25
CA PHE E 164 13.28 11.48 27.70
C PHE E 164 14.16 12.53 27.05
N THR E 169 13.69 7.78 30.94
CA THR E 169 12.80 8.88 30.58
C THR E 169 12.92 10.02 31.58
N SER E 170 13.46 11.15 31.12
CA SER E 170 13.64 12.33 31.96
C SER E 170 12.48 13.29 31.71
N VAL E 171 11.74 13.61 32.75
CA VAL E 171 10.63 14.56 32.68
C VAL E 171 11.12 15.88 33.24
N TRP E 172 11.09 16.93 32.42
CA TRP E 172 11.64 18.23 32.79
C TRP E 172 10.51 19.13 33.26
N LEU E 173 10.45 19.37 34.57
CA LEU E 173 9.40 20.20 35.16
C LEU E 173 9.87 21.64 35.31
N LYS E 174 8.93 22.50 35.71
CA LYS E 174 9.17 23.94 35.71
C LYS E 174 8.09 24.61 36.55
N VAL E 175 8.49 25.60 37.33
CA VAL E 175 7.55 26.33 38.18
C VAL E 175 6.83 27.37 37.34
N ARG E 176 5.51 27.25 37.25
CA ARG E 176 4.70 28.11 36.41
C ARG E 176 4.57 29.51 37.02
N GLU E 177 4.14 30.46 36.20
CA GLU E 177 3.95 31.83 36.64
C GLU E 177 2.49 32.17 36.96
N ASP E 178 1.54 31.62 36.22
CA ASP E 178 0.15 32.01 36.38
C ASP E 178 -0.58 31.05 37.32
N TYR E 179 -1.84 31.40 37.59
CA TYR E 179 -2.70 30.68 38.53
C TYR E 179 -3.79 29.96 37.74
N SER E 180 -3.90 28.66 37.94
CA SER E 180 -4.85 27.85 37.17
C SER E 180 -5.30 26.66 37.99
N LEU E 181 -6.46 26.13 37.62
CA LEU E 181 -7.05 24.96 38.26
C LEU E 181 -7.11 23.76 37.34
N GLU E 182 -6.40 23.81 36.21
CA GLU E 182 -6.47 22.77 35.19
C GLU E 182 -5.38 21.73 35.38
N CYS E 183 -5.69 20.48 35.06
CA CYS E 183 -4.69 19.44 35.07
C CYS E 183 -3.68 19.67 33.94
N ASP E 184 -2.47 19.18 34.14
CA ASP E 184 -1.40 19.40 33.17
C ASP E 184 -1.68 18.65 31.88
N PRO E 185 -1.86 19.33 30.76
CA PRO E 185 -2.29 18.66 29.53
C PRO E 185 -1.16 17.99 28.74
N ALA E 186 0.09 18.12 29.18
CA ALA E 186 1.21 17.53 28.46
C ALA E 186 1.23 16.01 28.57
N VAL E 187 0.47 15.43 29.50
CA VAL E 187 0.48 13.99 29.73
C VAL E 187 -0.87 13.35 29.45
N ILE E 188 -1.79 14.08 28.82
CA ILE E 188 -3.14 13.60 28.55
C ILE E 188 -3.20 13.01 27.14
N GLY E 189 -3.86 11.87 27.02
CA GLY E 189 -4.10 11.28 25.72
C GLY E 189 -5.54 10.82 25.54
N THR E 190 -6.24 11.41 24.58
CA THR E 190 -7.62 11.06 24.28
C THR E 190 -7.72 10.60 22.83
N ALA E 191 -8.47 9.52 22.60
CA ALA E 191 -8.63 9.01 21.25
C ALA E 191 -9.99 8.31 21.12
N VAL E 192 -10.56 8.40 19.93
CA VAL E 192 -11.76 7.65 19.57
C VAL E 192 -11.52 7.03 18.20
N LYS E 193 -11.92 5.77 18.05
CA LYS E 193 -11.79 5.06 16.78
C LYS E 193 -12.99 4.14 16.62
N GLY E 194 -13.93 4.50 15.75
CA GLY E 194 -15.08 3.68 15.53
C GLY E 194 -16.08 3.71 16.67
N LYS E 195 -16.14 2.63 17.45
CA LYS E 195 -17.09 2.50 18.55
C LYS E 195 -16.41 2.42 19.91
N GLU E 196 -15.12 2.73 20.02
CA GLU E 196 -14.41 2.69 21.29
C GLU E 196 -13.62 3.98 21.48
N ALA E 197 -13.70 4.55 22.68
CA ALA E 197 -13.04 5.80 23.02
C ALA E 197 -12.33 5.67 24.35
N VAL E 198 -11.35 6.54 24.58
CA VAL E 198 -10.57 6.55 25.81
C VAL E 198 -10.23 7.99 26.19
N HIS E 199 -10.38 8.30 27.47
CA HIS E 199 -9.80 9.49 28.09
C HIS E 199 -8.78 9.00 29.11
N SER E 200 -7.52 9.44 28.98
CA SER E 200 -6.49 8.87 29.83
C SER E 200 -5.44 9.92 30.17
N ASP E 201 -4.75 9.66 31.28
CA ASP E 201 -3.52 10.34 31.66
C ASP E 201 -2.68 9.34 32.46
N LEU E 202 -1.71 9.84 33.22
CA LEU E 202 -0.82 8.95 33.95
C LEU E 202 -1.52 8.16 35.06
N GLY E 203 -2.69 8.61 35.50
CA GLY E 203 -3.39 7.91 36.56
C GLY E 203 -4.80 7.45 36.23
N TYR E 204 -5.38 7.95 35.15
CA TYR E 204 -6.76 7.66 34.79
C TYR E 204 -6.81 6.89 33.48
N TRP E 205 -7.74 5.93 33.41
CA TRP E 205 -8.02 5.20 32.17
C TRP E 205 -9.53 4.98 32.11
N ILE E 206 -10.22 5.77 31.28
CA ILE E 206 -11.67 5.83 31.27
C ILE E 206 -12.16 5.44 29.88
N GLU E 207 -12.91 4.34 29.81
CA GLU E 207 -13.37 3.80 28.54
C GLU E 207 -14.85 4.07 28.33
N SER E 208 -15.22 4.23 27.06
CA SER E 208 -16.61 4.38 26.67
C SER E 208 -16.85 3.59 25.39
N GLU E 209 -18.12 3.26 25.14
CA GLU E 209 -18.49 2.39 24.03
C GLU E 209 -19.74 2.93 23.36
N LYS E 210 -19.96 2.51 22.12
CA LYS E 210 -21.13 2.88 21.35
C LYS E 210 -22.14 1.74 21.44
N ASN E 211 -23.11 1.90 22.34
CA ASN E 211 -24.33 1.10 22.38
C ASN E 211 -25.36 1.84 21.53
N ASP E 212 -26.65 1.56 21.74
CA ASP E 212 -27.70 2.41 21.20
C ASP E 212 -27.38 3.90 21.40
N THR E 213 -26.66 4.21 22.48
CA THR E 213 -26.07 5.52 22.69
C THR E 213 -24.64 5.37 23.16
N TRP E 214 -23.92 6.48 23.26
CA TRP E 214 -22.60 6.49 23.86
C TRP E 214 -22.73 6.49 25.38
N ARG E 215 -21.97 5.64 26.05
CA ARG E 215 -22.07 5.51 27.50
C ARG E 215 -20.73 5.11 28.08
N LEU E 216 -20.56 5.40 29.37
CA LEU E 216 -19.37 4.96 30.10
C LEU E 216 -19.35 3.45 30.21
N LYS E 217 -18.17 2.87 30.01
CA LYS E 217 -18.01 1.42 29.96
C LYS E 217 -17.22 0.88 31.15
N ARG E 218 -16.08 1.49 31.46
CA ARG E 218 -15.21 0.99 32.52
C ARG E 218 -14.18 2.06 32.85
N ALA E 219 -13.87 2.20 34.13
CA ALA E 219 -12.87 3.17 34.58
C ALA E 219 -11.90 2.48 35.52
N HIS E 220 -10.63 2.88 35.46
CA HIS E 220 -9.60 2.39 36.37
C HIS E 220 -8.78 3.58 36.85
N LEU E 221 -8.79 3.82 38.16
CA LEU E 221 -8.16 5.00 38.75
C LEU E 221 -7.20 4.55 39.84
N ILE E 222 -5.92 4.87 39.67
CA ILE E 222 -4.92 4.61 40.72
C ILE E 222 -4.71 5.84 41.60
N GLU E 223 -5.52 6.88 41.44
CA GLU E 223 -5.48 8.07 42.27
C GLU E 223 -6.78 8.81 42.09
N MET E 224 -7.05 9.74 43.00
CA MET E 224 -8.18 10.67 42.87
C MET E 224 -7.70 12.08 43.14
N LYS E 225 -7.39 12.80 42.06
CA LYS E 225 -6.97 14.18 42.12
C LYS E 225 -8.18 15.11 41.98
N THR E 226 -7.97 16.40 42.24
CA THR E 226 -9.05 17.37 42.26
C THR E 226 -8.77 18.55 41.33
N CYS E 227 -8.04 18.33 40.25
CA CYS E 227 -7.89 19.36 39.23
C CYS E 227 -9.06 19.27 38.26
N GLU E 228 -9.00 20.01 37.15
CA GLU E 228 -10.07 20.03 36.16
C GLU E 228 -9.55 19.56 34.82
N TRP E 229 -10.27 18.63 34.20
CA TRP E 229 -9.89 18.09 32.90
C TRP E 229 -10.05 19.17 31.83
N PRO E 230 -9.01 19.49 31.06
CA PRO E 230 -9.14 20.56 30.05
C PRO E 230 -10.06 20.17 28.91
N LYS E 231 -10.81 21.15 28.41
CA LYS E 231 -11.78 20.89 27.35
C LYS E 231 -11.13 20.65 26.00
N SER E 232 -9.92 21.14 25.78
CA SER E 232 -9.22 20.87 24.53
C SER E 232 -8.92 19.39 24.36
N HIS E 233 -8.86 18.63 25.45
CA HIS E 233 -8.58 17.20 25.42
C HIS E 233 -9.82 16.38 25.77
N THR E 234 -10.99 16.87 25.40
CA THR E 234 -12.26 16.22 25.73
C THR E 234 -13.13 16.12 24.49
N LEU E 235 -13.76 14.97 24.30
CA LEU E 235 -14.69 14.76 23.19
C LEU E 235 -16.11 15.10 23.61
N TRP E 236 -16.82 15.83 22.74
CA TRP E 236 -18.25 16.07 22.87
C TRP E 236 -18.59 16.80 24.18
N THR E 237 -18.13 18.04 24.26
CA THR E 237 -18.26 18.85 25.48
C THR E 237 -19.48 19.76 25.48
N ASP E 238 -20.34 19.70 24.48
CA ASP E 238 -21.43 20.64 24.34
C ASP E 238 -22.74 20.02 24.83
N GLY E 239 -23.58 20.87 25.41
CA GLY E 239 -24.92 20.47 25.83
C GLY E 239 -24.98 19.46 26.95
N ILE E 240 -24.15 19.64 27.98
CA ILE E 240 -24.09 18.70 29.10
C ILE E 240 -24.64 19.40 30.34
N GLU E 241 -25.00 18.59 31.33
CA GLU E 241 -25.29 19.04 32.68
C GLU E 241 -24.38 18.30 33.64
N GLU E 242 -23.80 19.03 34.58
CA GLU E 242 -22.81 18.44 35.49
C GLU E 242 -23.44 17.43 36.47
N SER E 243 -24.76 17.38 36.56
CA SER E 243 -25.43 16.41 37.41
C SER E 243 -25.44 15.00 36.81
N ASP E 244 -25.04 14.85 35.55
CA ASP E 244 -25.13 13.57 34.87
C ASP E 244 -23.80 12.85 34.71
N LEU E 245 -22.68 13.51 35.04
CA LEU E 245 -21.37 12.89 34.89
C LEU E 245 -21.12 11.91 36.02
N ILE E 246 -20.76 10.67 35.67
CA ILE E 246 -20.56 9.65 36.69
C ILE E 246 -19.40 10.02 37.61
N ILE E 247 -18.25 10.36 37.04
CA ILE E 247 -17.10 10.82 37.79
C ILE E 247 -17.26 12.32 38.01
N PRO E 248 -17.31 12.80 39.26
CA PRO E 248 -17.59 14.22 39.50
C PRO E 248 -16.55 15.13 38.86
N LYS E 249 -17.01 16.30 38.42
CA LYS E 249 -16.12 17.31 37.86
C LYS E 249 -15.09 17.76 38.90
N SER E 250 -15.43 17.67 40.19
CA SER E 250 -14.49 18.02 41.25
C SER E 250 -13.34 17.02 41.35
N LEU E 251 -13.49 15.83 40.79
CA LEU E 251 -12.45 14.80 40.84
C LEU E 251 -11.81 14.58 39.47
N ALA E 252 -11.73 15.65 38.67
CA ALA E 252 -11.09 15.63 37.35
C ALA E 252 -11.78 14.64 36.41
N GLY E 253 -13.11 14.71 36.36
CA GLY E 253 -13.88 13.95 35.41
C GLY E 253 -14.15 14.76 34.17
N PRO E 254 -13.96 14.16 33.00
CA PRO E 254 -14.21 14.88 31.74
C PRO E 254 -15.67 15.31 31.63
N LEU E 255 -15.86 16.51 31.10
CA LEU E 255 -17.20 17.08 30.91
C LEU E 255 -17.75 16.65 29.56
N SER E 256 -17.98 15.35 29.44
CA SER E 256 -18.26 14.71 28.16
C SER E 256 -19.51 13.85 28.27
N HIS E 257 -20.19 13.68 27.13
CA HIS E 257 -21.26 12.70 27.05
C HIS E 257 -20.73 11.28 27.19
N HIS E 258 -19.43 11.07 26.96
CA HIS E 258 -18.81 9.78 27.19
C HIS E 258 -18.69 9.44 28.66
N ASN E 259 -18.90 10.41 29.54
CA ASN E 259 -18.83 10.24 31.00
C ASN E 259 -20.22 10.16 31.60
N THR E 260 -21.16 9.52 30.91
CA THR E 260 -22.54 9.41 31.37
C THR E 260 -23.03 7.99 31.19
N ARG E 261 -24.13 7.68 31.88
CA ARG E 261 -24.77 6.38 31.78
C ARG E 261 -26.24 6.55 32.15
N GLU E 262 -27.11 5.86 31.40
CA GLU E 262 -28.55 6.06 31.54
C GLU E 262 -29.04 5.52 32.88
N GLY E 263 -29.61 6.38 33.70
CA GLY E 263 -30.18 6.00 34.97
C GLY E 263 -29.34 6.32 36.20
N TYR E 264 -28.23 7.04 36.05
CA TYR E 264 -27.35 7.37 37.16
C TYR E 264 -26.98 8.84 37.12
N ARG E 265 -26.83 9.44 38.30
CA ARG E 265 -26.33 10.80 38.44
C ARG E 265 -24.90 10.76 38.98
N THR E 266 -24.35 11.94 39.28
CA THR E 266 -22.98 12.02 39.73
C THR E 266 -22.80 11.33 41.08
N GLN E 267 -21.68 10.64 41.24
CA GLN E 267 -21.37 9.89 42.45
C GLN E 267 -20.48 10.74 43.34
N MET E 268 -21.09 11.69 44.03
CA MET E 268 -20.35 12.59 44.92
C MET E 268 -20.00 11.93 46.24
N LYS E 269 -20.62 10.81 46.57
CA LYS E 269 -20.42 10.14 47.85
C LYS E 269 -19.95 8.71 47.67
N GLY E 270 -19.07 8.48 46.70
CA GLY E 270 -18.47 7.18 46.52
C GLY E 270 -17.30 6.98 47.46
N PRO E 271 -16.73 5.78 47.40
CA PRO E 271 -15.59 5.45 48.28
C PRO E 271 -14.27 6.01 47.76
N TRP E 272 -14.20 7.35 47.68
CA TRP E 272 -13.03 8.02 47.12
C TRP E 272 -11.83 8.02 48.05
N HIS E 273 -11.88 7.28 49.16
CA HIS E 273 -10.75 7.15 50.06
C HIS E 273 -9.80 6.02 49.68
N SER E 274 -10.20 5.16 48.76
CA SER E 274 -9.39 3.99 48.41
C SER E 274 -8.12 4.39 47.67
N GLU E 275 -7.10 3.54 47.78
CA GLU E 275 -5.84 3.80 47.09
C GLU E 275 -5.93 3.54 45.60
N GLU E 276 -6.78 2.60 45.18
CA GLU E 276 -6.90 2.26 43.76
C GLU E 276 -8.30 1.74 43.53
N LEU E 277 -9.01 2.32 42.57
CA LEU E 277 -10.40 1.99 42.29
C LEU E 277 -10.53 1.42 40.89
N GLU E 278 -11.63 0.70 40.68
CA GLU E 278 -12.03 0.24 39.35
C GLU E 278 -13.55 0.32 39.28
N ILE E 279 -14.06 1.19 38.42
CA ILE E 279 -15.49 1.35 38.23
C ILE E 279 -15.95 0.34 37.18
N ARG E 280 -17.01 -0.39 37.49
CA ARG E 280 -17.42 -1.51 36.67
C ARG E 280 -18.91 -1.72 36.82
N PHE E 281 -19.60 -1.97 35.71
CA PHE E 281 -21.04 -2.17 35.70
C PHE E 281 -21.31 -3.67 35.70
N GLU E 282 -21.37 -4.25 36.89
CA GLU E 282 -21.50 -5.69 37.05
C GLU E 282 -21.89 -6.00 38.48
N GLU E 283 -22.72 -7.04 38.65
CA GLU E 283 -23.00 -7.56 39.98
C GLU E 283 -21.72 -8.04 40.64
N CYS E 284 -21.49 -7.62 41.85
CA CYS E 284 -20.33 -8.26 42.45
C CYS E 284 -20.76 -9.49 43.24
N PRO E 285 -19.87 -10.47 43.38
CA PRO E 285 -20.31 -11.85 43.64
C PRO E 285 -21.16 -11.99 44.90
N GLY E 286 -22.17 -12.85 44.80
CA GLY E 286 -23.02 -13.18 45.92
C GLY E 286 -24.22 -12.29 46.13
N THR E 287 -24.48 -11.34 45.23
CA THR E 287 -25.56 -10.39 45.40
C THR E 287 -26.43 -10.37 44.15
N LYS E 288 -27.61 -9.77 44.29
CA LYS E 288 -28.53 -9.55 43.18
C LYS E 288 -29.30 -8.25 43.42
N VAL E 289 -29.61 -7.55 42.34
CA VAL E 289 -30.27 -6.24 42.41
C VAL E 289 -31.58 -6.30 41.63
N HIS E 290 -32.65 -5.76 42.21
CA HIS E 290 -33.95 -5.69 41.57
C HIS E 290 -34.43 -4.25 41.50
N VAL E 291 -35.07 -3.90 40.38
CA VAL E 291 -35.62 -2.56 40.18
C VAL E 291 -37.01 -2.53 40.83
N GLU E 292 -37.19 -1.62 41.78
CA GLU E 292 -38.44 -1.52 42.52
C GLU E 292 -38.79 -0.06 42.73
N GLU E 293 -40.09 0.20 42.89
CA GLU E 293 -40.57 1.54 43.15
C GLU E 293 -40.62 1.89 44.64
N THR E 294 -40.61 0.88 45.51
CA THR E 294 -40.70 1.10 46.95
C THR E 294 -39.34 1.13 47.64
N CYS E 295 -38.25 1.07 46.88
CA CYS E 295 -36.93 1.03 47.46
C CYS E 295 -36.56 2.39 48.06
N GLY E 296 -35.45 2.40 48.81
CA GLY E 296 -35.02 3.57 49.54
C GLY E 296 -34.59 4.71 48.63
N THR E 297 -33.91 5.68 49.25
CA THR E 297 -33.52 6.90 48.58
C THR E 297 -32.00 6.94 48.35
N ARG E 298 -31.59 7.89 47.53
CA ARG E 298 -30.19 8.10 47.19
C ARG E 298 -29.38 8.47 48.43
N GLY E 299 -28.23 7.81 48.59
CA GLY E 299 -27.38 8.03 49.75
C GLY E 299 -25.96 7.53 49.55
N PRO E 300 -25.16 7.56 50.62
CA PRO E 300 -23.74 7.22 50.49
C PRO E 300 -23.52 5.78 50.09
N SER E 301 -22.39 5.52 49.42
CA SER E 301 -22.06 4.18 48.97
C SER E 301 -21.90 3.24 50.15
N LEU E 302 -22.38 2.00 49.98
CA LEU E 302 -22.34 0.98 51.00
C LEU E 302 -21.58 -0.23 50.48
N ARG E 303 -20.74 -0.79 51.34
CA ARG E 303 -19.95 -1.96 50.97
C ARG E 303 -20.82 -3.20 50.90
N SER E 304 -20.41 -4.15 50.04
CA SER E 304 -21.18 -5.36 49.85
C SER E 304 -21.18 -6.26 51.07
N THR E 305 -20.07 -6.34 51.79
CA THR E 305 -19.95 -7.18 52.97
C THR E 305 -19.97 -6.34 54.22
N THR E 306 -20.44 -6.93 55.32
CA THR E 306 -20.41 -6.28 56.62
C THR E 306 -18.98 -6.29 57.16
N ALA E 307 -18.80 -5.73 58.35
CA ALA E 307 -17.48 -5.72 58.98
C ALA E 307 -16.99 -7.13 59.30
N SER E 308 -17.90 -8.08 59.46
CA SER E 308 -17.54 -9.46 59.76
C SER E 308 -17.32 -10.30 58.52
N GLY E 309 -17.63 -9.78 57.34
CA GLY E 309 -17.47 -10.51 56.11
C GLY E 309 -18.71 -11.17 55.56
N ARG E 310 -19.87 -10.91 56.15
CA ARG E 310 -21.12 -11.50 55.67
C ARG E 310 -21.60 -10.75 54.43
N VAL E 311 -21.94 -11.50 53.39
CA VAL E 311 -22.40 -10.90 52.14
C VAL E 311 -23.90 -10.64 52.24
N ILE E 312 -24.30 -9.40 51.99
CA ILE E 312 -25.71 -9.04 51.92
C ILE E 312 -26.23 -9.44 50.55
N GLU E 313 -27.32 -10.21 50.53
CA GLU E 313 -27.71 -10.94 49.33
C GLU E 313 -28.68 -10.18 48.43
N GLU E 314 -29.52 -9.31 48.97
CA GLU E 314 -30.57 -8.66 48.19
C GLU E 314 -30.43 -7.15 48.26
N TRP E 315 -30.46 -6.50 47.10
CA TRP E 315 -30.35 -5.05 47.00
C TRP E 315 -31.44 -4.54 46.05
N CYS E 316 -31.71 -3.23 46.16
CA CYS E 316 -32.77 -2.62 45.36
C CYS E 316 -32.37 -1.20 44.99
N CYS E 317 -33.06 -0.66 43.98
CA CYS E 317 -32.96 0.75 43.66
C CYS E 317 -34.19 1.15 42.85
N ARG E 318 -34.40 2.47 42.73
CA ARG E 318 -35.66 2.99 42.23
C ARG E 318 -35.80 2.84 40.72
N GLU E 319 -34.92 3.49 39.95
CA GLU E 319 -35.07 3.58 38.51
C GLU E 319 -33.72 3.41 37.80
N CYS E 320 -32.94 2.42 38.21
CA CYS E 320 -31.62 2.21 37.63
C CYS E 320 -31.76 1.53 36.27
N THR E 321 -30.64 1.13 35.69
CA THR E 321 -30.59 0.20 34.58
C THR E 321 -29.57 -0.88 34.89
N MET E 322 -29.83 -2.09 34.42
CA MET E 322 -28.93 -3.18 34.77
C MET E 322 -27.92 -3.40 33.65
N PRO E 323 -26.70 -3.88 33.97
CA PRO E 323 -26.12 -4.18 35.28
C PRO E 323 -25.78 -2.92 36.09
N PRO E 324 -25.67 -3.04 37.41
CA PRO E 324 -25.52 -1.86 38.26
C PRO E 324 -24.07 -1.39 38.38
N LEU E 325 -23.94 -0.13 38.77
CA LEU E 325 -22.64 0.48 39.02
C LEU E 325 -22.04 -0.08 40.31
N SER E 326 -20.76 -0.47 40.26
CA SER E 326 -20.08 -0.98 41.44
C SER E 326 -18.62 -0.56 41.42
N PHE E 327 -18.13 -0.13 42.59
CA PHE E 327 -16.72 0.17 42.78
C PHE E 327 -16.02 -1.05 43.36
N ARG E 328 -14.78 -1.27 42.94
CA ARG E 328 -14.01 -2.45 43.37
C ARG E 328 -12.63 -2.02 43.84
N ALA E 329 -12.47 -1.91 45.16
CA ALA E 329 -11.18 -1.68 45.80
C ALA E 329 -10.64 -3.03 46.28
N LYS E 330 -9.58 -2.98 47.08
CA LYS E 330 -9.00 -4.21 47.61
C LYS E 330 -9.64 -4.64 48.93
N ASP E 331 -10.53 -3.86 49.51
CA ASP E 331 -11.23 -4.24 50.72
C ASP E 331 -12.65 -4.73 50.45
N GLY E 332 -13.03 -4.90 49.19
CA GLY E 332 -14.31 -5.47 48.83
C GLY E 332 -15.03 -4.65 47.79
N CYS E 333 -16.28 -5.03 47.54
CA CYS E 333 -17.12 -4.38 46.54
C CYS E 333 -18.02 -3.33 47.17
N TRP E 334 -18.24 -2.24 46.45
CA TRP E 334 -19.18 -1.20 46.84
C TRP E 334 -20.18 -1.01 45.70
N TYR E 335 -21.35 -0.48 46.05
CA TYR E 335 -22.34 -0.04 45.08
C TYR E 335 -22.42 1.48 45.00
N GLY E 336 -23.10 1.93 43.94
CA GLY E 336 -23.27 3.34 43.70
C GLY E 336 -24.29 3.97 44.62
N MET E 337 -24.44 5.28 44.48
CA MET E 337 -25.26 6.06 45.40
C MET E 337 -26.74 5.67 45.32
N GLU E 338 -27.15 4.96 44.27
CA GLU E 338 -28.57 4.66 44.08
C GLU E 338 -29.01 3.30 44.62
N ILE E 339 -28.10 2.35 44.77
CA ILE E 339 -28.48 0.98 45.13
C ILE E 339 -28.41 0.84 46.65
N ARG E 340 -29.53 0.47 47.26
CA ARG E 340 -29.64 0.30 48.70
C ARG E 340 -30.04 -1.13 49.03
N PRO E 341 -29.65 -1.63 50.21
CA PRO E 341 -30.08 -2.99 50.60
C PRO E 341 -31.58 -3.06 50.80
N ARG E 342 -32.13 -4.22 50.47
CA ARG E 342 -33.59 -4.34 50.40
C ARG E 342 -34.22 -4.50 51.78
N LYS E 343 -33.58 -5.25 52.68
CA LYS E 343 -34.20 -5.55 53.96
C LYS E 343 -33.29 -5.25 55.15
N GLU E 344 -31.97 -5.36 54.96
CA GLU E 344 -31.05 -5.03 56.03
C GLU E 344 -31.10 -3.53 56.33
N PRO E 345 -31.17 -3.14 57.60
CA PRO E 345 -31.08 -1.72 57.93
C PRO E 345 -29.70 -1.17 57.58
N GLU E 346 -29.68 0.09 57.15
CA GLU E 346 -28.43 0.69 56.69
C GLU E 346 -27.47 1.05 57.82
N SER E 347 -27.91 0.98 59.07
CA SER E 347 -27.01 1.27 60.18
C SER E 347 -25.98 0.18 60.39
N ASN E 348 -26.22 -1.04 59.91
CA ASN E 348 -25.32 -2.16 60.12
C ASN E 348 -24.35 -2.38 58.96
N LEU E 349 -24.24 -1.42 58.05
CA LEU E 349 -23.36 -1.54 56.88
C LEU E 349 -22.22 -0.55 56.98
N VAL E 350 -21.10 -0.89 56.35
CA VAL E 350 -19.97 0.02 56.23
C VAL E 350 -20.27 1.02 55.13
N ARG E 351 -20.03 2.30 55.41
CA ARG E 351 -20.45 3.39 54.54
C ARG E 351 -19.28 4.31 54.25
N SER E 352 -19.42 5.09 53.18
CA SER E 352 -18.40 6.05 52.77
C SER E 352 -18.64 7.39 53.45
N MET E 353 -17.57 7.97 54.00
CA MET E 353 -17.66 9.21 54.75
C MET E 353 -17.10 10.41 53.98
N VAL E 354 -16.81 10.24 52.70
CA VAL E 354 -16.15 11.27 51.89
C VAL E 354 -17.13 11.82 50.88
N THR E 355 -17.15 13.14 50.74
CA THR E 355 -17.92 13.82 49.71
C THR E 355 -16.99 14.68 48.86
N ALA E 356 -17.34 14.83 47.59
CA ALA E 356 -16.57 15.66 46.67
C ALA E 356 -17.09 17.09 46.65
N GLU F 1 -3.60 16.02 -32.13
CA GLU F 1 -4.64 15.33 -32.89
C GLU F 1 -6.03 15.91 -32.59
N VAL F 2 -6.05 17.12 -32.06
CA VAL F 2 -7.30 17.79 -31.69
C VAL F 2 -7.77 18.62 -32.87
N GLN F 3 -9.00 18.37 -33.32
CA GLN F 3 -9.61 19.10 -34.42
C GLN F 3 -10.80 19.90 -33.89
N LEU F 4 -10.88 21.16 -34.29
CA LEU F 4 -12.00 22.02 -33.94
C LEU F 4 -12.75 22.43 -35.20
N LEU F 5 -14.07 22.48 -35.10
CA LEU F 5 -14.92 22.78 -36.26
C LEU F 5 -16.14 23.54 -35.76
N GLU F 6 -16.20 24.83 -36.04
CA GLU F 6 -17.28 25.69 -35.58
C GLU F 6 -18.25 25.99 -36.71
N SER F 7 -19.51 26.23 -36.33
CA SER F 7 -20.58 26.44 -37.29
C SER F 7 -21.51 27.54 -36.78
N GLY F 8 -22.54 27.83 -37.56
CA GLY F 8 -23.51 28.84 -37.22
C GLY F 8 -24.17 29.43 -38.44
N PRO F 9 -25.13 30.32 -38.24
CA PRO F 9 -25.78 30.97 -39.38
C PRO F 9 -24.80 31.83 -40.15
N GLY F 10 -24.99 31.88 -41.48
CA GLY F 10 -24.12 32.68 -42.33
C GLY F 10 -24.45 34.15 -42.38
N LEU F 11 -25.71 34.51 -42.10
CA LEU F 11 -26.12 35.91 -42.13
C LEU F 11 -27.12 36.14 -41.00
N VAL F 12 -27.02 37.31 -40.38
CA VAL F 12 -27.90 37.69 -39.27
C VAL F 12 -28.43 39.09 -39.54
N LYS F 13 -29.71 39.30 -39.26
CA LYS F 13 -30.31 40.62 -39.36
C LYS F 13 -29.91 41.47 -38.16
N PRO F 14 -29.84 42.80 -38.33
CA PRO F 14 -29.39 43.66 -37.24
C PRO F 14 -30.31 43.61 -36.04
N SER F 15 -29.71 43.85 -34.86
CA SER F 15 -30.35 43.95 -33.55
C SER F 15 -30.83 42.62 -33.00
N GLN F 16 -30.58 41.51 -33.69
CA GLN F 16 -30.91 40.20 -33.16
C GLN F 16 -29.67 39.59 -32.51
N THR F 17 -29.76 38.32 -32.12
CA THR F 17 -28.72 37.67 -31.34
C THR F 17 -27.93 36.72 -32.24
N LEU F 18 -26.62 36.91 -32.28
CA LEU F 18 -25.73 36.01 -33.01
C LEU F 18 -25.33 34.86 -32.10
N SER F 19 -25.52 33.63 -32.57
CA SER F 19 -25.15 32.44 -31.83
C SER F 19 -24.17 31.64 -32.65
N LEU F 20 -23.06 31.21 -32.01
CA LEU F 20 -22.03 30.43 -32.67
C LEU F 20 -21.68 29.24 -31.78
N THR F 21 -21.26 28.15 -32.41
CA THR F 21 -20.94 26.93 -31.70
C THR F 21 -19.71 26.28 -32.31
N CYS F 22 -18.81 25.80 -31.44
CA CYS F 22 -17.59 25.11 -31.85
C CYS F 22 -17.63 23.69 -31.29
N THR F 23 -17.50 22.69 -32.16
CA THR F 23 -17.53 21.30 -31.77
C THR F 23 -16.11 20.73 -31.76
N VAL F 24 -15.76 20.02 -30.70
CA VAL F 24 -14.41 19.54 -30.48
C VAL F 24 -14.34 18.05 -30.80
N SER F 25 -13.34 17.66 -31.60
CA SER F 25 -13.12 16.27 -31.97
C SER F 25 -11.68 15.88 -31.65
N GLY F 26 -11.48 14.62 -31.29
CA GLY F 26 -10.17 14.14 -30.93
C GLY F 26 -9.76 14.41 -29.50
N GLY F 27 -10.59 15.12 -28.74
CA GLY F 27 -10.30 15.42 -27.35
C GLY F 27 -11.60 15.63 -26.60
N SER F 28 -11.47 15.89 -25.31
CA SER F 28 -12.61 16.14 -24.44
C SER F 28 -12.59 17.58 -23.98
N ILE F 29 -13.78 18.15 -23.79
CA ILE F 29 -13.91 19.53 -23.36
C ILE F 29 -13.94 19.57 -21.84
N SER F 30 -13.79 18.40 -21.22
CA SER F 30 -13.74 18.28 -19.77
C SER F 30 -12.33 18.00 -19.25
N SER F 31 -11.32 18.03 -20.12
CA SER F 31 -9.96 17.77 -19.69
C SER F 31 -9.43 18.91 -18.82
N GLY F 32 -8.33 18.64 -18.13
CA GLY F 32 -7.86 19.52 -17.07
C GLY F 32 -7.22 20.83 -17.49
N GLY F 33 -6.05 20.76 -18.13
CA GLY F 33 -5.27 21.95 -18.33
C GLY F 33 -5.50 22.69 -19.63
N TYR F 34 -6.74 23.14 -19.88
CA TYR F 34 -7.07 23.87 -21.08
C TYR F 34 -8.14 24.90 -20.78
N TYR F 35 -8.20 25.93 -21.61
CA TYR F 35 -9.32 26.85 -21.65
C TYR F 35 -9.63 27.20 -23.10
N TRP F 36 -10.82 27.73 -23.32
CA TRP F 36 -11.40 27.86 -24.65
C TRP F 36 -11.76 29.31 -24.94
N SER F 37 -11.41 29.79 -26.13
CA SER F 37 -11.49 31.21 -26.47
C SER F 37 -12.20 31.41 -27.79
N TRP F 38 -12.50 32.68 -28.08
CA TRP F 38 -13.04 33.11 -29.37
C TRP F 38 -12.25 34.32 -29.85
N ILE F 39 -11.97 34.36 -31.15
CA ILE F 39 -11.29 35.47 -31.78
C ILE F 39 -12.00 35.78 -33.10
N ARG F 40 -12.14 37.07 -33.42
CA ARG F 40 -12.76 37.49 -34.66
C ARG F 40 -11.83 38.42 -35.42
N GLN F 41 -11.94 38.39 -36.75
CA GLN F 41 -11.07 39.16 -37.63
C GLN F 41 -11.92 39.97 -38.59
N HIS F 42 -11.98 41.28 -38.37
CA HIS F 42 -12.72 42.16 -39.26
C HIS F 42 -12.05 42.23 -40.63
N PRO F 43 -12.83 42.41 -41.69
CA PRO F 43 -12.24 42.49 -43.04
C PRO F 43 -11.38 43.72 -43.19
N GLY F 44 -10.20 43.53 -43.79
CA GLY F 44 -9.25 44.62 -43.91
C GLY F 44 -8.80 45.18 -42.59
N LYS F 45 -8.67 44.33 -41.58
CA LYS F 45 -8.32 44.77 -40.24
C LYS F 45 -7.61 43.63 -39.53
N GLY F 46 -7.22 43.88 -38.28
CA GLY F 46 -6.49 42.92 -37.49
C GLY F 46 -7.41 41.97 -36.73
N LEU F 47 -6.80 41.19 -35.86
CA LEU F 47 -7.47 40.20 -35.04
C LEU F 47 -7.95 40.84 -33.74
N GLU F 48 -9.08 40.35 -33.24
CA GLU F 48 -9.68 40.88 -32.01
C GLU F 48 -10.03 39.73 -31.08
N TRP F 49 -9.56 39.82 -29.84
CA TRP F 49 -9.73 38.75 -28.85
C TRP F 49 -10.95 39.03 -28.00
N ILE F 50 -11.84 38.05 -27.91
CA ILE F 50 -13.16 38.22 -27.30
C ILE F 50 -13.18 37.79 -25.83
N GLY F 51 -12.58 36.65 -25.53
CA GLY F 51 -12.52 36.19 -24.15
C GLY F 51 -12.29 34.70 -24.10
N TYR F 52 -12.22 34.18 -22.88
CA TYR F 52 -12.05 32.76 -22.64
C TYR F 52 -13.06 32.27 -21.62
N ILE F 53 -13.09 30.95 -21.42
CA ILE F 53 -13.90 30.32 -20.40
C ILE F 53 -13.22 29.02 -19.99
N TYR F 54 -13.19 28.76 -18.68
CA TYR F 54 -12.73 27.48 -18.16
C TYR F 54 -13.91 26.52 -18.03
N TYR F 55 -13.58 25.23 -18.04
CA TYR F 55 -14.62 24.23 -17.78
C TYR F 55 -15.15 24.33 -16.35
N SER F 56 -14.31 24.76 -15.41
CA SER F 56 -14.75 24.93 -14.03
C SER F 56 -15.66 26.13 -13.84
N GLY F 57 -15.64 27.10 -14.76
CA GLY F 57 -16.59 28.19 -14.70
C GLY F 57 -16.01 29.59 -14.81
N SER F 58 -14.72 29.73 -14.56
CA SER F 58 -14.08 31.04 -14.59
C SER F 58 -14.02 31.57 -16.02
N THR F 59 -14.38 32.84 -16.21
CA THR F 59 -14.44 33.46 -17.52
C THR F 59 -13.76 34.82 -17.51
N TYR F 60 -13.47 35.31 -18.71
CA TYR F 60 -13.07 36.70 -18.92
C TYR F 60 -13.66 37.17 -20.24
N TYR F 61 -14.13 38.42 -20.27
CA TYR F 61 -14.71 39.00 -21.48
C TYR F 61 -14.03 40.31 -21.80
N ASN F 62 -13.82 40.56 -23.08
CA ASN F 62 -13.19 41.81 -23.52
C ASN F 62 -14.07 42.99 -23.13
N PRO F 63 -13.53 43.99 -22.44
CA PRO F 63 -14.35 45.17 -22.08
C PRO F 63 -14.85 45.95 -23.27
N SER F 64 -14.24 45.78 -24.45
CA SER F 64 -14.72 46.48 -25.64
C SER F 64 -16.15 46.06 -25.99
N LEU F 65 -16.47 44.79 -25.79
CA LEU F 65 -17.82 44.28 -26.01
C LEU F 65 -18.60 44.39 -24.71
N LYS F 66 -19.16 45.58 -24.49
CA LYS F 66 -19.71 45.95 -23.19
C LYS F 66 -20.96 45.12 -22.89
N SER F 67 -20.80 44.10 -22.05
CA SER F 67 -21.92 43.33 -21.52
C SER F 67 -22.80 42.77 -22.64
N ARG F 68 -22.18 42.30 -23.71
CA ARG F 68 -22.92 41.75 -24.83
C ARG F 68 -22.56 40.31 -25.16
N VAL F 69 -21.54 39.73 -24.53
CA VAL F 69 -21.09 38.39 -24.85
C VAL F 69 -21.41 37.47 -23.68
N ALA F 70 -21.41 36.16 -23.97
CA ALA F 70 -21.57 35.13 -22.97
C ALA F 70 -21.05 33.82 -23.55
N MET F 71 -20.48 32.98 -22.69
CA MET F 71 -19.92 31.71 -23.10
C MET F 71 -20.42 30.60 -22.18
N SER F 72 -20.58 29.41 -22.75
CA SER F 72 -21.02 28.26 -21.98
C SER F 72 -20.35 27.01 -22.52
N VAL F 73 -20.29 25.98 -21.69
CA VAL F 73 -19.66 24.70 -22.04
C VAL F 73 -20.73 23.61 -21.94
N ASP F 74 -20.84 22.82 -22.99
CA ASP F 74 -21.86 21.78 -23.11
C ASP F 74 -21.14 20.42 -23.17
N THR F 75 -21.07 19.74 -22.02
CA THR F 75 -20.29 18.50 -21.95
C THR F 75 -20.93 17.37 -22.73
N SER F 76 -22.27 17.33 -22.79
CA SER F 76 -22.97 16.22 -23.44
C SER F 76 -22.63 16.14 -24.92
N LYS F 77 -22.62 17.28 -25.61
CA LYS F 77 -22.27 17.33 -27.02
C LYS F 77 -20.80 17.59 -27.26
N ASN F 78 -20.01 17.74 -26.20
CA ASN F 78 -18.57 18.02 -26.29
C ASN F 78 -18.32 19.28 -27.12
N GLN F 79 -18.84 20.40 -26.63
CA GLN F 79 -18.80 21.64 -27.39
C GLN F 79 -18.94 22.83 -26.44
N PHE F 80 -18.57 24.00 -26.94
CA PHE F 80 -18.79 25.26 -26.24
C PHE F 80 -19.24 26.30 -27.26
N SER F 81 -19.92 27.33 -26.78
CA SER F 81 -20.64 28.24 -27.65
C SER F 81 -20.43 29.69 -27.24
N LEU F 82 -20.89 30.60 -28.09
CA LEU F 82 -20.77 32.03 -27.89
C LEU F 82 -22.10 32.69 -28.26
N THR F 83 -22.40 33.82 -27.62
CA THR F 83 -23.68 34.50 -27.83
C THR F 83 -23.46 36.00 -27.76
N LEU F 84 -23.68 36.69 -28.89
CA LEU F 84 -23.52 38.14 -28.98
C LEU F 84 -24.87 38.75 -29.32
N SER F 85 -25.33 39.69 -28.49
CA SER F 85 -26.62 40.32 -28.67
C SER F 85 -26.46 41.72 -29.25
N SER F 86 -27.55 42.21 -29.85
CA SER F 86 -27.60 43.53 -30.46
C SER F 86 -26.55 43.67 -31.57
N VAL F 87 -26.63 42.77 -32.54
CA VAL F 87 -25.64 42.74 -33.61
C VAL F 87 -25.75 43.99 -34.47
N THR F 88 -24.65 44.32 -35.15
CA THR F 88 -24.53 45.54 -35.92
C THR F 88 -23.60 45.26 -37.09
N ALA F 89 -23.61 46.15 -38.09
CA ALA F 89 -22.71 46.00 -39.23
C ALA F 89 -21.25 45.97 -38.81
N ALA F 90 -20.92 46.58 -37.67
CA ALA F 90 -19.57 46.53 -37.15
C ALA F 90 -19.20 45.17 -36.56
N ASP F 91 -20.17 44.26 -36.45
CA ASP F 91 -19.94 42.92 -35.94
C ASP F 91 -19.76 41.89 -37.05
N THR F 92 -19.48 42.33 -38.27
CA THR F 92 -19.22 41.42 -39.38
C THR F 92 -17.74 41.06 -39.41
N ALA F 93 -17.45 39.76 -39.35
CA ALA F 93 -16.07 39.29 -39.34
C ALA F 93 -16.08 37.78 -39.53
N VAL F 94 -14.89 37.18 -39.47
CA VAL F 94 -14.72 35.74 -39.39
C VAL F 94 -14.42 35.38 -37.95
N TYR F 95 -15.11 34.37 -37.43
CA TYR F 95 -15.02 33.99 -36.03
C TYR F 95 -14.28 32.67 -35.90
N TYR F 96 -13.26 32.65 -35.04
CA TYR F 96 -12.47 31.47 -34.74
C TYR F 96 -12.67 31.04 -33.30
N CYS F 97 -12.74 29.73 -33.07
CA CYS F 97 -12.62 29.15 -31.74
C CYS F 97 -11.19 28.61 -31.57
N ALA F 98 -10.74 28.56 -30.31
CA ALA F 98 -9.38 28.12 -30.04
C ALA F 98 -9.33 27.43 -28.68
N ARG F 99 -8.36 26.52 -28.54
CA ARG F 99 -8.06 25.87 -27.27
C ARG F 99 -6.62 26.14 -26.92
N ALA F 100 -6.38 26.62 -25.70
CA ALA F 100 -5.06 26.98 -25.23
C ALA F 100 -4.64 26.09 -24.08
N ILE F 101 -3.34 25.81 -23.99
CA ILE F 101 -2.81 25.12 -22.82
C ILE F 101 -2.77 26.09 -21.66
N ASP F 102 -3.27 25.63 -20.51
CA ASP F 102 -3.36 26.48 -19.32
C ASP F 102 -2.00 26.59 -18.64
N ASN F 103 -1.76 27.74 -18.00
CA ASN F 103 -0.59 28.01 -17.19
C ASN F 103 0.71 28.02 -17.98
N PHE F 104 0.66 27.99 -19.30
CA PHE F 104 1.88 27.84 -20.07
C PHE F 104 2.15 29.18 -20.75
N TYR F 105 1.28 29.55 -21.67
CA TYR F 105 1.31 30.80 -22.46
C TYR F 105 -0.07 30.82 -23.13
N ASP F 106 -0.28 31.63 -24.17
CA ASP F 106 -1.52 31.56 -24.93
C ASP F 106 -1.31 30.60 -26.11
N ASN F 107 -0.52 29.56 -25.86
CA ASN F 107 -0.19 28.54 -26.85
C ASN F 107 -1.46 27.81 -27.26
N SER F 108 -1.96 28.09 -28.46
CA SER F 108 -3.29 27.68 -28.89
C SER F 108 -3.25 26.89 -30.18
N ILE F 109 -4.38 26.28 -30.52
CA ILE F 109 -4.66 25.75 -31.85
C ILE F 109 -6.06 26.21 -32.26
N TRP F 110 -6.17 26.76 -33.46
CA TRP F 110 -7.38 27.46 -33.89
C TRP F 110 -8.21 26.62 -34.85
N GLY F 111 -9.49 26.95 -34.92
CA GLY F 111 -10.38 26.40 -35.92
C GLY F 111 -10.26 27.13 -37.24
N GLN F 112 -11.02 26.64 -38.23
CA GLN F 112 -10.90 27.14 -39.59
C GLN F 112 -11.74 28.39 -39.87
N GLY F 113 -12.67 28.74 -38.99
CA GLY F 113 -13.36 30.01 -39.12
C GLY F 113 -14.68 29.88 -39.85
N THR F 114 -15.62 30.74 -39.49
CA THR F 114 -16.89 30.91 -40.19
C THR F 114 -17.20 32.39 -40.31
N LEU F 115 -17.66 32.80 -41.49
CA LEU F 115 -17.97 34.19 -41.75
C LEU F 115 -19.42 34.48 -41.38
N VAL F 116 -19.65 35.59 -40.69
CA VAL F 116 -20.98 36.01 -40.28
C VAL F 116 -21.21 37.42 -40.81
N THR F 117 -22.24 37.60 -41.62
CA THR F 117 -22.56 38.87 -42.23
C THR F 117 -23.81 39.45 -41.59
N VAL F 118 -23.73 40.70 -41.15
CA VAL F 118 -24.84 41.38 -40.50
C VAL F 118 -25.38 42.43 -41.47
N SER F 119 -26.61 42.23 -41.93
CA SER F 119 -27.25 43.16 -42.84
C SER F 119 -28.77 43.03 -42.77
N ASP G 1 -5.86 46.61 -23.68
CA ASP G 1 -5.42 47.81 -22.98
C ASP G 1 -3.94 48.08 -23.24
N ILE G 2 -3.24 47.09 -23.77
CA ILE G 2 -1.84 47.21 -24.12
C ILE G 2 -1.76 47.19 -25.65
N GLN G 3 -1.36 48.31 -26.23
CA GLN G 3 -1.31 48.43 -27.68
C GLN G 3 -0.02 47.83 -28.23
N MET G 4 -0.14 47.13 -29.36
CA MET G 4 0.99 46.49 -30.00
C MET G 4 1.22 47.16 -31.35
N THR G 5 2.43 47.68 -31.57
CA THR G 5 2.77 48.43 -32.77
C THR G 5 3.78 47.65 -33.58
N GLN G 6 3.48 47.44 -34.86
CA GLN G 6 4.28 46.59 -35.74
C GLN G 6 4.82 47.43 -36.90
N SER G 7 6.11 47.30 -37.18
CA SER G 7 6.74 48.04 -38.27
C SER G 7 7.85 47.19 -38.87
N PRO G 8 8.00 47.18 -40.21
CA PRO G 8 7.18 47.92 -41.19
C PRO G 8 5.83 47.27 -41.46
N SER G 9 4.91 48.03 -42.05
CA SER G 9 3.58 47.50 -42.36
C SER G 9 3.64 46.43 -43.45
N SER G 10 4.55 46.58 -44.41
CA SER G 10 4.73 45.57 -45.44
C SER G 10 6.14 45.67 -46.00
N LEU G 11 6.56 44.62 -46.67
CA LEU G 11 7.90 44.58 -47.26
C LEU G 11 7.94 43.52 -48.34
N SER G 12 8.84 43.71 -49.29
CA SER G 12 9.09 42.76 -50.37
C SER G 12 10.52 42.25 -50.27
N ALA G 13 10.73 40.98 -50.65
CA ALA G 13 12.04 40.39 -50.57
C ALA G 13 12.23 39.38 -51.70
N SER G 14 13.49 39.10 -52.01
CA SER G 14 13.85 38.10 -53.00
C SER G 14 14.15 36.77 -52.31
N VAL G 15 14.12 35.70 -53.10
CA VAL G 15 14.30 34.36 -52.54
C VAL G 15 15.75 34.17 -52.14
N GLY G 16 16.02 34.22 -50.85
CA GLY G 16 17.35 33.96 -50.35
C GLY G 16 17.90 34.98 -49.37
N ASP G 17 17.35 36.20 -49.40
CA ASP G 17 17.85 37.28 -48.56
C ASP G 17 17.25 37.16 -47.16
N ARG G 18 17.42 38.20 -46.34
CA ARG G 18 16.97 38.22 -44.96
C ARG G 18 15.84 39.23 -44.78
N VAL G 19 14.96 38.95 -43.82
CA VAL G 19 13.80 39.79 -43.54
C VAL G 19 13.75 40.05 -42.05
N THR G 20 13.44 41.29 -41.67
CA THR G 20 13.35 41.69 -40.27
C THR G 20 12.02 42.40 -40.02
N ILE G 21 11.29 41.94 -39.01
CA ILE G 21 10.03 42.53 -38.58
C ILE G 21 10.19 42.94 -37.12
N ALA G 22 9.74 44.16 -36.80
CA ALA G 22 9.83 44.69 -35.44
C ALA G 22 8.44 44.94 -34.89
N CYS G 23 8.19 44.46 -33.68
CA CYS G 23 6.97 44.71 -32.95
C CYS G 23 7.30 45.55 -31.71
N ARG G 24 6.41 46.49 -31.38
CA ARG G 24 6.61 47.42 -30.27
C ARG G 24 5.43 47.34 -29.33
N ALA G 25 5.70 47.26 -28.03
CA ALA G 25 4.68 47.23 -27.00
C ALA G 25 4.60 48.58 -26.31
N SER G 26 3.37 48.97 -25.96
CA SER G 26 3.15 50.25 -25.28
C SER G 26 3.63 50.25 -23.83
N GLN G 27 3.98 49.08 -23.29
CA GLN G 27 4.50 48.99 -21.94
C GLN G 27 5.31 47.71 -21.82
N SER G 28 6.07 47.60 -20.74
CA SER G 28 6.98 46.48 -20.55
C SER G 28 6.20 45.18 -20.39
N ILE G 29 6.29 44.32 -21.38
CA ILE G 29 5.85 42.93 -21.29
C ILE G 29 7.11 42.07 -21.27
N THR G 30 7.29 41.28 -20.22
CA THR G 30 8.60 40.69 -19.96
C THR G 30 9.07 39.78 -21.10
N ASN G 31 8.43 38.63 -21.27
CA ASN G 31 8.71 37.76 -22.41
C ASN G 31 7.43 37.11 -22.91
N PHE G 32 6.29 37.74 -22.69
CA PHE G 32 5.00 37.17 -23.06
C PHE G 32 4.59 37.70 -24.44
N LEU G 33 5.29 37.21 -25.46
CA LEU G 33 5.04 37.60 -26.84
C LEU G 33 5.04 36.37 -27.74
N ASN G 34 4.09 36.33 -28.68
CA ASN G 34 3.93 35.23 -29.60
C ASN G 34 3.94 35.75 -31.04
N TRP G 35 4.37 34.90 -31.97
CA TRP G 35 4.42 35.23 -33.39
C TRP G 35 3.52 34.28 -34.16
N TYR G 36 2.63 34.84 -34.98
CA TYR G 36 1.67 34.06 -35.75
C TYR G 36 1.91 34.25 -37.24
N GLN G 37 1.58 33.22 -38.01
CA GLN G 37 1.67 33.25 -39.46
C GLN G 37 0.32 32.84 -40.05
N GLN G 38 -0.18 33.61 -41.01
CA GLN G 38 -1.48 33.36 -41.61
C GLN G 38 -1.33 33.29 -43.13
N LYS G 39 -1.54 32.11 -43.69
CA LYS G 39 -1.62 31.98 -45.14
C LYS G 39 -2.96 32.53 -45.64
N PRO G 40 -3.02 32.99 -46.89
CA PRO G 40 -4.28 33.53 -47.42
C PRO G 40 -5.39 32.48 -47.42
N GLY G 41 -6.50 32.82 -46.77
CA GLY G 41 -7.64 31.94 -46.67
C GLY G 41 -7.58 30.91 -45.56
N LYS G 42 -6.53 30.92 -44.74
CA LYS G 42 -6.35 29.93 -43.70
C LYS G 42 -6.22 30.61 -42.34
N ALA G 43 -6.56 29.87 -41.30
CA ALA G 43 -6.47 30.40 -39.94
C ALA G 43 -5.00 30.58 -39.54
N PRO G 44 -4.71 31.56 -38.70
CA PRO G 44 -3.33 31.75 -38.23
C PRO G 44 -2.84 30.54 -37.46
N LYS G 45 -1.55 30.24 -37.60
CA LYS G 45 -0.91 29.18 -36.85
C LYS G 45 0.28 29.74 -36.09
N LEU G 46 0.51 29.21 -34.89
CA LEU G 46 1.56 29.71 -34.02
C LEU G 46 2.92 29.23 -34.52
N LEU G 47 3.84 30.17 -34.71
CA LEU G 47 5.20 29.80 -35.13
C LEU G 47 6.15 29.83 -33.94
N ILE G 48 6.23 30.97 -33.26
CA ILE G 48 7.11 31.11 -32.11
C ILE G 48 6.34 31.55 -30.88
N TYR G 49 6.73 31.05 -29.70
CA TYR G 49 6.08 31.45 -28.46
C TYR G 49 7.11 31.88 -27.43
N ALA G 50 6.69 32.68 -26.46
CA ALA G 50 7.61 33.18 -25.45
C ALA G 50 8.83 33.83 -26.11
N VAL G 51 8.61 34.57 -27.19
CA VAL G 51 9.70 35.29 -27.88
C VAL G 51 10.65 34.42 -28.70
N SER G 52 11.22 33.38 -28.13
CA SER G 52 12.23 32.60 -28.85
C SER G 52 11.88 31.13 -29.10
N ASN G 53 11.07 30.55 -28.23
CA ASN G 53 10.76 29.12 -28.36
C ASN G 53 9.98 28.80 -29.63
N LEU G 54 10.57 28.00 -30.51
CA LEU G 54 9.91 27.64 -31.76
C LEU G 54 9.01 26.43 -31.59
N GLN G 55 7.94 26.36 -32.37
CA GLN G 55 7.01 25.25 -32.30
C GLN G 55 7.59 24.04 -33.02
N SER G 56 6.96 22.89 -32.80
CA SER G 56 7.35 21.68 -33.52
C SER G 56 6.84 21.71 -34.95
N GLY G 57 7.67 21.24 -35.87
CA GLY G 57 7.31 21.29 -37.28
C GLY G 57 7.46 22.66 -37.91
N VAL G 58 8.42 23.44 -37.45
CA VAL G 58 8.66 24.80 -37.93
C VAL G 58 10.08 24.84 -38.49
N PRO G 59 10.29 25.37 -39.69
CA PRO G 59 11.65 25.44 -40.24
C PRO G 59 12.57 26.26 -39.34
N SER G 60 13.82 25.81 -39.22
CA SER G 60 14.76 26.44 -38.30
C SER G 60 15.22 27.81 -38.74
N ARG G 61 14.90 28.25 -39.96
CA ARG G 61 15.31 29.56 -40.42
C ARG G 61 14.59 30.69 -39.68
N PHE G 62 13.48 30.41 -39.03
CA PHE G 62 12.78 31.41 -38.23
C PHE G 62 13.45 31.59 -36.88
N SER G 63 13.52 32.84 -36.43
CA SER G 63 14.11 33.15 -35.14
C SER G 63 13.45 34.39 -34.56
N GLY G 64 13.56 34.54 -33.25
CA GLY G 64 13.01 35.70 -32.57
C GLY G 64 13.86 36.07 -31.37
N SER G 65 13.85 37.36 -31.04
CA SER G 65 14.62 37.85 -29.90
C SER G 65 14.01 39.18 -29.45
N GLY G 66 14.43 39.62 -28.26
CA GLY G 66 13.96 40.86 -27.69
C GLY G 66 13.47 40.67 -26.27
N SER G 67 13.25 41.82 -25.61
CA SER G 67 12.72 41.83 -24.25
C SER G 67 12.18 43.22 -23.95
N GLY G 68 11.22 43.28 -23.03
CA GLY G 68 10.67 44.55 -22.63
C GLY G 68 9.61 45.09 -23.56
N THR G 69 9.96 46.09 -24.36
CA THR G 69 9.02 46.69 -25.30
C THR G 69 9.38 46.46 -26.76
N ASP G 70 10.57 45.98 -27.07
CA ASP G 70 11.02 45.81 -28.44
C ASP G 70 11.32 44.35 -28.73
N PHE G 71 10.81 43.85 -29.85
CA PHE G 71 10.98 42.47 -30.25
C PHE G 71 11.20 42.40 -31.76
N THR G 72 11.85 41.31 -32.20
CA THR G 72 12.22 41.16 -33.59
C THR G 72 11.97 39.73 -34.06
N LEU G 73 11.50 39.60 -35.29
CA LEU G 73 11.29 38.31 -35.95
C LEU G 73 12.05 38.32 -37.27
N THR G 74 12.95 37.36 -37.45
CA THR G 74 13.84 37.32 -38.61
C THR G 74 13.64 36.04 -39.40
N ILE G 75 13.66 36.17 -40.73
CA ILE G 75 13.68 35.03 -41.64
C ILE G 75 15.04 35.01 -42.32
N SER G 76 15.87 34.04 -41.95
CA SER G 76 17.25 34.01 -42.41
C SER G 76 17.35 33.81 -43.92
N SER G 77 16.52 32.93 -44.48
CA SER G 77 16.61 32.61 -45.90
C SER G 77 15.18 32.42 -46.42
N VAL G 78 14.66 33.45 -47.09
CA VAL G 78 13.28 33.43 -47.53
C VAL G 78 13.09 32.36 -48.60
N ARG G 79 11.94 31.68 -48.54
CA ARG G 79 11.52 30.69 -49.52
C ARG G 79 10.13 31.05 -49.99
N PRO G 80 9.71 30.55 -51.16
CA PRO G 80 8.42 30.99 -51.73
C PRO G 80 7.22 30.69 -50.85
N GLU G 81 7.28 29.68 -49.98
CA GLU G 81 6.13 29.38 -49.15
C GLU G 81 5.97 30.37 -47.99
N ASP G 82 6.93 31.26 -47.78
CA ASP G 82 6.88 32.24 -46.70
C ASP G 82 6.09 33.48 -47.06
N PHE G 83 5.26 33.44 -48.10
CA PHE G 83 4.38 34.56 -48.41
C PHE G 83 3.14 34.45 -47.53
N ALA G 84 2.99 35.37 -46.60
CA ALA G 84 1.91 35.31 -45.62
C ALA G 84 1.87 36.65 -44.88
N THR G 85 0.99 36.72 -43.88
CA THR G 85 0.91 37.86 -42.97
C THR G 85 1.33 37.41 -41.58
N TYR G 86 2.18 38.21 -40.93
CA TYR G 86 2.71 37.88 -39.62
C TYR G 86 2.17 38.85 -38.58
N PHE G 87 1.76 38.31 -37.43
CA PHE G 87 1.24 39.10 -36.32
C PHE G 87 2.06 38.84 -35.07
N CYS G 88 2.17 39.85 -34.22
CA CYS G 88 2.68 39.69 -32.88
C CYS G 88 1.53 39.78 -31.88
N GLN G 89 1.54 38.90 -30.88
CA GLN G 89 0.50 38.89 -29.86
C GLN G 89 1.14 38.88 -28.48
N GLN G 90 0.59 39.68 -27.58
CA GLN G 90 1.02 39.69 -26.18
C GLN G 90 0.02 38.92 -25.32
N SER G 91 0.55 38.20 -24.34
CA SER G 91 -0.28 37.50 -23.36
C SER G 91 0.08 37.90 -21.94
N TYR G 92 0.69 39.07 -21.77
CA TYR G 92 1.10 39.53 -20.44
C TYR G 92 -0.11 39.78 -19.55
N SER G 93 -1.17 40.38 -20.10
CA SER G 93 -2.33 40.74 -19.31
C SER G 93 -3.56 40.76 -20.22
N PRO G 94 -4.71 40.27 -19.75
CA PRO G 94 -5.91 40.27 -20.58
C PRO G 94 -6.53 41.66 -20.64
N PRO G 95 -7.18 42.02 -21.76
CA PRO G 95 -7.36 41.18 -22.95
C PRO G 95 -6.10 41.07 -23.80
N TYR G 96 -5.90 39.93 -24.43
CA TYR G 96 -4.77 39.74 -25.32
C TYR G 96 -4.98 40.55 -26.60
N THR G 97 -3.90 41.15 -27.09
CA THR G 97 -3.99 42.05 -28.23
C THR G 97 -3.01 41.63 -29.31
N PHE G 98 -3.33 42.01 -30.55
CA PHE G 98 -2.52 41.68 -31.72
C PHE G 98 -2.02 42.95 -32.39
N GLY G 99 -0.92 42.83 -33.10
CA GLY G 99 -0.49 43.88 -34.00
C GLY G 99 -1.32 43.94 -35.26
N GLN G 100 -1.13 45.00 -36.03
CA GLN G 100 -1.93 45.18 -37.23
C GLN G 100 -1.52 44.22 -38.35
N GLY G 101 -0.31 43.67 -38.29
CA GLY G 101 0.11 42.68 -39.27
C GLY G 101 1.08 43.25 -40.28
N THR G 102 1.96 42.37 -40.78
CA THR G 102 2.97 42.72 -41.77
C THR G 102 2.88 41.73 -42.92
N LYS G 103 2.77 42.25 -44.14
CA LYS G 103 2.71 41.42 -45.33
C LYS G 103 4.08 41.31 -45.97
N VAL G 104 4.41 40.12 -46.46
CA VAL G 104 5.68 39.87 -47.13
C VAL G 104 5.37 39.41 -48.56
N ASP G 105 5.90 40.15 -49.53
CA ASP G 105 5.72 39.83 -50.94
C ASP G 105 7.03 39.26 -51.49
N ILE G 106 6.93 38.18 -52.26
CA ILE G 106 8.10 37.62 -52.91
C ILE G 106 8.45 38.48 -54.12
N LYS G 107 9.71 38.90 -54.20
CA LYS G 107 10.15 39.77 -55.28
C LYS G 107 11.25 39.12 -56.12
N HIS H 5 7.44 -11.85 10.22
CA HIS H 5 7.72 -10.75 11.14
C HIS H 5 7.37 -9.43 10.48
N HIS H 6 6.68 -8.56 11.21
CA HIS H 6 6.38 -7.22 10.74
C HIS H 6 7.31 -6.25 11.44
N GLY H 7 7.68 -5.19 10.75
CA GLY H 7 8.59 -4.22 11.33
C GLY H 7 8.78 -3.04 10.43
N CYS H 8 9.50 -2.05 10.94
CA CYS H 8 9.77 -0.81 10.23
C CYS H 8 11.26 -0.52 10.26
N SER H 9 11.73 0.20 9.24
CA SER H 9 13.15 0.51 9.13
C SER H 9 13.31 1.88 8.50
N VAL H 10 14.49 2.46 8.71
CA VAL H 10 14.79 3.81 8.22
C VAL H 10 16.14 3.77 7.52
N ASP H 11 16.30 4.67 6.55
CA ASP H 11 17.58 4.94 5.91
C ASP H 11 17.97 6.38 6.25
N PHE H 12 18.83 6.54 7.24
CA PHE H 12 19.17 7.88 7.72
C PHE H 12 19.95 8.68 6.68
N SER H 13 20.56 8.02 5.69
CA SER H 13 21.29 8.74 4.66
C SER H 13 20.37 9.61 3.83
N LYS H 14 19.20 9.10 3.45
CA LYS H 14 18.27 9.84 2.59
C LYS H 14 16.90 10.03 3.22
N LYS H 15 16.72 9.68 4.49
CA LYS H 15 15.53 10.01 5.26
C LYS H 15 14.27 9.36 4.67
N GLU H 16 14.28 8.03 4.62
CA GLU H 16 13.13 7.26 4.14
C GLU H 16 12.74 6.23 5.19
N THR H 17 11.44 6.09 5.42
CA THR H 17 10.90 5.14 6.39
C THR H 17 9.89 4.23 5.71
N ARG H 18 9.87 2.96 6.10
CA ARG H 18 8.94 2.00 5.52
C ARG H 18 8.70 0.86 6.51
N CYS H 19 7.58 0.17 6.31
CA CYS H 19 7.21 -0.97 7.14
C CYS H 19 6.74 -2.10 6.24
N GLY H 20 6.46 -3.26 6.84
CA GLY H 20 5.98 -4.41 6.10
C GLY H 20 6.48 -5.69 6.73
N THR H 21 6.40 -6.77 5.94
CA THR H 21 6.80 -8.10 6.36
C THR H 21 8.03 -8.56 5.60
N GLY H 22 8.81 -9.45 6.21
CA GLY H 22 9.97 -10.00 5.55
C GLY H 22 10.91 -10.65 6.55
N VAL H 23 12.17 -10.79 6.14
CA VAL H 23 13.22 -11.44 6.92
C VAL H 23 14.27 -10.39 7.26
N PHE H 24 14.58 -10.28 8.55
CA PHE H 24 15.51 -9.26 9.04
C PHE H 24 16.68 -9.93 9.73
N VAL H 25 17.89 -9.55 9.34
CA VAL H 25 19.13 -10.06 9.91
C VAL H 25 19.80 -8.93 10.67
N TYR H 26 20.04 -9.12 11.96
CA TYR H 26 20.56 -8.09 12.84
C TYR H 26 22.01 -8.35 13.20
N ASN H 27 22.76 -7.27 13.42
CA ASN H 27 24.14 -7.34 13.88
C ASN H 27 24.15 -7.66 15.37
N ASP H 28 24.30 -8.94 15.71
CA ASP H 28 24.37 -9.37 17.10
C ASP H 28 25.77 -9.35 17.67
N VAL H 29 26.80 -9.31 16.82
CA VAL H 29 28.17 -9.36 17.30
C VAL H 29 28.52 -8.08 18.05
N GLU H 30 28.18 -6.92 17.49
CA GLU H 30 28.37 -5.65 18.18
C GLU H 30 27.14 -4.76 18.03
N TYR H 38 22.91 -22.01 26.19
CA TYR H 38 22.83 -21.40 27.51
C TYR H 38 22.10 -22.27 28.52
N HIS H 39 21.19 -23.13 28.06
CA HIS H 39 20.43 -24.02 28.92
C HIS H 39 20.49 -25.43 28.33
N PRO H 40 21.24 -26.34 28.96
CA PRO H 40 21.52 -27.64 28.32
C PRO H 40 20.32 -28.55 28.20
N ASP H 41 20.57 -29.80 27.75
CA ASP H 41 19.50 -30.75 27.50
C ASP H 41 18.64 -30.98 28.73
N SER H 42 19.23 -31.55 29.78
CA SER H 42 18.49 -31.92 30.99
C SER H 42 19.47 -32.26 32.10
N PRO H 43 19.19 -31.85 33.34
CA PRO H 43 20.14 -32.17 34.44
C PRO H 43 20.28 -33.66 34.68
N ARG H 44 19.30 -34.46 34.28
CA ARG H 44 19.30 -35.89 34.54
C ARG H 44 19.96 -36.69 33.42
N ARG H 45 20.04 -36.15 32.21
CA ARG H 45 20.68 -36.82 31.09
C ARG H 45 22.08 -36.32 30.80
N LEU H 46 22.35 -35.03 31.06
CA LEU H 46 23.69 -34.50 30.83
C LEU H 46 24.70 -35.13 31.77
N ALA H 47 24.31 -35.34 33.04
CA ALA H 47 25.21 -36.02 33.97
C ALA H 47 25.49 -37.45 33.52
N ALA H 48 24.47 -38.15 33.03
CA ALA H 48 24.67 -39.50 32.52
C ALA H 48 25.63 -39.50 31.34
N ALA H 49 25.46 -38.55 30.42
CA ALA H 49 26.35 -38.48 29.26
C ALA H 49 27.77 -38.18 29.68
N VAL H 50 27.97 -37.26 30.64
CA VAL H 50 29.30 -36.94 31.11
C VAL H 50 29.95 -38.16 31.76
N LYS H 51 29.20 -38.87 32.59
CA LYS H 51 29.76 -40.06 33.23
C LYS H 51 30.17 -41.10 32.18
N GLN H 52 29.24 -41.44 31.28
CA GLN H 52 29.52 -42.46 30.28
C GLN H 52 30.68 -42.07 29.39
N ALA H 53 30.81 -40.78 29.07
CA ALA H 53 31.99 -40.32 28.35
C ALA H 53 33.25 -40.53 29.18
N TRP H 54 33.14 -40.36 30.51
CA TRP H 54 34.32 -40.51 31.35
C TRP H 54 34.82 -41.96 31.38
N GLU H 55 33.93 -42.95 31.52
CA GLU H 55 34.48 -44.30 31.70
C GLU H 55 35.25 -44.79 30.48
N ASP H 56 35.01 -44.20 29.31
CA ASP H 56 35.75 -44.58 28.11
C ASP H 56 36.95 -43.67 27.84
N GLY H 57 37.24 -42.73 28.73
CA GLY H 57 38.46 -41.96 28.64
C GLY H 57 38.35 -40.56 28.08
N ILE H 58 37.14 -40.06 27.84
CA ILE H 58 36.99 -38.69 27.35
C ILE H 58 37.25 -37.75 28.52
N CYS H 59 38.46 -37.18 28.56
CA CYS H 59 38.89 -36.40 29.72
C CYS H 59 38.14 -35.08 29.85
N GLY H 60 37.81 -34.44 28.74
CA GLY H 60 37.22 -33.13 28.84
C GLY H 60 36.58 -32.66 27.56
N ILE H 61 36.27 -31.37 27.52
CA ILE H 61 35.50 -30.75 26.46
C ILE H 61 36.23 -29.52 25.95
N SER H 62 36.31 -29.39 24.63
N SER H 62 36.34 -29.39 24.63
CA SER H 62 36.80 -28.19 23.96
CA SER H 62 36.81 -28.17 23.99
C SER H 62 35.63 -27.52 23.26
C SER H 62 35.64 -27.51 23.27
N SER H 63 35.34 -26.28 23.62
CA SER H 63 34.15 -25.61 23.10
C SER H 63 34.30 -25.21 21.64
N VAL H 64 33.18 -25.30 20.90
N VAL H 64 33.18 -25.30 20.90
CA VAL H 64 33.17 -24.81 19.54
CA VAL H 64 33.17 -24.81 19.54
C VAL H 64 33.26 -23.28 19.51
C VAL H 64 33.26 -23.28 19.51
N SER H 65 32.52 -22.62 20.41
CA SER H 65 32.47 -21.17 20.43
C SER H 65 32.44 -20.69 21.88
N ARG H 66 32.32 -19.37 22.04
CA ARG H 66 32.17 -18.77 23.36
C ARG H 66 30.85 -19.15 24.01
N MET H 67 29.81 -19.37 23.22
CA MET H 67 28.49 -19.68 23.76
C MET H 67 28.50 -20.97 24.56
N GLU H 68 29.17 -22.01 24.04
CA GLU H 68 29.22 -23.28 24.77
C GLU H 68 30.02 -23.13 26.07
N ASN H 69 31.10 -22.35 26.05
CA ASN H 69 31.86 -22.12 27.26
C ASN H 69 31.02 -21.43 28.33
N ILE H 70 30.24 -20.42 27.92
CA ILE H 70 29.35 -19.75 28.87
C ILE H 70 28.28 -20.71 29.38
N MET H 71 27.74 -21.55 28.50
N MET H 71 27.74 -21.55 28.50
CA MET H 71 26.73 -22.52 28.91
CA MET H 71 26.73 -22.52 28.91
C MET H 71 27.28 -23.49 29.94
C MET H 71 27.28 -23.49 29.94
N TRP H 72 28.50 -23.99 29.71
CA TRP H 72 29.13 -24.87 30.69
C TRP H 72 29.40 -24.15 32.00
N ARG H 73 29.78 -22.87 31.94
CA ARG H 73 30.02 -22.11 33.15
C ARG H 73 28.74 -21.95 33.97
N SER H 74 27.60 -21.75 33.31
CA SER H 74 26.38 -21.44 34.03
C SER H 74 25.69 -22.67 34.63
N VAL H 75 26.16 -23.89 34.35
CA VAL H 75 25.51 -25.08 34.85
C VAL H 75 26.51 -25.99 35.55
N GLU H 76 27.60 -25.41 36.05
CA GLU H 76 28.65 -26.21 36.68
C GLU H 76 28.18 -26.80 38.01
N GLY H 77 27.79 -25.93 38.95
CA GLY H 77 27.46 -26.39 40.28
C GLY H 77 26.24 -27.30 40.32
N GLU H 78 25.22 -26.97 39.52
CA GLU H 78 24.02 -27.80 39.48
C GLU H 78 24.35 -29.20 38.97
N LEU H 79 25.16 -29.28 37.92
CA LEU H 79 25.58 -30.59 37.41
C LEU H 79 26.40 -31.35 38.44
N ASN H 80 27.25 -30.63 39.19
CA ASN H 80 28.01 -31.28 40.26
C ASN H 80 27.09 -31.85 41.33
N ALA H 81 26.05 -31.10 41.72
CA ALA H 81 25.12 -31.59 42.71
C ALA H 81 24.35 -32.81 42.20
N ILE H 82 23.92 -32.77 40.94
CA ILE H 82 23.22 -33.93 40.37
C ILE H 82 24.12 -35.15 40.35
N LEU H 83 25.40 -34.97 39.98
CA LEU H 83 26.35 -36.07 40.04
C LEU H 83 26.53 -36.57 41.47
N GLU H 84 26.46 -35.66 42.44
CA GLU H 84 26.54 -36.05 43.85
C GLU H 84 25.35 -36.94 44.23
N GLU H 85 24.16 -36.61 43.74
CA GLU H 85 22.96 -37.36 44.12
C GLU H 85 23.03 -38.82 43.70
N ASN H 86 23.57 -39.10 42.50
CA ASN H 86 23.71 -40.47 42.03
C ASN H 86 24.93 -41.17 42.62
N GLY H 87 25.56 -40.59 43.63
CA GLY H 87 26.71 -41.21 44.26
C GLY H 87 27.91 -41.35 43.35
N VAL H 88 28.23 -40.29 42.60
CA VAL H 88 29.34 -40.30 41.65
C VAL H 88 30.46 -39.46 42.22
N GLN H 89 31.68 -40.00 42.19
CA GLN H 89 32.87 -39.26 42.60
C GLN H 89 33.46 -38.60 41.35
N LEU H 90 32.99 -37.39 41.07
CA LEU H 90 33.43 -36.67 39.89
C LEU H 90 33.08 -35.20 40.05
N THR H 91 33.95 -34.33 39.53
CA THR H 91 33.71 -32.90 39.50
C THR H 91 34.06 -32.36 38.13
N VAL H 92 33.44 -31.24 37.77
CA VAL H 92 33.63 -30.59 36.47
C VAL H 92 34.19 -29.20 36.72
N VAL H 93 35.25 -28.86 36.00
CA VAL H 93 35.96 -27.59 36.17
C VAL H 93 35.98 -26.87 34.83
N VAL H 94 35.56 -25.61 34.83
CA VAL H 94 35.46 -24.81 33.61
C VAL H 94 36.39 -23.61 33.74
N GLY H 95 37.25 -23.42 32.74
CA GLY H 95 38.13 -22.28 32.68
C GLY H 95 37.87 -21.41 31.46
N SER H 96 38.81 -20.50 31.20
CA SER H 96 38.71 -19.57 30.09
C SER H 96 39.17 -20.24 28.80
N VAL H 97 38.93 -19.56 27.68
CA VAL H 97 39.27 -20.08 26.37
C VAL H 97 40.42 -19.27 25.78
N LYS H 98 41.15 -19.90 24.87
CA LYS H 98 42.20 -19.25 24.11
C LYS H 98 42.00 -19.51 22.63
N ASN H 99 42.45 -18.57 21.81
CA ASN H 99 42.19 -18.64 20.38
C ASN H 99 43.43 -19.11 19.63
N PRO H 100 43.26 -19.87 18.54
CA PRO H 100 41.99 -20.36 18.00
C PRO H 100 41.43 -21.55 18.78
N MET H 101 40.12 -21.78 18.64
CA MET H 101 39.46 -22.88 19.33
C MET H 101 39.64 -24.14 18.50
N TRP H 102 40.67 -24.92 18.82
CA TRP H 102 40.98 -26.12 18.06
C TRP H 102 39.91 -27.19 18.30
N ARG H 103 39.85 -28.15 17.38
CA ARG H 103 38.83 -29.19 17.42
C ARG H 103 39.42 -30.50 17.94
N GLY H 104 38.62 -31.23 18.71
CA GLY H 104 38.98 -32.54 19.18
C GLY H 104 38.26 -33.63 18.42
N PRO H 105 38.81 -34.85 18.44
CA PRO H 105 38.27 -35.93 17.61
C PRO H 105 37.13 -36.74 18.23
N GLN H 106 36.84 -36.55 19.52
CA GLN H 106 35.83 -37.35 20.22
C GLN H 106 34.50 -36.62 20.25
N ARG H 107 33.45 -37.35 20.61
CA ARG H 107 32.12 -36.80 20.81
C ARG H 107 31.51 -37.39 22.06
N LEU H 108 30.61 -36.64 22.69
CA LEU H 108 29.88 -37.16 23.83
C LEU H 108 28.89 -38.22 23.37
N PRO H 109 28.64 -39.24 24.19
CA PRO H 109 27.66 -40.27 23.84
C PRO H 109 26.27 -39.90 24.33
N VAL H 110 25.27 -40.58 23.75
CA VAL H 110 23.88 -40.41 24.14
C VAL H 110 23.50 -41.59 25.03
N PRO H 111 23.19 -41.35 26.31
CA PRO H 111 22.84 -42.48 27.20
C PRO H 111 21.50 -43.08 26.83
N VAL H 112 21.45 -44.40 26.71
CA VAL H 112 20.21 -45.09 26.43
C VAL H 112 19.24 -44.98 27.60
N ASN H 113 19.75 -44.64 28.78
CA ASN H 113 18.93 -44.52 29.97
C ASN H 113 19.40 -43.34 30.81
N GLU H 114 18.49 -42.85 31.64
CA GLU H 114 18.74 -41.76 32.57
C GLU H 114 19.37 -42.31 33.85
N LEU H 115 19.85 -41.42 34.72
CA LEU H 115 20.43 -41.81 36.00
C LEU H 115 19.41 -41.69 37.12
N PRO H 116 18.79 -42.78 37.56
CA PRO H 116 17.91 -42.69 38.73
C PRO H 116 18.70 -42.25 39.96
N HIS H 117 18.06 -41.43 40.79
CA HIS H 117 18.72 -40.89 41.97
C HIS H 117 18.65 -41.87 43.14
N VAL H 128 24.30 -26.62 47.43
CA VAL H 128 25.49 -26.91 48.20
C VAL H 128 26.48 -27.71 47.37
N ARG H 129 27.57 -27.05 46.96
CA ARG H 129 28.58 -27.70 46.13
C ARG H 129 29.33 -28.75 46.94
N ALA H 130 29.79 -29.78 46.22
CA ALA H 130 30.57 -30.84 46.83
C ALA H 130 32.03 -30.42 46.95
N ALA H 131 32.83 -31.26 47.60
CA ALA H 131 34.26 -31.02 47.72
C ALA H 131 34.99 -31.57 46.50
N LYS H 132 36.13 -30.94 46.20
CA LYS H 132 36.95 -31.33 45.05
C LYS H 132 37.40 -32.78 45.17
N THR H 133 36.94 -33.64 44.26
CA THR H 133 37.27 -35.05 44.30
C THR H 133 38.52 -35.34 43.47
N ASN H 134 38.94 -36.61 43.50
CA ASN H 134 40.15 -37.01 42.81
C ASN H 134 40.01 -36.94 41.29
N ASN H 135 38.81 -37.20 40.77
CA ASN H 135 38.58 -37.25 39.34
C ASN H 135 38.13 -35.88 38.84
N SER H 136 38.73 -35.42 37.74
CA SER H 136 38.46 -34.10 37.19
C SER H 136 38.05 -34.22 35.74
N PHE H 137 36.98 -33.50 35.36
CA PHE H 137 36.48 -33.43 34.00
C PHE H 137 36.57 -31.97 33.58
N VAL H 138 37.48 -31.65 32.66
CA VAL H 138 37.91 -30.28 32.41
C VAL H 138 37.29 -29.80 31.10
N VAL H 139 36.41 -28.81 31.22
CA VAL H 139 35.97 -28.01 30.08
C VAL H 139 37.10 -27.00 29.81
N ASP H 140 36.97 -26.24 28.72
CA ASP H 140 38.00 -25.39 28.11
C ASP H 140 38.90 -24.76 29.19
N GLY H 141 40.20 -24.79 28.96
CA GLY H 141 41.16 -24.23 29.88
C GLY H 141 42.59 -24.62 29.53
N ASP H 142 43.53 -23.96 30.19
CA ASP H 142 44.95 -24.23 29.95
C ASP H 142 45.32 -25.46 30.79
N THR H 143 44.70 -26.58 30.43
CA THR H 143 44.88 -27.85 31.13
C THR H 143 45.36 -28.95 30.20
N LEU H 144 46.05 -28.61 29.11
CA LEU H 144 46.49 -29.60 28.14
C LEU H 144 47.51 -30.58 28.69
N LYS H 145 48.12 -30.27 29.83
CA LYS H 145 49.01 -31.24 30.47
C LYS H 145 48.23 -32.40 31.06
N GLU H 146 47.06 -32.12 31.66
CA GLU H 146 46.28 -33.17 32.30
C GLU H 146 45.79 -34.20 31.29
N CYS H 147 45.20 -33.74 30.19
CA CYS H 147 44.78 -34.66 29.14
C CYS H 147 44.84 -33.92 27.81
N PRO H 148 45.49 -34.49 26.79
CA PRO H 148 45.73 -33.73 25.55
C PRO H 148 44.48 -33.50 24.71
N LEU H 149 44.66 -32.85 23.57
CA LEU H 149 43.54 -32.52 22.70
C LEU H 149 42.93 -33.75 22.05
N LYS H 150 43.72 -34.81 21.87
CA LYS H 150 43.24 -36.01 21.19
C LYS H 150 42.25 -36.82 22.02
N HIS H 151 42.07 -36.49 23.30
CA HIS H 151 41.12 -37.18 24.15
C HIS H 151 39.99 -36.26 24.61
N ARG H 152 39.68 -35.23 23.84
CA ARG H 152 38.69 -34.24 24.19
C ARG H 152 37.52 -34.28 23.22
N ALA H 153 36.31 -34.12 23.75
CA ALA H 153 35.11 -34.10 22.94
C ALA H 153 34.88 -32.70 22.38
N TRP H 154 34.52 -32.64 21.09
CA TRP H 154 34.32 -31.39 20.39
C TRP H 154 33.04 -31.44 19.58
N ASN H 155 32.25 -30.37 19.66
CA ASN H 155 31.07 -30.15 18.82
C ASN H 155 30.05 -31.28 18.99
N SER H 156 29.50 -31.35 20.20
CA SER H 156 28.61 -32.44 20.58
C SER H 156 27.18 -32.00 20.87
N PHE H 157 26.86 -30.71 20.70
CA PHE H 157 25.53 -30.20 21.03
C PHE H 157 24.82 -29.72 19.77
N LEU H 158 23.51 -29.48 19.93
CA LEU H 158 22.68 -28.93 18.86
C LEU H 158 21.56 -28.10 19.47
N VAL H 159 21.36 -26.91 18.94
CA VAL H 159 20.26 -26.06 19.38
C VAL H 159 18.97 -26.57 18.77
N GLU H 160 17.97 -26.84 19.63
CA GLU H 160 16.68 -27.31 19.15
C GLU H 160 15.79 -26.15 18.74
N ASP H 161 15.52 -25.23 19.65
CA ASP H 161 14.71 -24.04 19.37
C ASP H 161 15.47 -22.82 19.87
N HIS H 162 15.77 -21.91 18.94
CA HIS H 162 16.53 -20.71 19.26
C HIS H 162 15.59 -19.64 19.79
N GLY H 163 15.76 -19.27 21.06
CA GLY H 163 14.89 -18.30 21.69
C GLY H 163 13.51 -18.83 21.95
N THR H 169 16.10 -14.70 27.36
CA THR H 169 15.70 -15.82 26.50
C THR H 169 16.40 -17.10 26.91
N SER H 170 15.66 -18.21 26.88
CA SER H 170 16.21 -19.52 27.19
C SER H 170 16.50 -20.26 25.89
N VAL H 171 17.76 -20.63 25.67
CA VAL H 171 18.18 -21.36 24.49
C VAL H 171 18.31 -22.83 24.87
N TRP H 172 17.67 -23.70 24.12
CA TRP H 172 17.59 -25.11 24.46
C TRP H 172 18.55 -25.92 23.58
N LEU H 173 19.40 -26.70 24.23
CA LEU H 173 20.38 -27.53 23.54
C LEU H 173 20.05 -29.00 23.76
N LYS H 174 20.83 -29.86 23.10
CA LYS H 174 20.55 -31.29 23.07
C LYS H 174 21.79 -32.00 22.55
N VAL H 175 22.10 -33.15 23.14
CA VAL H 175 23.30 -33.89 22.76
C VAL H 175 23.11 -34.48 21.37
N ARG H 176 24.03 -34.17 20.46
CA ARG H 176 23.92 -34.63 19.08
C ARG H 176 24.06 -36.14 19.00
N GLU H 177 23.24 -36.74 18.14
CA GLU H 177 23.27 -38.18 17.92
C GLU H 177 24.26 -38.61 16.85
N ASP H 178 24.52 -37.75 15.88
CA ASP H 178 25.43 -38.08 14.80
C ASP H 178 26.76 -37.36 14.97
N TYR H 179 27.71 -37.70 14.09
CA TYR H 179 29.04 -37.12 14.09
C TYR H 179 29.14 -36.14 12.92
N SER H 180 29.51 -34.89 13.21
CA SER H 180 29.52 -33.86 12.20
C SER H 180 30.66 -32.89 12.45
N LEU H 181 31.00 -32.14 11.40
CA LEU H 181 32.05 -31.13 11.45
C LEU H 181 31.53 -29.72 11.19
N GLU H 182 30.23 -29.56 10.96
CA GLU H 182 29.66 -28.28 10.55
C GLU H 182 29.23 -27.45 11.75
N CYS H 183 29.21 -26.13 11.55
CA CYS H 183 28.68 -25.23 12.56
C CYS H 183 27.16 -25.36 12.65
N ASP H 184 26.63 -25.08 13.83
CA ASP H 184 25.19 -25.20 14.06
C ASP H 184 24.45 -24.19 13.21
N PRO H 185 23.55 -24.62 12.32
CA PRO H 185 22.85 -23.67 11.44
C PRO H 185 21.66 -22.99 12.09
N ALA H 186 21.31 -23.33 13.32
CA ALA H 186 20.16 -22.71 13.97
C ALA H 186 20.37 -21.23 14.25
N VAL H 187 21.61 -20.78 14.30
CA VAL H 187 21.94 -19.42 14.72
C VAL H 187 22.55 -18.59 13.60
N ILE H 188 22.52 -19.09 12.36
CA ILE H 188 23.19 -18.45 11.23
C ILE H 188 22.18 -17.60 10.47
N GLY H 189 22.61 -16.41 10.07
CA GLY H 189 21.79 -15.54 9.26
C GLY H 189 22.56 -14.92 8.11
N THR H 190 22.11 -15.17 6.88
CA THR H 190 22.78 -14.71 5.68
C THR H 190 21.77 -13.96 4.81
N ALA H 191 22.14 -12.78 4.32
CA ALA H 191 21.22 -12.01 3.51
C ALA H 191 21.98 -11.12 2.54
N VAL H 192 21.39 -10.90 1.37
CA VAL H 192 21.89 -9.97 0.37
C VAL H 192 20.71 -9.18 -0.16
N LYS H 193 20.91 -7.87 -0.31
CA LYS H 193 19.87 -6.98 -0.85
C LYS H 193 20.54 -5.94 -1.72
N GLY H 194 20.38 -6.07 -3.04
CA GLY H 194 20.95 -5.12 -3.96
C GLY H 194 22.46 -5.23 -4.10
N LYS H 195 23.18 -4.27 -3.53
CA LYS H 195 24.64 -4.21 -3.63
C LYS H 195 25.35 -4.49 -2.32
N GLU H 196 24.64 -4.99 -1.30
CA GLU H 196 25.24 -5.30 -0.01
C GLU H 196 24.84 -6.68 0.44
N ALA H 197 25.78 -7.39 1.05
CA ALA H 197 25.56 -8.75 1.53
C ALA H 197 26.21 -8.92 2.89
N VAL H 198 25.78 -9.95 3.62
CA VAL H 198 26.36 -10.25 4.93
C VAL H 198 26.22 -11.75 5.21
N HIS H 199 27.27 -12.31 5.80
CA HIS H 199 27.26 -13.64 6.38
C HIS H 199 27.49 -13.49 7.87
N SER H 200 26.61 -14.04 8.70
CA SER H 200 26.70 -13.76 10.12
C SER H 200 26.21 -14.94 10.96
N ASP H 201 26.74 -15.01 12.18
CA ASP H 201 26.26 -15.91 13.21
C ASP H 201 26.48 -15.21 14.55
N LEU H 202 26.50 -15.98 15.64
CA LEU H 202 26.66 -15.37 16.96
C LEU H 202 28.02 -14.72 17.13
N GLY H 203 29.04 -15.19 16.42
CA GLY H 203 30.38 -14.66 16.60
C GLY H 203 30.98 -13.95 15.40
N TYR H 204 30.40 -14.13 14.22
CA TYR H 204 30.95 -13.58 12.98
C TYR H 204 29.98 -12.56 12.39
N TRP H 205 30.54 -11.52 11.77
CA TRP H 205 29.76 -10.55 11.00
C TRP H 205 30.61 -10.14 9.80
N ILE H 206 30.37 -10.78 8.66
CA ILE H 206 31.21 -10.66 7.48
C ILE H 206 30.43 -9.95 6.39
N GLU H 207 30.90 -8.77 5.98
CA GLU H 207 30.22 -7.95 4.99
C GLU H 207 30.94 -8.02 3.65
N SER H 208 30.18 -7.78 2.59
CA SER H 208 30.74 -7.72 1.25
C SER H 208 29.95 -6.72 0.43
N GLU H 209 30.57 -6.23 -0.64
CA GLU H 209 30.02 -5.14 -1.43
C GLU H 209 30.18 -5.42 -2.91
N LYS H 210 29.30 -4.81 -3.70
CA LYS H 210 29.38 -4.89 -5.15
C LYS H 210 30.13 -3.67 -5.68
N ASN H 211 31.41 -3.87 -5.97
CA ASN H 211 32.18 -2.98 -6.82
C ASN H 211 32.06 -3.51 -8.25
N ASP H 212 32.98 -3.14 -9.14
CA ASP H 212 33.05 -3.79 -10.44
C ASP H 212 32.90 -5.31 -10.33
N THR H 213 33.33 -5.87 -9.21
CA THR H 213 33.03 -7.24 -8.83
C THR H 213 32.62 -7.29 -7.36
N TRP H 214 32.01 -8.41 -6.97
CA TRP H 214 31.73 -8.66 -5.57
C TRP H 214 33.02 -8.98 -4.83
N ARG H 215 33.18 -8.40 -3.63
CA ARG H 215 34.42 -8.55 -2.88
C ARG H 215 34.16 -8.40 -1.39
N LEU H 216 35.06 -8.97 -0.60
CA LEU H 216 35.01 -8.79 0.85
C LEU H 216 35.28 -7.33 1.20
N LYS H 217 34.53 -6.82 2.16
CA LYS H 217 34.56 -5.41 2.51
C LYS H 217 35.03 -5.16 3.94
N ARG H 218 34.48 -5.90 4.91
CA ARG H 218 34.80 -5.69 6.31
C ARG H 218 34.39 -6.93 7.08
N ALA H 219 35.19 -7.30 8.08
CA ALA H 219 34.89 -8.45 8.93
C ALA H 219 35.11 -8.09 10.39
N HIS H 220 34.30 -8.70 11.25
CA HIS H 220 34.41 -8.51 12.69
C HIS H 220 34.25 -9.87 13.35
N LEU H 221 35.25 -10.28 14.13
CA LEU H 221 35.31 -11.62 14.72
C LEU H 221 35.56 -11.49 16.22
N ILE H 222 34.61 -11.95 17.04
CA ILE H 222 34.81 -12.01 18.47
C ILE H 222 35.17 -13.41 18.94
N GLU H 223 35.39 -14.33 18.01
CA GLU H 223 35.82 -15.69 18.33
C GLU H 223 36.52 -16.24 17.09
N MET H 224 37.28 -17.32 17.29
CA MET H 224 38.01 -17.98 16.22
C MET H 224 37.73 -19.49 16.32
N LYS H 225 36.66 -19.95 15.67
CA LYS H 225 36.28 -21.35 15.71
C LYS H 225 36.79 -22.08 14.48
N THR H 226 36.68 -23.41 14.53
CA THR H 226 37.24 -24.27 13.49
C THR H 226 36.20 -25.23 12.92
N CYS H 227 34.93 -24.87 13.00
CA CYS H 227 33.91 -25.66 12.33
C CYS H 227 33.82 -25.26 10.86
N GLU H 228 32.96 -25.94 10.11
CA GLU H 228 32.79 -25.67 8.68
C GLU H 228 31.49 -24.90 8.46
N TRP H 229 31.59 -23.78 7.75
CA TRP H 229 30.41 -23.00 7.43
C TRP H 229 29.55 -23.79 6.45
N PRO H 230 28.29 -24.09 6.77
CA PRO H 230 27.48 -24.93 5.88
C PRO H 230 27.16 -24.25 4.57
N LYS H 231 27.13 -25.06 3.51
CA LYS H 231 26.87 -24.54 2.17
C LYS H 231 25.43 -24.08 1.99
N SER H 232 24.49 -24.63 2.76
CA SER H 232 23.11 -24.23 2.65
C SER H 232 22.89 -22.78 3.06
N HIS H 233 23.76 -22.22 3.89
CA HIS H 233 23.66 -20.84 4.33
C HIS H 233 24.75 -19.97 3.72
N THR H 234 25.16 -20.28 2.50
CA THR H 234 26.23 -19.58 1.81
C THR H 234 25.76 -19.16 0.42
N LEU H 235 26.19 -17.98 -0.02
CA LEU H 235 25.84 -17.45 -1.33
C LEU H 235 26.97 -17.69 -2.32
N TRP H 236 26.59 -18.09 -3.54
CA TRP H 236 27.51 -18.19 -4.68
C TRP H 236 28.68 -19.13 -4.37
N THR H 237 28.35 -20.41 -4.23
CA THR H 237 29.29 -21.42 -3.78
C THR H 237 29.83 -22.29 -4.92
N ASP H 238 29.81 -21.82 -6.16
CA ASP H 238 30.22 -22.63 -7.30
C ASP H 238 31.49 -22.08 -7.92
N GLY H 239 32.36 -22.98 -8.37
CA GLY H 239 33.58 -22.60 -9.06
C GLY H 239 34.56 -21.82 -8.20
N ILE H 240 34.82 -22.26 -6.98
CA ILE H 240 35.63 -21.54 -6.02
C ILE H 240 36.90 -22.32 -5.76
N GLU H 241 38.04 -21.66 -5.91
CA GLU H 241 39.32 -22.21 -5.47
C GLU H 241 39.52 -21.86 -4.00
N GLU H 242 39.82 -22.87 -3.19
CA GLU H 242 39.97 -22.66 -1.75
C GLU H 242 41.23 -21.88 -1.39
N SER H 243 42.12 -21.63 -2.33
CA SER H 243 43.30 -20.82 -2.07
C SER H 243 43.03 -19.33 -2.18
N ASP H 244 41.81 -18.93 -2.53
CA ASP H 244 41.48 -17.54 -2.73
C ASP H 244 40.67 -16.92 -1.60
N LEU H 245 40.19 -17.72 -0.65
CA LEU H 245 39.35 -17.20 0.43
C LEU H 245 40.18 -16.42 1.44
N ILE H 246 39.78 -15.19 1.72
CA ILE H 246 40.55 -14.37 2.66
C ILE H 246 40.54 -14.98 4.05
N ILE H 247 39.36 -15.32 4.56
CA ILE H 247 39.22 -16.02 5.82
C ILE H 247 39.30 -17.51 5.53
N PRO H 248 40.25 -18.24 6.13
CA PRO H 248 40.47 -19.64 5.74
C PRO H 248 39.26 -20.50 6.02
N LYS H 249 39.10 -21.54 5.20
CA LYS H 249 38.02 -22.50 5.41
C LYS H 249 38.15 -23.19 6.77
N SER H 250 39.38 -23.36 7.25
CA SER H 250 39.62 -24.00 8.54
C SER H 250 39.23 -23.13 9.73
N LEU H 251 38.91 -21.87 9.50
CA LEU H 251 38.45 -20.96 10.55
C LEU H 251 37.01 -20.54 10.32
N ALA H 252 36.18 -21.48 9.86
CA ALA H 252 34.75 -21.25 9.65
C ALA H 252 34.49 -20.11 8.67
N GLY H 253 35.34 -20.01 7.65
CA GLY H 253 35.14 -19.04 6.59
C GLY H 253 34.21 -19.60 5.52
N PRO H 254 33.23 -18.81 5.11
CA PRO H 254 32.29 -19.30 4.09
C PRO H 254 32.98 -19.52 2.75
N LEU H 255 32.62 -20.62 2.08
CA LEU H 255 33.15 -20.94 0.77
C LEU H 255 32.33 -20.20 -0.27
N SER H 256 32.64 -18.92 -0.43
CA SER H 256 31.86 -18.02 -1.25
C SER H 256 32.78 -17.13 -2.07
N HIS H 257 32.23 -16.59 -3.17
CA HIS H 257 32.92 -15.53 -3.88
C HIS H 257 32.92 -14.22 -3.11
N HIS H 258 32.01 -14.08 -2.14
CA HIS H 258 31.98 -12.90 -1.29
C HIS H 258 33.12 -12.87 -0.28
N ASN H 259 33.88 -13.96 -0.16
CA ASN H 259 35.00 -14.07 0.75
C ASN H 259 36.34 -13.93 0.03
N THR H 260 36.39 -13.12 -1.02
CA THR H 260 37.59 -12.96 -1.84
C THR H 260 37.86 -11.48 -2.08
N ARG H 261 39.10 -11.21 -2.53
CA ARG H 261 39.54 -9.86 -2.84
C ARG H 261 40.75 -9.96 -3.75
N GLU H 262 40.73 -9.21 -4.86
CA GLU H 262 41.75 -9.37 -5.90
C GLU H 262 43.13 -9.06 -5.37
N GLY H 263 44.09 -9.93 -5.68
CA GLY H 263 45.46 -9.76 -5.27
C GLY H 263 45.84 -10.38 -3.94
N TYR H 264 44.88 -10.95 -3.22
CA TYR H 264 45.11 -11.52 -1.90
C TYR H 264 44.73 -12.99 -1.90
N ARG H 265 45.55 -13.80 -1.25
CA ARG H 265 45.32 -15.23 -1.09
C ARG H 265 44.80 -15.48 0.32
N THR H 266 44.71 -16.76 0.70
CA THR H 266 44.21 -17.10 2.02
C THR H 266 45.21 -16.70 3.10
N GLN H 267 44.70 -16.20 4.22
CA GLN H 267 45.53 -15.69 5.31
C GLN H 267 45.65 -16.78 6.37
N MET H 268 46.51 -17.76 6.09
CA MET H 268 46.71 -18.87 7.02
C MET H 268 47.50 -18.44 8.25
N LYS H 269 48.40 -17.47 8.10
CA LYS H 269 49.33 -17.10 9.15
C LYS H 269 49.05 -15.70 9.70
N GLY H 270 47.78 -15.36 9.89
CA GLY H 270 47.42 -14.11 10.50
C GLY H 270 47.47 -14.19 12.01
N PRO H 271 47.15 -13.05 12.65
CA PRO H 271 47.16 -12.96 14.11
C PRO H 271 45.96 -13.60 14.78
N TRP H 272 45.69 -14.86 14.44
CA TRP H 272 44.50 -15.56 14.95
C TRP H 272 44.58 -15.82 16.44
N HIS H 273 45.74 -15.63 17.07
CA HIS H 273 45.87 -15.77 18.52
C HIS H 273 45.12 -14.67 19.27
N SER H 274 44.73 -13.60 18.60
CA SER H 274 44.08 -12.48 19.24
C SER H 274 42.72 -12.90 19.80
N GLU H 275 42.17 -12.05 20.66
CA GLU H 275 40.87 -12.32 21.27
C GLU H 275 39.71 -11.74 20.46
N GLU H 276 39.93 -10.65 19.73
CA GLU H 276 38.88 -10.02 18.94
C GLU H 276 39.54 -9.27 17.79
N LEU H 277 39.18 -9.63 16.57
CA LEU H 277 39.81 -9.08 15.38
C LEU H 277 38.81 -8.26 14.57
N GLU H 278 39.35 -7.39 13.72
CA GLU H 278 38.54 -6.64 12.76
C GLU H 278 39.35 -6.52 11.47
N ILE H 279 38.81 -7.02 10.38
CA ILE H 279 39.50 -6.95 9.10
C ILE H 279 38.93 -5.78 8.30
N ARG H 280 39.80 -4.84 7.91
CA ARG H 280 39.40 -3.72 7.09
C ARG H 280 40.53 -3.38 6.13
N PHE H 281 40.17 -2.90 4.95
CA PHE H 281 41.15 -2.56 3.92
C PHE H 281 41.44 -1.07 4.04
N GLU H 282 42.52 -0.75 4.75
CA GLU H 282 42.87 0.61 5.12
C GLU H 282 44.30 0.64 5.64
N GLU H 283 45.05 1.68 5.28
CA GLU H 283 46.37 1.87 5.87
C GLU H 283 46.25 2.28 7.33
N CYS H 284 47.12 1.72 8.17
CA CYS H 284 47.17 2.12 9.57
C CYS H 284 47.84 3.48 9.71
N PRO H 285 47.56 4.20 10.80
CA PRO H 285 48.06 5.57 10.94
C PRO H 285 49.59 5.61 10.98
N GLY H 286 50.16 6.43 10.12
CA GLY H 286 51.59 6.61 10.08
C GLY H 286 52.37 5.63 9.23
N THR H 287 51.69 4.86 8.37
CA THR H 287 52.34 3.89 7.51
C THR H 287 51.92 4.12 6.07
N LYS H 288 52.73 3.58 5.15
CA LYS H 288 52.49 3.70 3.72
C LYS H 288 52.92 2.41 3.04
N VAL H 289 52.10 1.93 2.11
CA VAL H 289 52.36 0.69 1.38
C VAL H 289 52.48 1.01 -0.10
N HIS H 290 53.54 0.52 -0.73
CA HIS H 290 53.81 0.76 -2.13
C HIS H 290 53.89 -0.56 -2.88
N VAL H 291 53.45 -0.54 -4.14
CA VAL H 291 53.48 -1.72 -5.00
C VAL H 291 54.82 -1.74 -5.71
N GLU H 292 55.66 -2.72 -5.39
CA GLU H 292 57.00 -2.82 -5.93
C GLU H 292 57.28 -4.25 -6.36
N GLU H 293 58.43 -4.45 -6.99
CA GLU H 293 58.91 -5.79 -7.31
C GLU H 293 60.17 -6.16 -6.55
N THR H 294 60.92 -5.18 -6.04
CA THR H 294 62.10 -5.47 -5.23
C THR H 294 61.75 -5.95 -3.83
N CYS H 295 60.47 -5.91 -3.45
CA CYS H 295 60.07 -6.32 -2.12
C CYS H 295 60.11 -7.84 -1.98
N GLY H 296 59.85 -8.31 -0.76
CA GLY H 296 59.99 -9.72 -0.42
C GLY H 296 58.77 -10.53 -0.77
N THR H 297 58.79 -11.79 -0.33
CA THR H 297 57.74 -12.76 -0.58
C THR H 297 56.83 -12.88 0.65
N ARG H 298 55.83 -13.76 0.54
CA ARG H 298 54.82 -13.92 1.58
C ARG H 298 55.43 -14.54 2.84
N GLY H 299 54.70 -14.41 3.94
CA GLY H 299 55.15 -14.92 5.22
C GLY H 299 54.16 -14.64 6.34
N PRO H 300 54.60 -14.86 7.58
CA PRO H 300 53.72 -14.60 8.72
C PRO H 300 53.38 -13.13 8.86
N SER H 301 52.23 -12.85 9.46
CA SER H 301 51.80 -11.49 9.69
C SER H 301 52.74 -10.79 10.67
N LEU H 302 52.94 -9.49 10.45
CA LEU H 302 53.80 -8.67 11.27
C LEU H 302 53.02 -7.49 11.82
N ARG H 303 53.34 -7.12 13.07
CA ARG H 303 52.69 -5.98 13.69
C ARG H 303 53.23 -4.67 13.11
N SER H 304 52.42 -3.62 13.22
CA SER H 304 52.79 -2.33 12.67
C SER H 304 53.71 -1.52 13.57
N THR H 305 53.86 -1.92 14.83
CA THR H 305 54.77 -1.26 15.75
C THR H 305 55.69 -2.30 16.38
N THR H 306 56.93 -1.90 16.62
CA THR H 306 57.89 -2.78 17.27
C THR H 306 57.48 -3.06 18.71
N ALA H 307 58.25 -3.91 19.38
CA ALA H 307 57.97 -4.20 20.79
C ALA H 307 58.08 -2.94 21.65
N SER H 308 58.99 -2.03 21.29
CA SER H 308 59.14 -0.79 22.03
C SER H 308 58.02 0.20 21.73
N GLY H 309 57.29 0.01 20.63
CA GLY H 309 56.25 0.93 20.22
C GLY H 309 56.59 1.84 19.06
N ARG H 310 57.73 1.63 18.40
CA ARG H 310 58.11 2.45 17.27
C ARG H 310 57.33 2.04 16.03
N VAL H 311 56.76 3.04 15.34
CA VAL H 311 55.97 2.78 14.15
C VAL H 311 56.88 2.66 12.95
N ILE H 312 56.77 1.56 12.22
CA ILE H 312 57.50 1.39 10.95
C ILE H 312 56.76 2.16 9.87
N GLU H 313 57.50 2.91 9.07
CA GLU H 313 56.90 3.92 8.21
C GLU H 313 56.54 3.41 6.82
N GLU H 314 57.46 2.74 6.14
CA GLU H 314 57.27 2.37 4.74
C GLU H 314 57.19 0.87 4.58
N TRP H 315 56.16 0.40 3.89
CA TRP H 315 55.95 -1.01 3.61
C TRP H 315 55.81 -1.21 2.11
N CYS H 316 56.11 -2.42 1.65
CA CYS H 316 56.02 -2.76 0.25
C CYS H 316 55.36 -4.13 0.10
N CYS H 317 54.84 -4.37 -1.09
CA CYS H 317 54.32 -5.69 -1.45
C CYS H 317 54.37 -5.81 -2.97
N ARG H 318 54.26 -7.05 -3.45
CA ARG H 318 54.59 -7.33 -4.84
C ARG H 318 53.52 -6.83 -5.80
N GLU H 319 52.31 -7.40 -5.71
CA GLU H 319 51.25 -7.14 -6.69
C GLU H 319 49.90 -6.98 -6.00
N CYS H 320 49.86 -6.20 -4.93
CA CYS H 320 48.64 -6.06 -4.14
C CYS H 320 47.62 -5.24 -4.92
N THR H 321 46.49 -5.00 -4.27
CA THR H 321 45.53 -3.99 -4.69
C THR H 321 45.27 -3.06 -3.52
N MET H 322 45.18 -1.76 -3.80
CA MET H 322 45.00 -0.83 -2.71
C MET H 322 43.53 -0.55 -2.46
N PRO H 323 43.12 -0.25 -1.22
CA PRO H 323 43.91 -0.19 0.02
C PRO H 323 44.31 -1.56 0.56
N PRO H 324 45.37 -1.62 1.37
CA PRO H 324 45.90 -2.91 1.81
C PRO H 324 45.07 -3.55 2.92
N LEU H 325 45.26 -4.86 3.07
CA LEU H 325 44.55 -5.63 4.09
C LEU H 325 45.27 -5.52 5.43
N SER H 326 44.51 -5.17 6.47
CA SER H 326 45.09 -5.02 7.80
C SER H 326 44.14 -5.59 8.84
N PHE H 327 44.72 -6.22 9.86
CA PHE H 327 44.01 -6.66 11.04
C PHE H 327 44.20 -5.64 12.15
N ARG H 328 43.19 -5.52 13.02
CA ARG H 328 43.25 -4.54 14.11
C ARG H 328 42.74 -5.18 15.40
N ALA H 329 43.66 -5.73 16.19
CA ALA H 329 43.36 -6.26 17.51
C ALA H 329 43.55 -5.16 18.55
N LYS H 330 43.45 -5.51 19.83
CA LYS H 330 43.62 -4.51 20.88
C LYS H 330 45.06 -4.12 21.12
N ASP H 331 46.02 -4.87 20.57
CA ASP H 331 47.43 -4.55 20.71
C ASP H 331 48.00 -3.81 19.50
N GLY H 332 47.16 -3.41 18.56
CA GLY H 332 47.58 -2.59 17.44
C GLY H 332 47.32 -3.28 16.11
N CYS H 333 47.81 -2.65 15.05
CA CYS H 333 47.65 -3.16 13.70
C CYS H 333 48.55 -4.35 13.41
N TRP H 334 48.08 -5.20 12.52
CA TRP H 334 48.89 -6.19 11.83
C TRP H 334 48.60 -6.06 10.34
N TYR H 335 49.56 -6.46 9.52
CA TYR H 335 49.39 -6.39 8.09
C TYR H 335 49.19 -7.78 7.51
N GLY H 336 48.70 -7.82 6.27
CA GLY H 336 48.49 -9.09 5.60
C GLY H 336 49.79 -9.81 5.35
N MET H 337 49.65 -11.10 4.99
CA MET H 337 50.82 -11.92 4.71
C MET H 337 51.65 -11.40 3.54
N GLU H 338 51.06 -10.61 2.65
CA GLU H 338 51.74 -10.14 1.45
C GLU H 338 52.50 -8.84 1.64
N ILE H 339 52.18 -8.06 2.67
CA ILE H 339 52.79 -6.75 2.88
C ILE H 339 53.96 -6.90 3.85
N ARG H 340 55.16 -6.56 3.38
CA ARG H 340 56.39 -6.73 4.12
C ARG H 340 57.08 -5.38 4.34
N PRO H 341 57.90 -5.24 5.38
CA PRO H 341 58.62 -3.98 5.59
C PRO H 341 59.64 -3.75 4.50
N ARG H 342 59.88 -2.47 4.20
CA ARG H 342 60.77 -2.11 3.10
C ARG H 342 62.23 -2.25 3.49
N LYS H 343 62.67 -1.47 4.49
CA LYS H 343 64.06 -1.46 4.90
C LYS H 343 64.33 -2.14 6.23
N GLU H 344 63.34 -2.21 7.11
CA GLU H 344 63.54 -2.85 8.40
C GLU H 344 63.63 -4.36 8.24
N PRO H 345 64.70 -5.00 8.72
CA PRO H 345 64.73 -6.47 8.72
C PRO H 345 63.60 -7.03 9.58
N GLU H 346 63.08 -8.18 9.13
CA GLU H 346 61.87 -8.73 9.73
C GLU H 346 62.07 -9.31 11.12
N SER H 347 63.32 -9.43 11.59
CA SER H 347 63.55 -9.94 12.92
C SER H 347 63.20 -8.92 13.99
N ASN H 348 63.31 -7.63 13.68
CA ASN H 348 62.96 -6.57 14.61
C ASN H 348 61.45 -6.38 14.78
N LEU H 349 60.64 -7.27 14.21
CA LEU H 349 59.19 -7.11 14.21
C LEU H 349 58.54 -8.24 15.00
N VAL H 350 57.41 -7.93 15.62
CA VAL H 350 56.58 -8.96 16.23
C VAL H 350 55.87 -9.74 15.14
N ARG H 351 55.90 -11.06 15.25
CA ARG H 351 55.41 -11.94 14.19
C ARG H 351 54.36 -12.90 14.75
N SER H 352 53.46 -13.33 13.88
CA SER H 352 52.44 -14.29 14.26
C SER H 352 52.99 -15.70 14.26
N MET H 353 52.60 -16.48 15.27
CA MET H 353 53.09 -17.84 15.44
C MET H 353 51.98 -18.89 15.37
N VAL H 354 50.91 -18.60 14.63
CA VAL H 354 49.77 -19.50 14.52
C VAL H 354 49.49 -19.74 13.04
N THR H 355 49.31 -21.01 12.67
CA THR H 355 48.87 -21.38 11.34
C THR H 355 47.61 -22.22 11.44
N ALA H 356 46.73 -22.08 10.45
CA ALA H 356 45.48 -22.81 10.42
C ALA H 356 45.58 -24.07 9.57
#